data_4PV7
#
_entry.id   4PV7
#
_cell.length_a   79.815
_cell.length_b   79.815
_cell.length_c   286.756
_cell.angle_alpha   90.00
_cell.angle_beta   90.00
_cell.angle_gamma   120.00
#
_symmetry.space_group_name_H-M   'P 32'
#
loop_
_entity.id
_entity.type
_entity.pdbx_description
1 polymer 'Dipeptidyl peptidase 4 soluble form'
2 non-polymer 1-[2-(2,4-dichlorophenyl)-1-(methylsulfonyl)-1H-indol-3-yl]methanamine
#
_entity_poly.entity_id   1
_entity_poly.type   'polypeptide(L)'
_entity_poly.pdbx_seq_one_letter_code
;HHHHHHDYDIPTTENLYFQGAMGSSRKTYTLTDYLKNTYRLKLYSLRWISDHEYLYKQENNILVFNAEYGNSSVFLENST
FDEFGHSINDYSISPDGQFILLEYNYVKQWRHSYTASYDIYDLNKRQLITEERIPNNTQWVTWSPVGHKLAYVWNNDIYV
KIEPNLPSYRITWTGKEDIIYNGITDWVYEEEVFSAYSALWWSPNGTFLAYAQFNDTEVPLIEYSFYSDESLQYPKTVRV
PYPKAGAVNPTVKFFVVNTDSLSSVTNATSIQITAPASMLIGDHYLCDVTWATQERISLQWLRRIQNYSVMDICDYDESS
GRWNCLVARQHIEMSTTGWVGRFRPSEPHFTLDGNSFYKIISNEEGYRHICYFQIDKKDCTFITKGTWEVIGIEALTSDY
LYYISNEYKGMPGGRNLYKIQLSDYTKVTCLSCELNPERCQYYSVSFSKEAKYYQLRCSGPGLPLYTLHSSVNDKGLRVL
EDNSALDKMLQNVQMPSKKLDFIILNETKFWYQMILPPHFDKSKKYPLLLDVYAGPCSQKADTVFRLNWATYLASTENII
VASFDGRGSGYQGDKIMHAINRRLGTFEVEDQIEAARQFSKMGFVDNKRIAIWGWSYGGYVTSMVLGSGSGVFKCGIAVA
PVSRWEYYDSVYTERYMGLPTPEDNLDHYRNSTVMSRAENFKQVEYLLIHGTADDNVHFQQSAQISKALVDVGVDFQAMW
YTDEDHGIASSTAHQHIYTHMSHFIKQCFSLP
;
_entity_poly.pdbx_strand_id   A,B
#
loop_
_chem_comp.id
_chem_comp.type
_chem_comp.name
_chem_comp.formula
CJP non-polymer 1-[2-(2,4-dichlorophenyl)-1-(methylsulfonyl)-1H-indol-3-yl]methanamine 'C16 H14 Cl2 N2 O2 S'
#
# COMPACT_ATOMS: atom_id res chain seq x y z
N ARG A 26 -40.93 19.11 -5.47
CA ARG A 26 -40.04 19.99 -4.65
C ARG A 26 -38.75 19.28 -4.18
N LYS A 27 -38.63 17.98 -4.45
CA LYS A 27 -37.43 17.22 -4.08
C LYS A 27 -36.50 17.01 -5.26
N THR A 28 -35.22 16.83 -4.96
CA THR A 28 -34.17 16.64 -5.97
C THR A 28 -33.56 15.23 -5.90
N TYR A 29 -32.76 14.89 -6.91
CA TYR A 29 -32.00 13.63 -6.94
C TYR A 29 -30.81 13.78 -5.99
N THR A 30 -30.93 13.19 -4.81
CA THR A 30 -29.93 13.37 -3.76
C THR A 30 -28.75 12.44 -3.97
N LEU A 31 -27.77 12.52 -3.08
CA LEU A 31 -26.67 11.58 -3.11
C LEU A 31 -27.17 10.19 -2.75
N THR A 32 -28.01 10.09 -1.73
CA THR A 32 -28.54 8.80 -1.28
C THR A 32 -29.46 8.12 -2.31
N ASP A 33 -29.98 8.88 -3.27
CA ASP A 33 -30.79 8.31 -4.34
C ASP A 33 -29.93 7.55 -5.34
N TYR A 34 -28.72 8.04 -5.53
CA TYR A 34 -27.74 7.42 -6.39
C TYR A 34 -27.08 6.25 -5.68
N LEU A 35 -26.70 6.45 -4.42
CA LEU A 35 -26.01 5.42 -3.66
C LEU A 35 -26.91 4.29 -3.16
N LYS A 36 -28.22 4.44 -3.33
CA LYS A 36 -29.18 3.45 -2.85
C LYS A 36 -30.11 2.92 -3.92
N ASN A 37 -29.91 3.40 -5.16
CA ASN A 37 -30.75 3.02 -6.30
C ASN A 37 -32.23 3.30 -6.05
N THR A 38 -32.55 4.48 -5.55
CA THR A 38 -33.93 4.81 -5.24
C THR A 38 -34.78 4.82 -6.52
N TYR A 39 -34.16 5.23 -7.63
CA TYR A 39 -34.83 5.22 -8.93
C TYR A 39 -34.12 4.27 -9.89
N ARG A 40 -34.68 3.07 -10.05
CA ARG A 40 -33.99 2.01 -10.78
C ARG A 40 -34.47 1.87 -12.22
N LEU A 41 -33.54 1.87 -13.17
CA LEU A 41 -33.82 1.64 -14.59
C LEU A 41 -34.09 0.16 -14.85
N LYS A 42 -35.24 -0.13 -15.46
CA LYS A 42 -35.59 -1.51 -15.80
C LYS A 42 -35.02 -1.90 -17.16
N LEU A 43 -34.35 -3.05 -17.21
CA LEU A 43 -33.82 -3.61 -18.43
C LEU A 43 -34.89 -4.56 -18.98
N TYR A 44 -34.60 -5.18 -20.11
CA TYR A 44 -35.32 -6.38 -20.54
C TYR A 44 -34.33 -7.38 -21.11
N SER A 45 -33.73 -8.16 -20.23
CA SER A 45 -32.65 -9.04 -20.58
C SER A 45 -33.12 -10.45 -21.01
N LEU A 46 -33.01 -10.73 -22.31
CA LEU A 46 -33.47 -11.99 -22.88
C LEU A 46 -32.36 -12.72 -23.62
N ARG A 47 -32.57 -14.01 -23.90
CA ARG A 47 -31.63 -14.83 -24.67
C ARG A 47 -32.34 -15.82 -25.59
N TRP A 48 -32.12 -15.65 -26.90
CA TRP A 48 -32.74 -16.48 -27.94
C TRP A 48 -32.30 -17.94 -27.89
N ILE A 49 -33.28 -18.84 -27.82
CA ILE A 49 -33.04 -20.29 -27.77
C ILE A 49 -33.08 -20.91 -29.17
N SER A 50 -34.13 -20.62 -29.92
CA SER A 50 -34.17 -20.98 -31.34
C SER A 50 -34.29 -19.70 -32.15
N ASP A 51 -35.00 -19.75 -33.27
CA ASP A 51 -35.15 -18.59 -34.13
C ASP A 51 -36.42 -17.80 -33.84
N HIS A 52 -37.17 -18.24 -32.83
CA HIS A 52 -38.47 -17.68 -32.51
C HIS A 52 -38.88 -17.92 -31.05
N GLU A 53 -37.91 -18.38 -30.25
CA GLU A 53 -38.15 -18.63 -28.83
C GLU A 53 -36.98 -18.11 -28.02
N TYR A 54 -37.27 -17.32 -26.98
CA TYR A 54 -36.25 -16.80 -26.07
C TYR A 54 -36.65 -16.99 -24.62
N LEU A 55 -35.79 -16.57 -23.70
CA LEU A 55 -36.04 -16.73 -22.27
C LEU A 55 -36.08 -15.40 -21.52
N TYR A 56 -36.91 -15.32 -20.47
CA TYR A 56 -36.87 -14.17 -19.57
C TYR A 56 -37.05 -14.50 -18.08
N LYS A 57 -36.41 -13.70 -17.24
CA LYS A 57 -36.43 -13.86 -15.79
C LYS A 57 -37.50 -12.98 -15.12
N GLN A 58 -38.66 -13.57 -14.82
CA GLN A 58 -39.74 -12.90 -14.08
C GLN A 58 -39.47 -12.86 -12.57
N GLU A 59 -38.47 -12.06 -12.19
CA GLU A 59 -37.95 -11.96 -10.81
C GLU A 59 -37.46 -13.31 -10.26
N ASN A 60 -38.35 -14.28 -10.20
CA ASN A 60 -38.04 -15.62 -9.70
C ASN A 60 -38.20 -16.73 -10.74
N ASN A 61 -38.87 -16.44 -11.84
CA ASN A 61 -39.21 -17.47 -12.82
C ASN A 61 -38.63 -17.27 -14.22
N ILE A 62 -38.25 -18.38 -14.86
CA ILE A 62 -37.78 -18.36 -16.24
C ILE A 62 -38.85 -18.94 -17.16
N LEU A 63 -39.23 -18.16 -18.17
CA LEU A 63 -40.31 -18.50 -19.10
C LEU A 63 -39.75 -18.66 -20.50
N VAL A 64 -40.46 -19.40 -21.35
CA VAL A 64 -40.17 -19.42 -22.78
C VAL A 64 -41.19 -18.56 -23.53
N PHE A 65 -40.79 -17.32 -23.84
CA PHE A 65 -41.62 -16.42 -24.62
C PHE A 65 -41.54 -16.80 -26.10
N ASN A 66 -42.68 -16.70 -26.78
CA ASN A 66 -42.74 -16.97 -28.23
C ASN A 66 -42.59 -15.65 -28.99
N ALA A 67 -41.87 -15.70 -30.10
CA ALA A 67 -41.59 -14.49 -30.89
C ALA A 67 -42.75 -14.10 -31.80
N GLU A 68 -43.72 -14.99 -31.92
CA GLU A 68 -44.89 -14.73 -32.74
C GLU A 68 -46.07 -14.10 -32.01
N TYR A 69 -46.32 -14.51 -30.77
CA TYR A 69 -47.55 -14.14 -30.07
C TYR A 69 -47.37 -13.40 -28.75
N GLY A 70 -46.24 -13.63 -28.08
CA GLY A 70 -46.00 -13.05 -26.76
C GLY A 70 -46.66 -13.86 -25.65
N ASN A 71 -46.94 -15.13 -25.97
CA ASN A 71 -47.40 -16.11 -25.00
C ASN A 71 -46.21 -16.84 -24.39
N SER A 72 -46.22 -17.00 -23.07
CA SER A 72 -45.10 -17.65 -22.39
C SER A 72 -45.58 -18.75 -21.45
N SER A 73 -44.87 -19.88 -21.50
CA SER A 73 -45.09 -20.99 -20.59
C SER A 73 -43.88 -21.14 -19.69
N VAL A 74 -44.13 -21.48 -18.43
CA VAL A 74 -43.04 -21.60 -17.45
C VAL A 74 -42.06 -22.69 -17.87
N PHE A 75 -40.85 -22.27 -18.23
CA PHE A 75 -39.77 -23.17 -18.63
C PHE A 75 -39.07 -23.74 -17.39
N LEU A 76 -38.78 -22.86 -16.43
CA LEU A 76 -38.09 -23.26 -15.21
C LEU A 76 -38.65 -22.51 -14.01
N GLU A 77 -39.28 -23.28 -13.11
CA GLU A 77 -39.84 -22.73 -11.86
C GLU A 77 -38.73 -22.45 -10.85
N ASN A 78 -39.02 -21.58 -9.89
CA ASN A 78 -38.07 -21.26 -8.83
C ASN A 78 -37.82 -22.45 -7.91
N SER A 79 -38.89 -23.14 -7.51
CA SER A 79 -38.84 -24.28 -6.59
C SER A 79 -38.21 -25.54 -7.18
N THR A 80 -37.73 -25.44 -8.43
CA THR A 80 -36.98 -26.51 -9.08
C THR A 80 -35.63 -26.76 -8.36
N PHE A 81 -34.98 -25.69 -7.91
CA PHE A 81 -33.70 -25.82 -7.21
C PHE A 81 -33.70 -25.30 -5.78
N ASP A 82 -34.84 -25.45 -5.11
CA ASP A 82 -34.93 -25.24 -3.68
C ASP A 82 -34.04 -26.26 -2.98
N GLU A 83 -34.12 -27.52 -3.44
CA GLU A 83 -33.39 -28.63 -2.83
C GLU A 83 -31.89 -28.65 -3.14
N PHE A 84 -31.46 -27.79 -4.05
CA PHE A 84 -30.06 -27.76 -4.50
C PHE A 84 -29.07 -27.49 -3.36
N GLY A 85 -29.46 -26.64 -2.41
CA GLY A 85 -28.60 -26.32 -1.28
C GLY A 85 -27.64 -25.16 -1.54
N HIS A 86 -27.13 -25.08 -2.76
CA HIS A 86 -26.25 -23.98 -3.16
C HIS A 86 -27.04 -22.86 -3.84
N SER A 87 -26.52 -21.64 -3.73
CA SER A 87 -27.06 -20.52 -4.49
C SER A 87 -26.57 -20.60 -5.95
N ILE A 88 -27.47 -20.42 -6.91
CA ILE A 88 -27.11 -20.59 -8.34
C ILE A 88 -26.82 -19.26 -9.02
N ASN A 89 -25.55 -19.03 -9.34
CA ASN A 89 -25.10 -17.80 -9.97
C ASN A 89 -25.68 -17.58 -11.38
N ASP A 90 -25.45 -18.54 -12.26
CA ASP A 90 -25.99 -18.48 -13.63
C ASP A 90 -26.43 -19.87 -14.13
N TYR A 91 -27.09 -19.89 -15.28
CA TYR A 91 -27.44 -21.12 -15.96
C TYR A 91 -27.05 -21.04 -17.44
N SER A 92 -27.16 -22.18 -18.12
CA SER A 92 -26.87 -22.26 -19.55
C SER A 92 -27.54 -23.47 -20.17
N ILE A 93 -28.31 -23.25 -21.22
CA ILE A 93 -29.01 -24.32 -21.93
C ILE A 93 -28.13 -24.91 -23.02
N SER A 94 -28.09 -26.24 -23.10
CA SER A 94 -27.44 -26.91 -24.23
C SER A 94 -28.28 -26.66 -25.49
N PRO A 95 -27.60 -26.36 -26.62
CA PRO A 95 -28.24 -25.93 -27.88
C PRO A 95 -29.46 -26.71 -28.34
N ASP A 96 -29.48 -28.02 -28.11
CA ASP A 96 -30.63 -28.85 -28.50
C ASP A 96 -31.80 -28.72 -27.54
N GLY A 97 -31.53 -28.19 -26.34
CA GLY A 97 -32.56 -27.95 -25.33
C GLY A 97 -32.80 -29.15 -24.44
N GLN A 98 -31.81 -30.03 -24.35
CA GLN A 98 -31.93 -31.26 -23.57
C GLN A 98 -31.27 -31.19 -22.21
N PHE A 99 -30.27 -30.34 -22.07
CA PHE A 99 -29.56 -30.21 -20.81
C PHE A 99 -29.43 -28.76 -20.40
N ILE A 100 -29.42 -28.53 -19.08
CA ILE A 100 -29.11 -27.21 -18.54
C ILE A 100 -27.90 -27.29 -17.62
N LEU A 101 -26.94 -26.40 -17.87
CA LEU A 101 -25.72 -26.28 -17.09
C LEU A 101 -25.96 -25.25 -15.98
N LEU A 102 -25.60 -25.62 -14.75
CA LEU A 102 -25.82 -24.77 -13.59
C LEU A 102 -24.50 -24.28 -13.00
N GLU A 103 -24.42 -22.97 -12.74
CA GLU A 103 -23.22 -22.33 -12.20
C GLU A 103 -23.42 -21.94 -10.74
N TYR A 104 -22.48 -22.27 -9.88
CA TYR A 104 -22.53 -21.86 -8.48
C TYR A 104 -21.13 -21.73 -7.88
N ASN A 105 -21.06 -21.37 -6.60
CA ASN A 105 -19.79 -21.01 -5.94
C ASN A 105 -18.96 -20.11 -6.84
N TYR A 106 -19.56 -19.00 -7.26
CA TYR A 106 -18.90 -18.08 -8.17
C TYR A 106 -17.83 -17.28 -7.43
N VAL A 107 -16.58 -17.44 -7.87
CA VAL A 107 -15.46 -16.65 -7.35
C VAL A 107 -14.84 -15.89 -8.50
N LYS A 108 -14.89 -14.55 -8.41
CA LYS A 108 -14.42 -13.66 -9.45
C LYS A 108 -12.92 -13.62 -9.39
N GLN A 109 -12.29 -13.53 -10.56
CA GLN A 109 -10.89 -13.20 -10.63
C GLN A 109 -10.71 -11.78 -11.16
N TRP A 110 -10.44 -11.63 -12.46
CA TRP A 110 -10.22 -10.33 -13.06
C TRP A 110 -11.46 -9.82 -13.74
N ARG A 111 -11.29 -9.02 -14.79
CA ARG A 111 -12.42 -8.35 -15.43
C ARG A 111 -13.49 -9.30 -15.95
N HIS A 112 -13.06 -10.39 -16.60
CA HIS A 112 -13.97 -11.37 -17.19
C HIS A 112 -13.81 -12.75 -16.58
N SER A 113 -12.59 -13.07 -16.15
CA SER A 113 -12.29 -14.37 -15.53
C SER A 113 -13.00 -14.58 -14.18
N TYR A 114 -13.41 -15.82 -13.94
CA TYR A 114 -13.90 -16.28 -12.65
C TYR A 114 -13.73 -17.77 -12.51
N THR A 115 -14.22 -18.31 -11.41
CA THR A 115 -14.10 -19.73 -11.12
C THR A 115 -15.37 -20.23 -10.43
N ALA A 116 -15.88 -21.36 -10.90
CA ALA A 116 -17.16 -21.87 -10.41
C ALA A 116 -17.23 -23.39 -10.36
N SER A 117 -18.08 -23.88 -9.46
CA SER A 117 -18.53 -25.26 -9.45
C SER A 117 -19.69 -25.38 -10.44
N TYR A 118 -19.77 -26.52 -11.13
CA TYR A 118 -20.81 -26.72 -12.15
C TYR A 118 -21.58 -28.03 -11.97
N ASP A 119 -22.88 -27.96 -12.26
CA ASP A 119 -23.76 -29.12 -12.27
C ASP A 119 -24.58 -29.18 -13.56
N ILE A 120 -24.76 -30.38 -14.09
CA ILE A 120 -25.60 -30.57 -15.27
C ILE A 120 -26.89 -31.26 -14.85
N TYR A 121 -28.00 -30.71 -15.30
CA TYR A 121 -29.33 -31.20 -14.95
C TYR A 121 -30.02 -31.64 -16.23
N ASP A 122 -30.50 -32.89 -16.27
CA ASP A 122 -31.22 -33.40 -17.43
C ASP A 122 -32.65 -32.85 -17.46
N LEU A 123 -32.99 -32.17 -18.55
CA LEU A 123 -34.28 -31.47 -18.68
C LEU A 123 -35.46 -32.41 -18.94
N ASN A 124 -35.21 -33.48 -19.69
CA ASN A 124 -36.26 -34.46 -20.00
C ASN A 124 -36.50 -35.49 -18.89
N LYS A 125 -35.41 -35.91 -18.25
CA LYS A 125 -35.48 -36.85 -17.12
C LYS A 125 -35.71 -36.13 -15.78
N ARG A 126 -35.46 -34.81 -15.78
CA ARG A 126 -35.65 -33.95 -14.60
C ARG A 126 -34.84 -34.37 -13.37
N GLN A 127 -33.53 -34.52 -13.57
CA GLN A 127 -32.62 -34.96 -12.50
C GLN A 127 -31.17 -34.55 -12.72
N LEU A 128 -30.43 -34.46 -11.61
CA LEU A 128 -29.01 -34.12 -11.64
C LEU A 128 -28.17 -35.31 -12.08
N ILE A 129 -27.35 -35.09 -13.10
CA ILE A 129 -26.32 -36.05 -13.50
C ILE A 129 -25.28 -36.16 -12.37
N THR A 130 -25.27 -37.29 -11.67
CA THR A 130 -24.41 -37.44 -10.49
C THR A 130 -23.15 -38.28 -10.72
N GLU A 131 -22.88 -38.61 -11.99
CA GLU A 131 -21.65 -39.31 -12.37
C GLU A 131 -20.78 -38.45 -13.29
N GLU A 132 -19.47 -38.57 -13.10
CA GLU A 132 -18.47 -37.84 -13.90
C GLU A 132 -18.60 -36.30 -13.82
N ARG A 133 -19.07 -35.82 -12.67
CA ARG A 133 -19.40 -34.41 -12.47
C ARG A 133 -18.22 -33.50 -12.77
N ILE A 134 -18.53 -32.32 -13.32
CA ILE A 134 -17.54 -31.28 -13.63
C ILE A 134 -16.85 -30.80 -12.34
N PRO A 135 -15.50 -30.71 -12.35
CA PRO A 135 -14.78 -30.47 -11.09
C PRO A 135 -15.02 -29.09 -10.51
N ASN A 136 -14.86 -28.97 -9.19
CA ASN A 136 -14.79 -27.66 -8.56
C ASN A 136 -13.63 -26.86 -9.16
N ASN A 137 -13.72 -25.54 -9.11
CA ASN A 137 -12.67 -24.67 -9.63
C ASN A 137 -12.47 -24.85 -11.13
N THR A 138 -13.56 -24.98 -11.85
CA THR A 138 -13.48 -24.99 -13.31
C THR A 138 -13.40 -23.53 -13.79
N GLN A 139 -12.45 -23.27 -14.69
CA GLN A 139 -12.14 -21.92 -15.12
C GLN A 139 -13.07 -21.43 -16.21
N TRP A 140 -13.56 -22.35 -17.05
CA TRP A 140 -14.48 -22.02 -18.13
C TRP A 140 -15.16 -23.26 -18.69
N VAL A 141 -16.42 -23.12 -19.09
CA VAL A 141 -17.20 -24.19 -19.71
C VAL A 141 -18.02 -23.63 -20.85
N THR A 142 -18.18 -24.40 -21.91
CA THR A 142 -19.05 -24.02 -23.02
C THR A 142 -19.64 -25.24 -23.74
N TRP A 143 -20.93 -25.15 -24.06
CA TRP A 143 -21.56 -26.15 -24.91
C TRP A 143 -21.04 -25.96 -26.34
N SER A 144 -21.05 -27.04 -27.12
CA SER A 144 -20.77 -26.95 -28.55
C SER A 144 -21.99 -26.33 -29.25
N PRO A 145 -21.77 -25.61 -30.38
CA PRO A 145 -22.84 -24.81 -30.99
C PRO A 145 -24.14 -25.56 -31.25
N VAL A 146 -24.03 -26.86 -31.54
CA VAL A 146 -25.19 -27.70 -31.73
C VAL A 146 -25.09 -28.95 -30.84
N GLY A 147 -26.22 -29.58 -30.56
CA GLY A 147 -26.25 -30.77 -29.72
C GLY A 147 -26.06 -30.47 -28.24
N HIS A 148 -25.13 -31.18 -27.61
CA HIS A 148 -24.87 -31.06 -26.16
C HIS A 148 -23.48 -31.55 -25.76
N LYS A 149 -22.48 -31.26 -26.59
CA LYS A 149 -21.09 -31.52 -26.23
C LYS A 149 -20.64 -30.46 -25.22
N LEU A 150 -19.51 -30.74 -24.56
CA LEU A 150 -19.07 -29.92 -23.45
C LEU A 150 -17.54 -29.82 -23.34
N ALA A 151 -17.01 -28.59 -23.39
CA ALA A 151 -15.59 -28.38 -23.22
C ALA A 151 -15.32 -27.52 -21.99
N TYR A 152 -14.47 -28.00 -21.10
CA TYR A 152 -14.15 -27.21 -19.94
C TYR A 152 -12.67 -27.11 -19.68
N VAL A 153 -12.25 -26.01 -19.06
CA VAL A 153 -10.85 -25.83 -18.67
C VAL A 153 -10.71 -25.93 -17.17
N TRP A 154 -9.80 -26.78 -16.73
CA TRP A 154 -9.58 -27.03 -15.31
C TRP A 154 -8.08 -27.24 -15.10
N ASN A 155 -7.55 -26.63 -14.04
CA ASN A 155 -6.10 -26.44 -13.87
C ASN A 155 -5.38 -26.22 -15.21
N ASN A 156 -5.83 -25.21 -15.94
CA ASN A 156 -5.18 -24.75 -17.16
C ASN A 156 -5.12 -25.77 -18.30
N ASP A 157 -5.82 -26.90 -18.17
CA ASP A 157 -5.88 -27.91 -19.24
C ASP A 157 -7.29 -28.11 -19.76
N ILE A 158 -7.42 -28.56 -21.01
CA ILE A 158 -8.74 -28.67 -21.65
C ILE A 158 -9.29 -30.09 -21.63
N TYR A 159 -10.58 -30.22 -21.35
CA TYR A 159 -11.28 -31.49 -21.28
C TYR A 159 -12.55 -31.43 -22.12
N VAL A 160 -12.90 -32.53 -22.78
CA VAL A 160 -14.13 -32.59 -23.57
C VAL A 160 -15.05 -33.72 -23.11
N LYS A 161 -16.32 -33.39 -22.89
CA LYS A 161 -17.36 -34.36 -22.58
C LYS A 161 -18.29 -34.50 -23.76
N ILE A 162 -18.39 -35.73 -24.28
CA ILE A 162 -19.25 -36.05 -25.42
C ILE A 162 -20.68 -36.27 -24.94
N GLU A 163 -20.82 -36.83 -23.74
CA GLU A 163 -22.10 -36.97 -23.05
C GLU A 163 -21.99 -36.56 -21.57
N PRO A 164 -22.93 -35.71 -21.10
CA PRO A 164 -22.98 -35.20 -19.73
C PRO A 164 -22.67 -36.21 -18.61
N ASN A 165 -22.91 -37.50 -18.85
CA ASN A 165 -22.67 -38.53 -17.85
C ASN A 165 -21.49 -39.47 -18.13
N LEU A 166 -20.69 -39.15 -19.15
CA LEU A 166 -19.52 -39.94 -19.50
C LEU A 166 -18.22 -39.23 -19.15
N PRO A 167 -17.13 -39.99 -18.93
CA PRO A 167 -15.80 -39.42 -18.67
C PRO A 167 -15.40 -38.35 -19.69
N SER A 168 -14.53 -37.44 -19.28
CA SER A 168 -14.05 -36.41 -20.21
C SER A 168 -12.67 -36.75 -20.73
N TYR A 169 -12.46 -36.57 -22.03
CA TYR A 169 -11.14 -36.76 -22.62
C TYR A 169 -10.31 -35.54 -22.36
N ARG A 170 -9.14 -35.73 -21.76
CA ARG A 170 -8.21 -34.63 -21.52
C ARG A 170 -7.39 -34.36 -22.78
N ILE A 171 -7.65 -33.21 -23.43
CA ILE A 171 -6.97 -32.83 -24.68
C ILE A 171 -5.55 -32.31 -24.47
N THR A 172 -5.33 -31.57 -23.40
CA THR A 172 -4.01 -31.02 -23.10
C THR A 172 -3.45 -31.56 -21.81
N TRP A 173 -2.11 -31.55 -21.73
CA TRP A 173 -1.37 -32.08 -20.58
C TRP A 173 -0.32 -31.09 -20.09
N THR A 174 -0.08 -30.05 -20.87
CA THR A 174 0.99 -29.09 -20.61
C THR A 174 0.61 -28.00 -19.60
N GLY A 175 -0.68 -27.80 -19.35
CA GLY A 175 -1.18 -26.71 -18.52
C GLY A 175 -0.56 -26.66 -17.14
N LYS A 176 -0.04 -25.49 -16.78
CA LYS A 176 0.63 -25.22 -15.50
C LYS A 176 0.25 -23.84 -15.00
N GLU A 177 -0.06 -23.74 -13.70
CA GLU A 177 -0.52 -22.51 -13.07
C GLU A 177 0.45 -21.34 -13.23
N ASP A 178 -0.11 -20.18 -13.58
CA ASP A 178 0.64 -18.91 -13.80
C ASP A 178 1.68 -18.95 -14.91
N ILE A 179 1.73 -20.07 -15.66
CA ILE A 179 2.72 -20.24 -16.72
C ILE A 179 2.12 -20.68 -18.06
N ILE A 180 1.42 -21.81 -18.07
CA ILE A 180 0.86 -22.34 -19.32
C ILE A 180 -0.67 -22.30 -19.29
N TYR A 181 -1.25 -21.61 -20.26
CA TYR A 181 -2.69 -21.50 -20.32
C TYR A 181 -3.15 -22.17 -21.60
N ASN A 182 -3.93 -23.23 -21.46
CA ASN A 182 -4.50 -23.94 -22.60
C ASN A 182 -5.99 -23.68 -22.65
N GLY A 183 -6.47 -23.09 -23.74
CA GLY A 183 -7.91 -22.80 -23.88
C GLY A 183 -8.52 -21.71 -22.98
N ILE A 184 -7.66 -21.01 -22.23
CA ILE A 184 -8.02 -19.78 -21.52
C ILE A 184 -6.89 -18.78 -21.65
N THR A 185 -7.23 -17.49 -21.48
CA THR A 185 -6.27 -16.39 -21.58
C THR A 185 -5.53 -16.13 -20.29
N ASP A 186 -4.40 -15.46 -20.38
CA ASP A 186 -3.69 -14.95 -19.21
C ASP A 186 -4.20 -13.53 -18.98
N TRP A 187 -3.63 -12.83 -17.99
CA TRP A 187 -4.11 -11.48 -17.66
C TRP A 187 -4.23 -10.59 -18.88
N VAL A 188 -3.11 -10.35 -19.56
CA VAL A 188 -3.02 -9.30 -20.58
C VAL A 188 -3.86 -9.57 -21.82
N TYR A 189 -4.00 -10.85 -22.17
CA TYR A 189 -4.86 -11.25 -23.29
C TYR A 189 -6.34 -11.06 -22.93
N GLU A 190 -6.68 -11.41 -21.69
CA GLU A 190 -8.03 -11.23 -21.18
C GLU A 190 -8.43 -9.75 -21.23
N GLU A 191 -7.67 -8.92 -20.55
CA GLU A 191 -7.94 -7.51 -20.44
C GLU A 191 -7.89 -6.79 -21.78
N GLU A 192 -6.82 -7.02 -22.53
CA GLU A 192 -6.48 -6.14 -23.66
C GLU A 192 -6.79 -6.70 -25.04
N VAL A 193 -6.76 -8.03 -25.18
CA VAL A 193 -6.98 -8.64 -26.50
C VAL A 193 -8.36 -9.26 -26.73
N PHE A 194 -8.73 -10.29 -25.98
CA PHE A 194 -9.99 -10.98 -26.24
C PHE A 194 -11.23 -10.43 -25.54
N SER A 195 -11.03 -9.77 -24.39
CA SER A 195 -12.14 -9.35 -23.51
C SER A 195 -12.91 -10.57 -23.02
N ALA A 196 -12.22 -11.68 -22.90
CA ALA A 196 -12.80 -12.93 -22.40
C ALA A 196 -11.75 -13.72 -21.66
N TYR A 197 -12.21 -14.53 -20.71
CA TYR A 197 -11.32 -15.49 -20.08
C TYR A 197 -11.07 -16.66 -21.04
N SER A 198 -12.12 -17.09 -21.73
CA SER A 198 -12.05 -18.26 -22.61
C SER A 198 -11.09 -18.04 -23.80
N ALA A 199 -10.48 -19.14 -24.22
CA ALA A 199 -9.72 -19.20 -25.48
C ALA A 199 -10.02 -20.54 -26.19
N LEU A 200 -11.30 -20.85 -26.31
CA LEU A 200 -11.79 -22.02 -27.07
C LEU A 200 -12.77 -21.56 -28.14
N TRP A 201 -12.78 -22.26 -29.27
CA TRP A 201 -13.71 -21.96 -30.34
C TRP A 201 -14.18 -23.23 -31.04
N TRP A 202 -15.37 -23.73 -30.65
CA TRP A 202 -15.99 -24.85 -31.36
C TRP A 202 -16.22 -24.49 -32.83
N SER A 203 -16.07 -25.46 -33.72
CA SER A 203 -16.51 -25.27 -35.11
C SER A 203 -18.04 -25.23 -35.15
N PRO A 204 -18.62 -24.65 -36.23
CA PRO A 204 -20.08 -24.43 -36.34
C PRO A 204 -20.98 -25.61 -35.95
N ASN A 205 -20.67 -26.83 -36.42
CA ASN A 205 -21.46 -28.02 -36.07
C ASN A 205 -20.88 -28.89 -34.95
N GLY A 206 -19.80 -28.42 -34.33
CA GLY A 206 -19.26 -29.05 -33.12
C GLY A 206 -18.21 -30.15 -33.31
N THR A 207 -17.75 -30.33 -34.54
CA THR A 207 -16.75 -31.36 -34.86
C THR A 207 -15.34 -31.01 -34.32
N PHE A 208 -14.90 -29.78 -34.60
CA PHE A 208 -13.57 -29.32 -34.19
C PHE A 208 -13.63 -28.35 -33.02
N LEU A 209 -12.66 -28.47 -32.13
CA LEU A 209 -12.45 -27.51 -31.06
C LEU A 209 -11.12 -26.79 -31.27
N ALA A 210 -11.21 -25.55 -31.75
CA ALA A 210 -10.04 -24.69 -31.89
C ALA A 210 -9.70 -24.09 -30.51
N TYR A 211 -8.44 -24.16 -30.11
CA TYR A 211 -8.04 -23.55 -28.86
C TYR A 211 -6.71 -22.84 -28.98
N ALA A 212 -6.42 -21.99 -28.01
CA ALA A 212 -5.17 -21.24 -28.00
C ALA A 212 -4.36 -21.60 -26.78
N GLN A 213 -3.05 -21.39 -26.88
CA GLN A 213 -2.15 -21.65 -25.78
C GLN A 213 -1.23 -20.47 -25.54
N PHE A 214 -1.08 -20.10 -24.25
CA PHE A 214 -0.30 -18.93 -23.86
C PHE A 214 0.84 -19.31 -22.94
N ASN A 215 2.06 -18.95 -23.34
CA ASN A 215 3.27 -19.18 -22.55
C ASN A 215 3.63 -17.87 -21.86
N ASP A 216 3.69 -17.90 -20.53
CA ASP A 216 4.04 -16.72 -19.71
C ASP A 216 5.37 -16.88 -19.01
N THR A 217 6.18 -17.83 -19.47
CA THR A 217 7.34 -18.31 -18.71
C THR A 217 8.23 -17.18 -18.22
N GLU A 218 8.54 -16.26 -19.12
CA GLU A 218 9.42 -15.15 -18.78
C GLU A 218 8.72 -13.81 -18.56
N VAL A 219 7.39 -13.82 -18.55
CA VAL A 219 6.62 -12.62 -18.24
C VAL A 219 6.84 -12.30 -16.78
N PRO A 220 7.24 -11.06 -16.46
CA PRO A 220 7.52 -10.67 -15.09
C PRO A 220 6.27 -10.60 -14.23
N LEU A 221 6.46 -10.58 -12.92
CA LEU A 221 5.32 -10.56 -11.99
C LEU A 221 5.06 -9.19 -11.38
N ILE A 222 3.79 -8.77 -11.37
CA ILE A 222 3.43 -7.68 -10.51
C ILE A 222 3.16 -8.29 -9.14
N GLU A 223 3.73 -7.69 -8.09
CA GLU A 223 3.47 -8.13 -6.71
C GLU A 223 2.76 -7.07 -5.84
N TYR A 224 1.86 -7.52 -4.99
CA TYR A 224 1.19 -6.60 -4.07
C TYR A 224 0.58 -7.28 -2.86
N SER A 225 0.44 -6.54 -1.77
CA SER A 225 -0.14 -7.13 -0.58
C SER A 225 -1.63 -7.34 -0.79
N PHE A 226 -2.19 -8.26 -0.03
CA PHE A 226 -3.63 -8.37 0.10
C PHE A 226 -3.89 -8.48 1.59
N TYR A 227 -4.57 -7.50 2.17
CA TYR A 227 -4.65 -7.48 3.61
C TYR A 227 -5.72 -8.41 4.12
N SER A 228 -6.76 -8.62 3.30
CA SER A 228 -7.82 -9.60 3.57
C SER A 228 -8.63 -9.30 4.85
N ASP A 229 -9.35 -10.31 5.34
CA ASP A 229 -10.10 -10.17 6.59
C ASP A 229 -9.16 -9.83 7.73
N GLU A 230 -9.70 -9.12 8.71
CA GLU A 230 -8.96 -8.68 9.87
C GLU A 230 -8.38 -9.89 10.60
N SER A 231 -8.93 -11.07 10.33
CA SER A 231 -8.52 -12.31 10.96
C SER A 231 -7.29 -12.94 10.30
N LEU A 232 -6.77 -12.31 9.25
CA LEU A 232 -5.53 -12.78 8.61
C LEU A 232 -4.40 -12.05 9.28
N GLN A 233 -3.46 -12.77 9.89
CA GLN A 233 -2.38 -12.12 10.67
C GLN A 233 -1.25 -11.52 9.83
N TYR A 234 -0.92 -12.16 8.70
CA TYR A 234 0.14 -11.71 7.82
C TYR A 234 -0.44 -11.36 6.47
N PRO A 235 -0.24 -10.13 5.98
CA PRO A 235 -0.79 -9.85 4.65
C PRO A 235 -0.28 -10.88 3.66
N LYS A 236 -1.13 -11.24 2.71
CA LYS A 236 -0.78 -12.15 1.60
C LYS A 236 -0.14 -11.34 0.47
N THR A 237 0.69 -11.99 -0.35
CA THR A 237 1.29 -11.30 -1.51
C THR A 237 0.80 -11.88 -2.82
N VAL A 238 0.11 -11.06 -3.61
CA VAL A 238 -0.38 -11.50 -4.92
C VAL A 238 0.70 -11.35 -5.98
N ARG A 239 0.80 -12.36 -6.84
CA ARG A 239 1.80 -12.40 -7.92
C ARG A 239 1.17 -12.70 -9.27
N VAL A 240 1.04 -11.71 -10.12
CA VAL A 240 0.43 -11.93 -11.43
C VAL A 240 1.44 -11.68 -12.55
N PRO A 241 1.59 -12.65 -13.48
CA PRO A 241 2.31 -12.39 -14.72
C PRO A 241 1.65 -11.22 -15.44
N TYR A 242 2.39 -10.13 -15.58
CA TYR A 242 1.84 -8.93 -16.13
C TYR A 242 2.95 -8.19 -16.87
N PRO A 243 2.85 -8.09 -18.22
CA PRO A 243 3.86 -7.36 -18.99
C PRO A 243 3.60 -5.85 -19.03
N LYS A 244 4.39 -5.10 -18.28
CA LYS A 244 4.36 -3.64 -18.40
C LYS A 244 5.03 -3.24 -19.72
N ALA A 245 4.86 -1.98 -20.11
CA ALA A 245 5.35 -1.49 -21.41
C ALA A 245 6.78 -1.92 -21.63
N GLY A 246 7.03 -2.55 -22.78
CA GLY A 246 8.37 -2.91 -23.20
C GLY A 246 8.95 -4.18 -22.60
N ALA A 247 8.26 -4.78 -21.63
CA ALA A 247 8.75 -6.00 -20.97
C ALA A 247 8.45 -7.24 -21.80
N VAL A 248 8.80 -8.42 -21.28
CA VAL A 248 8.61 -9.66 -22.05
C VAL A 248 7.13 -10.01 -22.08
N ASN A 249 6.59 -10.18 -23.28
CA ASN A 249 5.19 -10.52 -23.49
C ASN A 249 4.90 -12.01 -23.35
N PRO A 250 3.61 -12.38 -23.18
CA PRO A 250 3.27 -13.78 -23.35
C PRO A 250 3.39 -14.19 -24.82
N THR A 251 3.70 -15.47 -25.05
CA THR A 251 3.79 -16.00 -26.42
C THR A 251 2.62 -16.93 -26.65
N VAL A 252 2.25 -17.15 -27.91
CA VAL A 252 1.00 -17.87 -28.19
C VAL A 252 1.10 -18.91 -29.32
N LYS A 253 0.43 -20.04 -29.14
CA LYS A 253 0.30 -21.07 -30.19
C LYS A 253 -1.17 -21.43 -30.36
N PHE A 254 -1.53 -21.91 -31.56
CA PHE A 254 -2.93 -22.17 -31.88
C PHE A 254 -3.14 -23.59 -32.38
N PHE A 255 -4.20 -24.24 -31.89
CA PHE A 255 -4.47 -25.66 -32.15
C PHE A 255 -5.92 -25.96 -32.53
N VAL A 256 -6.11 -27.00 -33.34
CA VAL A 256 -7.45 -27.49 -33.69
C VAL A 256 -7.45 -28.99 -33.40
N VAL A 257 -8.38 -29.43 -32.55
CA VAL A 257 -8.56 -30.85 -32.23
C VAL A 257 -9.92 -31.34 -32.73
N ASN A 258 -9.95 -32.56 -33.25
CA ASN A 258 -11.15 -33.15 -33.83
C ASN A 258 -11.91 -34.04 -32.83
N THR A 259 -12.94 -33.46 -32.21
CA THR A 259 -13.69 -34.07 -31.11
C THR A 259 -14.47 -35.35 -31.47
N ASP A 260 -14.86 -35.46 -32.74
CA ASP A 260 -15.61 -36.63 -33.21
C ASP A 260 -14.77 -37.90 -33.17
N SER A 261 -13.47 -37.78 -33.40
CA SER A 261 -12.57 -38.92 -33.32
C SER A 261 -11.67 -38.89 -32.06
N LEU A 262 -12.29 -38.66 -30.90
CA LEU A 262 -11.58 -38.74 -29.62
C LEU A 262 -11.62 -40.17 -29.11
N SER A 263 -10.50 -40.65 -28.58
CA SER A 263 -10.39 -42.04 -28.15
C SER A 263 -10.23 -42.21 -26.65
N SER A 264 -10.74 -43.32 -26.12
CA SER A 264 -10.59 -43.66 -24.70
C SER A 264 -9.15 -44.07 -24.41
N VAL A 265 -8.55 -44.73 -25.40
CA VAL A 265 -7.27 -45.45 -25.25
C VAL A 265 -6.04 -44.63 -25.64
N THR A 266 -6.15 -43.80 -26.68
CA THR A 266 -5.02 -42.96 -27.12
C THR A 266 -5.30 -41.48 -26.88
N ASN A 267 -4.28 -40.76 -26.40
CA ASN A 267 -4.36 -39.30 -26.21
C ASN A 267 -4.78 -38.57 -27.50
N ALA A 268 -5.56 -37.50 -27.34
CA ALA A 268 -6.09 -36.80 -28.50
C ALA A 268 -5.05 -35.89 -29.14
N THR A 269 -4.95 -35.95 -30.46
CA THR A 269 -3.91 -35.23 -31.20
C THR A 269 -4.40 -33.86 -31.72
N SER A 270 -3.72 -32.79 -31.30
CA SER A 270 -4.15 -31.41 -31.61
C SER A 270 -3.33 -30.77 -32.72
N ILE A 271 -3.94 -30.57 -33.88
CA ILE A 271 -3.23 -30.02 -35.04
C ILE A 271 -2.94 -28.53 -34.84
N GLN A 272 -1.65 -28.17 -34.88
CA GLN A 272 -1.21 -26.78 -34.73
C GLN A 272 -1.24 -26.02 -36.04
N ILE A 273 -1.93 -24.88 -36.05
CA ILE A 273 -1.82 -23.91 -37.13
C ILE A 273 -0.79 -22.87 -36.70
N THR A 274 0.30 -22.81 -37.46
CA THR A 274 1.41 -21.90 -37.15
C THR A 274 1.15 -20.49 -37.70
N ALA A 275 1.69 -19.48 -37.02
CA ALA A 275 1.58 -18.09 -37.46
C ALA A 275 2.35 -17.90 -38.77
N PRO A 276 1.88 -16.97 -39.63
CA PRO A 276 2.55 -16.69 -40.91
C PRO A 276 3.97 -16.13 -40.77
N ALA A 277 4.75 -16.32 -41.83
CA ALA A 277 6.14 -15.88 -41.95
C ALA A 277 6.37 -14.49 -41.36
N SER A 278 5.62 -13.52 -41.90
CA SER A 278 5.71 -12.11 -41.51
C SER A 278 5.43 -11.83 -40.04
N MET A 279 4.74 -12.75 -39.38
CA MET A 279 4.42 -12.58 -37.96
C MET A 279 5.45 -13.22 -37.04
N LEU A 280 6.12 -14.25 -37.54
CA LEU A 280 7.05 -15.04 -36.74
C LEU A 280 8.37 -14.33 -36.55
N ILE A 281 8.80 -13.59 -37.58
CA ILE A 281 10.04 -12.80 -37.54
C ILE A 281 10.24 -11.95 -36.26
N GLY A 282 9.16 -11.70 -35.52
CA GLY A 282 9.23 -10.94 -34.28
C GLY A 282 8.11 -11.27 -33.29
N ASP A 283 7.97 -10.43 -32.26
CA ASP A 283 6.87 -10.55 -31.30
C ASP A 283 5.54 -10.25 -31.95
N HIS A 284 4.53 -11.06 -31.63
CA HIS A 284 3.22 -10.94 -32.25
C HIS A 284 2.07 -11.36 -31.34
N TYR A 285 0.84 -11.11 -31.80
CA TYR A 285 -0.35 -11.52 -31.07
C TYR A 285 -1.31 -12.32 -31.95
N LEU A 286 -1.98 -13.28 -31.32
CA LEU A 286 -3.19 -13.86 -31.88
C LEU A 286 -4.31 -12.96 -31.40
N CYS A 287 -4.98 -12.28 -32.34
CA CYS A 287 -5.95 -11.26 -31.95
C CYS A 287 -7.37 -11.49 -32.44
N ASP A 288 -7.60 -12.58 -33.17
CA ASP A 288 -8.95 -12.92 -33.64
C ASP A 288 -9.05 -14.33 -34.22
N VAL A 289 -10.04 -15.09 -33.73
CA VAL A 289 -10.33 -16.44 -34.23
C VAL A 289 -11.80 -16.54 -34.64
N THR A 290 -12.04 -16.85 -35.91
CA THR A 290 -13.40 -16.91 -36.43
C THR A 290 -13.56 -18.06 -37.42
N TRP A 291 -14.51 -18.95 -37.11
CA TRP A 291 -14.87 -20.05 -38.00
C TRP A 291 -15.71 -19.55 -39.17
N ALA A 292 -15.34 -19.92 -40.38
CA ALA A 292 -16.11 -19.51 -41.54
C ALA A 292 -17.16 -20.55 -41.90
N THR A 293 -16.73 -21.80 -42.12
CA THR A 293 -17.63 -22.92 -42.33
C THR A 293 -17.17 -24.08 -41.46
N GLN A 294 -17.73 -25.27 -41.69
CA GLN A 294 -17.36 -26.49 -40.93
C GLN A 294 -15.88 -26.86 -40.99
N GLU A 295 -15.22 -26.43 -42.07
CA GLU A 295 -13.85 -26.82 -42.38
C GLU A 295 -12.98 -25.60 -42.69
N ARG A 296 -13.50 -24.43 -42.36
CA ARG A 296 -12.81 -23.18 -42.65
C ARG A 296 -12.69 -22.30 -41.39
N ILE A 297 -11.49 -21.82 -41.13
CA ILE A 297 -11.24 -21.00 -39.96
C ILE A 297 -10.31 -19.83 -40.34
N SER A 298 -10.60 -18.65 -39.78
CA SER A 298 -9.82 -17.45 -40.04
C SER A 298 -9.11 -16.96 -38.77
N LEU A 299 -7.80 -16.73 -38.91
CA LEU A 299 -6.95 -16.25 -37.83
C LEU A 299 -6.42 -14.86 -38.18
N GLN A 300 -6.42 -13.96 -37.20
CA GLN A 300 -5.86 -12.63 -37.39
C GLN A 300 -4.71 -12.38 -36.44
N TRP A 301 -3.52 -12.28 -37.01
CA TRP A 301 -2.30 -12.07 -36.24
C TRP A 301 -1.94 -10.58 -36.26
N LEU A 302 -1.40 -10.10 -35.16
CA LEU A 302 -1.01 -8.72 -35.03
C LEU A 302 0.43 -8.66 -34.58
N ARG A 303 1.19 -7.73 -35.16
CA ARG A 303 2.56 -7.47 -34.72
C ARG A 303 2.55 -6.70 -33.42
N ARG A 304 3.61 -6.85 -32.63
CA ARG A 304 3.75 -6.11 -31.37
C ARG A 304 3.75 -4.60 -31.65
N ILE A 305 4.38 -4.21 -32.74
CA ILE A 305 4.22 -2.88 -33.31
C ILE A 305 2.87 -2.88 -34.03
N GLN A 306 1.84 -2.41 -33.33
CA GLN A 306 0.44 -2.67 -33.71
C GLN A 306 -0.12 -1.92 -34.92
N ASN A 307 0.66 -1.86 -35.99
CA ASN A 307 0.24 -1.22 -37.24
C ASN A 307 0.21 -2.16 -38.43
N TYR A 308 0.63 -3.41 -38.21
CA TYR A 308 0.64 -4.46 -39.26
C TYR A 308 -0.01 -5.74 -38.76
N SER A 309 -1.11 -6.13 -39.39
CA SER A 309 -1.78 -7.39 -39.04
C SER A 309 -1.98 -8.24 -40.28
N VAL A 310 -1.99 -9.57 -40.09
CA VAL A 310 -2.25 -10.50 -41.19
C VAL A 310 -3.43 -11.40 -40.82
N MET A 311 -4.30 -11.68 -41.80
CA MET A 311 -5.39 -12.63 -41.61
C MET A 311 -5.17 -13.90 -42.44
N ASP A 312 -4.92 -15.00 -41.75
CA ASP A 312 -4.80 -16.31 -42.39
C ASP A 312 -6.14 -17.02 -42.43
N ILE A 313 -6.41 -17.69 -43.56
CA ILE A 313 -7.62 -18.50 -43.71
C ILE A 313 -7.20 -19.95 -43.94
N CYS A 314 -7.61 -20.83 -43.02
CA CYS A 314 -7.12 -22.21 -43.00
C CYS A 314 -8.21 -23.23 -43.29
N ASP A 315 -7.92 -24.11 -44.24
CA ASP A 315 -8.86 -25.16 -44.68
C ASP A 315 -8.39 -26.57 -44.32
N TYR A 316 -9.37 -27.43 -43.99
CA TYR A 316 -9.09 -28.79 -43.56
C TYR A 316 -8.78 -29.70 -44.72
N ASP A 317 -7.69 -30.45 -44.59
CA ASP A 317 -7.31 -31.43 -45.60
C ASP A 317 -7.73 -32.80 -45.13
N GLU A 318 -8.71 -33.38 -45.81
CA GLU A 318 -9.28 -34.68 -45.42
C GLU A 318 -8.24 -35.79 -45.31
N SER A 319 -7.50 -36.02 -46.39
CA SER A 319 -6.42 -37.01 -46.42
C SER A 319 -5.34 -36.75 -45.37
N SER A 320 -4.89 -35.51 -45.25
CA SER A 320 -3.86 -35.13 -44.27
C SER A 320 -4.32 -35.33 -42.84
N GLY A 321 -5.56 -34.91 -42.55
CA GLY A 321 -6.01 -34.73 -41.18
C GLY A 321 -5.38 -33.46 -40.59
N ARG A 322 -4.78 -32.65 -41.46
CA ARG A 322 -4.13 -31.42 -41.05
C ARG A 322 -4.76 -30.18 -41.71
N TRP A 323 -4.44 -29.00 -41.18
CA TRP A 323 -4.99 -27.74 -41.70
C TRP A 323 -3.98 -26.98 -42.53
N ASN A 324 -4.40 -26.51 -43.70
CA ASN A 324 -3.52 -25.76 -44.59
C ASN A 324 -4.09 -24.40 -44.99
N CYS A 325 -3.38 -23.32 -44.61
CA CYS A 325 -3.77 -21.95 -44.97
C CYS A 325 -2.97 -21.45 -46.15
N LEU A 326 -3.57 -21.42 -47.33
CA LEU A 326 -2.93 -20.93 -48.55
C LEU A 326 -2.43 -19.50 -48.38
N VAL A 327 -1.17 -19.28 -48.75
CA VAL A 327 -0.58 -17.93 -48.70
C VAL A 327 -1.45 -16.96 -49.51
N ALA A 328 -1.89 -17.38 -50.69
CA ALA A 328 -2.72 -16.54 -51.57
C ALA A 328 -4.08 -16.17 -50.96
N ARG A 329 -4.35 -16.62 -49.74
CA ARG A 329 -5.58 -16.24 -49.04
C ARG A 329 -5.33 -15.36 -47.82
N GLN A 330 -4.07 -14.95 -47.63
CA GLN A 330 -3.72 -14.01 -46.57
C GLN A 330 -4.26 -12.64 -46.88
N HIS A 331 -4.65 -11.91 -45.86
CA HIS A 331 -5.05 -10.51 -46.03
C HIS A 331 -4.38 -9.62 -45.00
N ILE A 332 -3.76 -8.55 -45.48
CA ILE A 332 -3.08 -7.59 -44.61
C ILE A 332 -3.99 -6.43 -44.25
N GLU A 333 -4.22 -6.23 -42.96
CA GLU A 333 -4.82 -4.99 -42.48
C GLU A 333 -3.77 -4.16 -41.72
N MET A 334 -3.32 -3.09 -42.36
CA MET A 334 -2.24 -2.25 -41.85
C MET A 334 -2.62 -0.77 -41.88
N SER A 335 -1.94 0.04 -41.06
CA SER A 335 -2.23 1.47 -40.96
C SER A 335 -0.98 2.35 -40.95
N THR A 336 -0.91 3.28 -41.90
CA THR A 336 0.19 4.23 -42.02
C THR A 336 0.20 5.28 -40.91
N THR A 337 -0.99 5.65 -40.42
CA THR A 337 -1.14 6.80 -39.52
C THR A 337 -1.30 6.44 -38.04
N GLY A 338 -1.28 5.14 -37.74
CA GLY A 338 -1.38 4.68 -36.36
C GLY A 338 -1.69 3.20 -36.26
N TRP A 339 -2.32 2.82 -35.17
CA TRP A 339 -2.65 1.42 -34.88
C TRP A 339 -3.83 0.90 -35.69
N VAL A 340 -3.84 -0.42 -35.93
CA VAL A 340 -4.89 -1.06 -36.73
C VAL A 340 -6.11 -1.45 -35.88
N GLY A 341 -7.30 -1.15 -36.38
CA GLY A 341 -8.54 -1.35 -35.64
C GLY A 341 -8.80 -0.26 -34.62
N ARG A 342 -10.00 -0.24 -34.04
CA ARG A 342 -10.32 0.71 -32.97
C ARG A 342 -9.54 0.39 -31.70
N PHE A 343 -9.65 -0.87 -31.25
CA PHE A 343 -8.86 -1.36 -30.10
C PHE A 343 -8.18 -2.67 -30.45
N ARG A 344 -8.71 -3.34 -31.47
CA ARG A 344 -8.10 -4.52 -32.05
C ARG A 344 -8.64 -4.55 -33.49
N PRO A 345 -7.98 -5.28 -34.41
CA PRO A 345 -8.56 -5.36 -35.76
C PRO A 345 -9.98 -5.92 -35.73
N SER A 346 -10.77 -5.60 -36.74
CA SER A 346 -12.17 -6.05 -36.82
C SER A 346 -12.30 -7.56 -37.03
N GLU A 347 -13.44 -8.11 -36.65
CA GLU A 347 -13.71 -9.50 -36.93
C GLU A 347 -14.39 -9.65 -38.29
N PRO A 348 -14.20 -10.81 -38.96
CA PRO A 348 -14.89 -11.04 -40.22
C PRO A 348 -16.27 -11.67 -40.05
N HIS A 349 -17.18 -11.33 -40.97
CA HIS A 349 -18.50 -11.99 -41.10
C HIS A 349 -18.66 -12.64 -42.47
N PHE A 350 -18.54 -13.97 -42.47
CA PHE A 350 -18.53 -14.75 -43.69
C PHE A 350 -19.92 -15.06 -44.23
N THR A 351 -20.05 -15.02 -45.54
CA THR A 351 -21.23 -15.57 -46.21
C THR A 351 -21.32 -17.06 -45.84
N LEU A 352 -22.48 -17.67 -46.08
CA LEU A 352 -22.72 -19.08 -45.69
C LEU A 352 -21.72 -20.05 -46.32
N ASP A 353 -21.50 -19.92 -47.63
CA ASP A 353 -20.57 -20.80 -48.35
C ASP A 353 -19.09 -20.59 -47.99
N GLY A 354 -18.82 -19.50 -47.28
CA GLY A 354 -17.49 -19.21 -46.75
C GLY A 354 -16.46 -18.80 -47.78
N ASN A 355 -16.92 -18.34 -48.93
CA ASN A 355 -16.03 -17.86 -49.99
C ASN A 355 -15.95 -16.34 -50.05
N SER A 356 -16.57 -15.68 -49.07
CA SER A 356 -16.73 -14.23 -49.09
C SER A 356 -17.01 -13.75 -47.68
N PHE A 357 -16.40 -12.63 -47.29
CA PHE A 357 -16.67 -12.07 -45.95
C PHE A 357 -16.74 -10.55 -45.91
N TYR A 358 -17.28 -10.05 -44.81
CA TYR A 358 -17.45 -8.62 -44.58
C TYR A 358 -16.75 -8.21 -43.28
N LYS A 359 -16.00 -7.12 -43.33
CA LYS A 359 -15.47 -6.53 -42.10
C LYS A 359 -15.34 -5.00 -42.17
N ILE A 360 -15.08 -4.41 -41.00
CA ILE A 360 -14.97 -2.97 -40.85
C ILE A 360 -13.50 -2.52 -40.86
N ILE A 361 -13.10 -1.87 -41.95
CA ILE A 361 -11.76 -1.28 -42.07
C ILE A 361 -11.85 0.22 -42.35
N SER A 362 -10.72 0.93 -42.23
CA SER A 362 -10.68 2.35 -42.60
C SER A 362 -10.74 2.47 -44.11
N ASN A 363 -11.55 3.39 -44.62
CA ASN A 363 -11.50 3.70 -46.04
C ASN A 363 -10.36 4.67 -46.34
N GLU A 364 -10.11 4.91 -47.63
CA GLU A 364 -9.00 5.76 -48.04
C GLU A 364 -9.05 7.17 -47.44
N GLU A 365 -10.23 7.64 -47.04
CA GLU A 365 -10.37 8.93 -46.37
C GLU A 365 -10.37 8.80 -44.85
N GLY A 366 -10.11 7.59 -44.34
CA GLY A 366 -9.85 7.39 -42.92
C GLY A 366 -11.03 7.11 -42.01
N TYR A 367 -12.23 6.92 -42.55
CA TYR A 367 -13.42 6.56 -41.77
C TYR A 367 -13.71 5.07 -41.87
N ARG A 368 -14.24 4.53 -40.78
CA ARG A 368 -14.52 3.10 -40.73
C ARG A 368 -15.84 2.73 -41.40
N HIS A 369 -15.75 1.92 -42.45
CA HIS A 369 -16.90 1.39 -43.17
C HIS A 369 -16.77 -0.11 -43.46
N ILE A 370 -17.80 -0.68 -44.08
CA ILE A 370 -17.85 -2.13 -44.36
C ILE A 370 -17.26 -2.47 -45.73
N CYS A 371 -16.17 -3.23 -45.71
CA CYS A 371 -15.57 -3.72 -46.95
C CYS A 371 -16.01 -5.15 -47.24
N TYR A 372 -16.47 -5.37 -48.47
CA TYR A 372 -16.83 -6.69 -48.95
C TYR A 372 -15.59 -7.38 -49.52
N PHE A 373 -15.08 -8.35 -48.76
CA PHE A 373 -13.90 -9.09 -49.15
C PHE A 373 -14.28 -10.37 -49.88
N GLN A 374 -13.43 -10.74 -50.83
CA GLN A 374 -13.60 -11.97 -51.57
C GLN A 374 -12.42 -12.87 -51.25
N ILE A 375 -12.70 -14.05 -50.69
CA ILE A 375 -11.72 -15.00 -50.14
C ILE A 375 -10.35 -15.05 -50.85
N ASP A 376 -10.38 -15.02 -52.19
CA ASP A 376 -9.18 -15.32 -52.98
C ASP A 376 -8.45 -14.10 -53.56
N LYS A 377 -8.95 -12.89 -53.31
CA LYS A 377 -8.30 -11.68 -53.85
C LYS A 377 -7.92 -10.65 -52.78
N LYS A 378 -6.94 -9.80 -53.13
CA LYS A 378 -6.41 -8.77 -52.23
C LYS A 378 -7.40 -7.60 -52.06
N ASP A 379 -7.71 -6.93 -53.16
CA ASP A 379 -8.61 -5.78 -53.16
C ASP A 379 -10.01 -6.13 -52.67
N CYS A 380 -10.49 -5.39 -51.67
CA CYS A 380 -11.91 -5.46 -51.29
C CYS A 380 -12.66 -4.20 -51.72
N THR A 381 -13.95 -4.35 -51.97
CA THR A 381 -14.79 -3.23 -52.36
C THR A 381 -15.66 -2.80 -51.18
N PHE A 382 -15.74 -1.49 -50.95
CA PHE A 382 -16.54 -0.93 -49.86
C PHE A 382 -18.03 -0.90 -50.21
N ILE A 383 -18.87 -1.21 -49.23
CA ILE A 383 -20.32 -1.24 -49.42
C ILE A 383 -21.04 -0.04 -48.78
N THR A 384 -20.39 0.59 -47.79
CA THR A 384 -20.83 1.87 -47.22
C THR A 384 -19.68 2.87 -47.27
N LYS A 385 -20.02 4.16 -47.19
CA LYS A 385 -19.06 5.24 -47.37
C LYS A 385 -19.51 6.53 -46.69
N GLY A 386 -18.54 7.38 -46.33
CA GLY A 386 -18.84 8.74 -45.88
C GLY A 386 -18.16 9.27 -44.63
N THR A 387 -18.51 10.52 -44.29
CA THR A 387 -18.00 11.18 -43.09
C THR A 387 -18.84 10.81 -41.84
N TRP A 388 -18.70 9.54 -41.46
CA TRP A 388 -19.34 8.94 -40.28
C TRP A 388 -18.86 7.49 -40.26
N GLU A 389 -19.12 6.78 -39.18
CA GLU A 389 -18.53 5.45 -39.04
C GLU A 389 -19.52 4.32 -38.73
N VAL A 390 -19.36 3.21 -39.44
CA VAL A 390 -20.01 1.96 -39.08
C VAL A 390 -19.42 1.49 -37.74
N ILE A 391 -20.29 1.24 -36.77
CA ILE A 391 -19.89 0.82 -35.42
C ILE A 391 -19.67 -0.69 -35.34
N GLY A 392 -20.63 -1.47 -35.84
CA GLY A 392 -20.53 -2.93 -35.79
C GLY A 392 -21.35 -3.60 -36.88
N ILE A 393 -20.98 -4.84 -37.20
CA ILE A 393 -21.82 -5.71 -38.03
C ILE A 393 -22.60 -6.66 -37.12
N GLU A 394 -23.92 -6.70 -37.28
CA GLU A 394 -24.80 -7.31 -36.28
C GLU A 394 -25.34 -8.68 -36.67
N ALA A 395 -25.60 -8.85 -37.96
CA ALA A 395 -25.95 -10.15 -38.54
C ALA A 395 -26.04 -10.02 -40.04
N LEU A 396 -25.64 -11.05 -40.77
CA LEU A 396 -25.89 -11.08 -42.22
C LEU A 396 -26.70 -12.29 -42.60
N THR A 397 -27.63 -12.09 -43.51
CA THR A 397 -28.38 -13.18 -44.13
C THR A 397 -27.96 -13.29 -45.59
N SER A 398 -28.61 -14.18 -46.35
CA SER A 398 -28.34 -14.31 -47.77
C SER A 398 -28.86 -13.11 -48.55
N ASP A 399 -29.65 -12.28 -47.88
CA ASP A 399 -30.33 -11.14 -48.52
C ASP A 399 -29.89 -9.77 -47.99
N TYR A 400 -29.58 -9.71 -46.69
CA TYR A 400 -29.28 -8.45 -46.03
C TYR A 400 -28.09 -8.51 -45.09
N LEU A 401 -27.38 -7.39 -45.01
CA LEU A 401 -26.37 -7.15 -43.98
C LEU A 401 -26.96 -6.12 -43.01
N TYR A 402 -26.94 -6.45 -41.72
CA TYR A 402 -27.48 -5.56 -40.69
C TYR A 402 -26.34 -4.96 -39.86
N TYR A 403 -26.27 -3.64 -39.83
CA TYR A 403 -25.20 -2.96 -39.11
C TYR A 403 -25.69 -1.75 -38.30
N ILE A 404 -24.88 -1.37 -37.30
CA ILE A 404 -25.10 -0.13 -36.55
C ILE A 404 -24.08 0.95 -36.96
N SER A 405 -24.57 2.18 -37.15
CA SER A 405 -23.69 3.34 -37.39
C SER A 405 -24.20 4.61 -36.70
N ASN A 406 -23.39 5.66 -36.77
CA ASN A 406 -23.75 6.95 -36.18
C ASN A 406 -24.07 8.01 -37.23
N GLU A 407 -24.44 7.55 -38.42
CA GLU A 407 -24.72 8.44 -39.55
C GLU A 407 -25.87 9.42 -39.30
N TYR A 408 -26.92 8.97 -38.62
CA TYR A 408 -28.14 9.76 -38.42
C TYR A 408 -27.87 11.16 -37.85
N LYS A 409 -28.39 12.17 -38.55
CA LYS A 409 -28.21 13.59 -38.17
C LYS A 409 -26.75 14.01 -37.90
N GLY A 410 -25.81 13.31 -38.54
CA GLY A 410 -24.39 13.58 -38.41
C GLY A 410 -23.88 13.49 -36.99
N MET A 411 -24.56 12.71 -36.15
CA MET A 411 -24.25 12.66 -34.73
C MET A 411 -23.36 11.48 -34.34
N PRO A 412 -22.06 11.76 -34.09
CA PRO A 412 -21.14 10.71 -33.74
C PRO A 412 -21.60 9.93 -32.51
N GLY A 413 -22.41 10.58 -31.66
CA GLY A 413 -22.83 10.00 -30.38
C GLY A 413 -24.17 9.29 -30.42
N GLY A 414 -24.78 9.27 -31.61
CA GLY A 414 -25.97 8.47 -31.87
C GLY A 414 -25.64 7.05 -32.35
N ARG A 415 -26.56 6.13 -32.10
CA ARG A 415 -26.44 4.77 -32.61
C ARG A 415 -27.76 4.32 -33.23
N ASN A 416 -27.72 3.98 -34.52
CA ASN A 416 -28.92 3.50 -35.19
C ASN A 416 -28.69 2.23 -36.01
N LEU A 417 -29.72 1.41 -36.15
CA LEU A 417 -29.66 0.19 -36.93
C LEU A 417 -30.02 0.45 -38.38
N TYR A 418 -29.19 -0.05 -39.28
CA TYR A 418 -29.40 0.06 -40.71
C TYR A 418 -29.32 -1.33 -41.33
N LYS A 419 -30.22 -1.60 -42.28
CA LYS A 419 -30.11 -2.80 -43.11
C LYS A 419 -29.65 -2.39 -44.51
N ILE A 420 -28.73 -3.17 -45.08
CA ILE A 420 -28.29 -2.90 -46.44
C ILE A 420 -28.57 -4.10 -47.32
N GLN A 421 -29.08 -3.82 -48.53
CA GLN A 421 -29.40 -4.86 -49.50
C GLN A 421 -28.13 -5.38 -50.17
N LEU A 422 -27.97 -6.70 -50.16
CA LEU A 422 -26.78 -7.33 -50.73
C LEU A 422 -26.78 -7.33 -52.25
N SER A 423 -27.96 -7.18 -52.85
CA SER A 423 -28.09 -7.11 -54.30
C SER A 423 -28.01 -5.67 -54.83
N ASP A 424 -28.09 -4.69 -53.92
CA ASP A 424 -27.96 -3.28 -54.30
C ASP A 424 -27.45 -2.47 -53.11
N TYR A 425 -26.21 -2.00 -53.22
CA TYR A 425 -25.54 -1.28 -52.12
C TYR A 425 -26.11 0.13 -51.85
N THR A 426 -26.93 0.63 -52.78
CA THR A 426 -27.59 1.93 -52.61
C THR A 426 -28.81 1.81 -51.70
N LYS A 427 -29.53 0.70 -51.82
CA LYS A 427 -30.74 0.48 -51.02
C LYS A 427 -30.40 0.16 -49.57
N VAL A 428 -30.40 1.22 -48.75
CA VAL A 428 -30.07 1.14 -47.33
C VAL A 428 -31.22 1.74 -46.54
N THR A 429 -31.87 0.93 -45.71
CA THR A 429 -32.99 1.37 -44.91
C THR A 429 -32.55 1.63 -43.47
N CYS A 430 -33.01 2.73 -42.86
CA CYS A 430 -32.83 2.88 -41.40
C CYS A 430 -34.02 2.30 -40.66
N LEU A 431 -33.72 1.38 -39.74
CA LEU A 431 -34.75 0.61 -39.07
C LEU A 431 -35.15 1.18 -37.72
N SER A 432 -34.35 2.13 -37.22
CA SER A 432 -34.52 2.63 -35.85
C SER A 432 -34.61 4.15 -35.73
N CYS A 433 -34.06 4.86 -36.73
CA CYS A 433 -34.02 6.32 -36.73
C CYS A 433 -35.36 6.96 -36.41
N GLU A 434 -36.40 6.54 -37.13
CA GLU A 434 -37.69 7.19 -37.06
C GLU A 434 -38.68 6.59 -36.05
N LEU A 435 -38.34 5.44 -35.49
CA LEU A 435 -39.22 4.78 -34.53
C LEU A 435 -39.74 5.74 -33.47
N ASN A 436 -38.83 6.44 -32.81
CA ASN A 436 -39.18 7.48 -31.84
C ASN A 436 -38.08 8.54 -31.78
N PRO A 437 -38.05 9.48 -32.75
CA PRO A 437 -36.89 10.36 -32.94
C PRO A 437 -36.58 11.26 -31.75
N GLU A 438 -37.59 11.56 -30.93
CA GLU A 438 -37.42 12.46 -29.79
C GLU A 438 -36.82 11.76 -28.57
N ARG A 439 -37.44 10.66 -28.14
CA ARG A 439 -36.96 9.91 -26.99
C ARG A 439 -35.75 8.99 -27.29
N CYS A 440 -35.64 8.52 -28.53
CA CYS A 440 -34.71 7.45 -28.91
C CYS A 440 -33.69 7.80 -29.99
N GLN A 441 -32.40 7.76 -29.62
CA GLN A 441 -31.30 8.04 -30.55
C GLN A 441 -30.08 7.12 -30.37
N TYR A 442 -30.06 6.34 -29.28
CA TYR A 442 -28.97 5.41 -29.04
C TYR A 442 -29.50 3.98 -29.02
N TYR A 443 -29.34 3.28 -30.14
CA TYR A 443 -29.84 1.91 -30.27
C TYR A 443 -28.76 0.82 -30.22
N SER A 444 -29.17 -0.37 -29.75
CA SER A 444 -28.36 -1.60 -29.82
C SER A 444 -29.32 -2.74 -30.16
N VAL A 445 -28.80 -3.84 -30.73
CA VAL A 445 -29.68 -4.88 -31.26
C VAL A 445 -29.35 -6.32 -30.82
N SER A 446 -30.37 -7.17 -30.83
CA SER A 446 -30.24 -8.59 -30.52
C SER A 446 -31.10 -9.43 -31.49
N PHE A 447 -30.44 -10.06 -32.47
CA PHE A 447 -31.12 -10.86 -33.51
C PHE A 447 -31.36 -12.30 -33.06
N SER A 448 -32.39 -12.93 -33.61
CA SER A 448 -32.69 -14.33 -33.32
C SER A 448 -31.71 -15.25 -34.05
N LYS A 449 -31.83 -16.57 -33.82
CA LYS A 449 -30.84 -17.55 -34.29
C LYS A 449 -30.66 -17.65 -35.82
N GLU A 450 -31.59 -17.07 -36.58
CA GLU A 450 -31.42 -16.98 -38.02
C GLU A 450 -31.83 -15.58 -38.50
N ALA A 451 -31.80 -14.63 -37.57
CA ALA A 451 -32.11 -13.23 -37.85
C ALA A 451 -33.55 -12.97 -38.29
N LYS A 452 -34.47 -13.85 -37.87
CA LYS A 452 -35.89 -13.66 -38.19
C LYS A 452 -36.51 -12.53 -37.36
N TYR A 453 -36.06 -12.39 -36.12
CA TYR A 453 -36.55 -11.34 -35.22
C TYR A 453 -35.40 -10.60 -34.56
N TYR A 454 -35.63 -9.34 -34.20
CA TYR A 454 -34.64 -8.55 -33.46
C TYR A 454 -35.24 -7.74 -32.30
N GLN A 455 -34.49 -7.69 -31.20
CA GLN A 455 -34.85 -6.87 -30.06
C GLN A 455 -34.07 -5.57 -30.16
N LEU A 456 -34.77 -4.45 -30.05
CA LEU A 456 -34.11 -3.16 -30.02
C LEU A 456 -34.03 -2.60 -28.60
N ARG A 457 -32.81 -2.35 -28.13
CA ARG A 457 -32.58 -1.61 -26.89
C ARG A 457 -32.36 -0.14 -27.21
N CYS A 458 -33.25 0.71 -26.69
CA CYS A 458 -33.09 2.15 -26.79
C CYS A 458 -32.50 2.64 -25.47
N SER A 459 -31.38 3.36 -25.54
CA SER A 459 -30.62 3.72 -24.33
C SER A 459 -30.76 5.18 -23.90
N GLY A 460 -31.36 6.00 -24.76
CA GLY A 460 -31.50 7.42 -24.50
C GLY A 460 -31.76 8.18 -25.79
N PRO A 461 -31.93 9.51 -25.70
CA PRO A 461 -31.79 10.36 -24.51
C PRO A 461 -32.94 10.23 -23.51
N GLY A 462 -34.09 9.75 -23.98
CA GLY A 462 -35.23 9.48 -23.10
C GLY A 462 -34.99 8.25 -22.27
N LEU A 463 -36.01 7.82 -21.53
CA LEU A 463 -35.95 6.57 -20.77
C LEU A 463 -35.78 5.38 -21.69
N PRO A 464 -34.89 4.43 -21.33
CA PRO A 464 -34.69 3.21 -22.09
C PRO A 464 -36.00 2.55 -22.52
N LEU A 465 -36.03 2.16 -23.79
CA LEU A 465 -37.20 1.51 -24.37
C LEU A 465 -36.77 0.21 -25.04
N TYR A 466 -37.51 -0.85 -24.75
CA TYR A 466 -37.21 -2.17 -25.31
C TYR A 466 -38.39 -2.67 -26.15
N THR A 467 -38.12 -2.90 -27.44
CA THR A 467 -39.15 -3.37 -28.40
C THR A 467 -38.69 -4.60 -29.19
N LEU A 468 -39.66 -5.33 -29.73
CA LEU A 468 -39.41 -6.53 -30.53
C LEU A 468 -39.97 -6.33 -31.93
N HIS A 469 -39.22 -6.77 -32.94
CA HIS A 469 -39.65 -6.65 -34.34
C HIS A 469 -39.35 -7.92 -35.13
N SER A 470 -40.07 -8.12 -36.24
CA SER A 470 -39.80 -9.21 -37.16
C SER A 470 -39.12 -8.65 -38.42
N SER A 471 -37.92 -9.15 -38.72
CA SER A 471 -37.10 -8.60 -39.80
C SER A 471 -37.58 -8.90 -41.22
N VAL A 472 -38.59 -9.75 -41.35
CA VAL A 472 -39.18 -10.06 -42.65
C VAL A 472 -39.81 -8.79 -43.28
N ASN A 473 -40.46 -7.99 -42.45
CA ASN A 473 -41.09 -6.75 -42.89
C ASN A 473 -40.73 -5.61 -41.95
N ASP A 474 -39.81 -5.89 -41.03
CA ASP A 474 -39.26 -4.90 -40.08
C ASP A 474 -40.30 -4.17 -39.19
N LYS A 475 -41.54 -4.63 -39.23
CA LYS A 475 -42.61 -4.03 -38.42
C LYS A 475 -42.45 -4.34 -36.92
N GLY A 476 -42.91 -3.40 -36.08
CA GLY A 476 -42.94 -3.60 -34.63
C GLY A 476 -43.94 -4.68 -34.25
N LEU A 477 -43.64 -5.38 -33.17
CA LEU A 477 -44.53 -6.43 -32.68
C LEU A 477 -45.14 -6.08 -31.32
N ARG A 478 -44.29 -5.65 -30.37
CA ARG A 478 -44.78 -5.19 -29.05
C ARG A 478 -43.70 -4.50 -28.22
N VAL A 479 -44.14 -3.68 -27.27
CA VAL A 479 -43.26 -3.03 -26.30
C VAL A 479 -42.92 -4.01 -25.18
N LEU A 480 -41.64 -4.30 -25.01
CA LEU A 480 -41.18 -5.24 -23.97
C LEU A 480 -40.97 -4.57 -22.62
N GLU A 481 -40.47 -3.34 -22.65
CA GLU A 481 -40.25 -2.51 -21.46
C GLU A 481 -40.13 -1.04 -21.84
N ASP A 482 -40.92 -0.20 -21.18
CA ASP A 482 -40.98 1.23 -21.51
C ASP A 482 -40.65 2.13 -20.32
N ASN A 483 -40.29 1.51 -19.20
CA ASN A 483 -39.88 2.21 -17.97
C ASN A 483 -40.85 3.26 -17.44
N SER A 484 -42.14 3.08 -17.74
CA SER A 484 -43.19 3.99 -17.25
C SER A 484 -43.26 3.98 -15.72
N ALA A 485 -42.89 2.86 -15.11
CA ALA A 485 -42.80 2.76 -13.65
C ALA A 485 -41.79 3.76 -13.10
N LEU A 486 -40.71 3.97 -13.85
CA LEU A 486 -39.69 4.96 -13.50
C LEU A 486 -40.15 6.37 -13.83
N ASP A 487 -40.76 6.52 -15.01
CA ASP A 487 -41.28 7.79 -15.49
C ASP A 487 -42.19 8.46 -14.47
N LYS A 488 -43.08 7.67 -13.87
CA LYS A 488 -44.04 8.18 -12.90
C LYS A 488 -43.34 8.77 -11.68
N MET A 489 -42.32 8.06 -11.20
CA MET A 489 -41.57 8.49 -10.03
C MET A 489 -40.73 9.73 -10.28
N LEU A 490 -40.26 9.88 -11.52
CA LEU A 490 -39.35 10.97 -11.88
C LEU A 490 -40.01 12.35 -12.04
N GLN A 491 -41.33 12.36 -12.15
CA GLN A 491 -42.08 13.60 -12.22
C GLN A 491 -42.10 14.30 -10.87
N ASN A 492 -41.93 13.51 -9.81
CA ASN A 492 -41.88 14.00 -8.44
C ASN A 492 -40.52 14.58 -8.04
N VAL A 493 -39.55 14.53 -8.96
CA VAL A 493 -38.20 14.99 -8.67
C VAL A 493 -37.66 15.97 -9.70
N GLN A 494 -37.02 17.04 -9.20
CA GLN A 494 -36.38 18.07 -10.02
C GLN A 494 -35.17 17.49 -10.71
N MET A 495 -35.33 17.09 -11.96
CA MET A 495 -34.26 16.43 -12.71
C MET A 495 -33.42 17.39 -13.53
N PRO A 496 -32.12 17.09 -13.69
CA PRO A 496 -31.28 17.91 -14.55
C PRO A 496 -31.50 17.58 -16.02
N SER A 497 -31.27 18.57 -16.88
CA SER A 497 -31.42 18.42 -18.33
C SER A 497 -30.06 18.09 -18.99
N LYS A 498 -30.10 17.69 -20.26
CA LYS A 498 -28.89 17.17 -20.91
C LYS A 498 -28.65 17.73 -22.30
N LYS A 499 -27.62 18.58 -22.41
CA LYS A 499 -27.31 19.23 -23.70
C LYS A 499 -26.14 18.58 -24.43
N LEU A 500 -26.41 18.00 -25.58
CA LEU A 500 -25.36 17.50 -26.45
C LEU A 500 -25.22 18.50 -27.57
N ASP A 501 -23.99 18.89 -27.86
CA ASP A 501 -23.70 19.83 -28.94
C ASP A 501 -22.23 19.79 -29.33
N PHE A 502 -21.87 20.54 -30.37
CA PHE A 502 -20.47 20.62 -30.78
C PHE A 502 -19.95 22.04 -30.67
N ILE A 503 -18.63 22.18 -30.84
CA ILE A 503 -17.98 23.47 -31.02
C ILE A 503 -17.00 23.34 -32.17
N ILE A 504 -16.53 24.47 -32.71
CA ILE A 504 -15.54 24.44 -33.78
C ILE A 504 -14.13 24.86 -33.33
N LEU A 505 -13.21 23.91 -33.41
CA LEU A 505 -11.79 24.14 -33.19
C LEU A 505 -11.03 23.78 -34.46
N ASN A 506 -10.17 24.69 -34.92
CA ASN A 506 -9.43 24.49 -36.17
C ASN A 506 -10.28 23.76 -37.21
N GLU A 507 -11.46 24.31 -37.48
CA GLU A 507 -12.36 23.86 -38.56
C GLU A 507 -12.93 22.44 -38.42
N THR A 508 -12.76 21.82 -37.25
CA THR A 508 -13.36 20.50 -37.01
C THR A 508 -14.42 20.64 -35.93
N LYS A 509 -15.48 19.85 -36.05
CA LYS A 509 -16.48 19.75 -34.99
C LYS A 509 -15.90 18.95 -33.82
N PHE A 510 -16.20 19.36 -32.59
CA PHE A 510 -15.79 18.61 -31.41
C PHE A 510 -16.94 18.63 -30.41
N TRP A 511 -17.46 17.46 -30.10
CA TRP A 511 -18.71 17.39 -29.35
C TRP A 511 -18.49 17.45 -27.84
N TYR A 512 -19.51 17.89 -27.13
CA TYR A 512 -19.48 18.00 -25.68
C TYR A 512 -20.89 17.75 -25.16
N GLN A 513 -21.00 17.29 -23.93
CA GLN A 513 -22.30 17.22 -23.31
C GLN A 513 -22.31 17.96 -21.98
N MET A 514 -23.50 18.40 -21.56
CA MET A 514 -23.69 19.09 -20.27
C MET A 514 -24.90 18.57 -19.52
N ILE A 515 -24.66 18.11 -18.30
CA ILE A 515 -25.72 17.82 -17.35
C ILE A 515 -26.04 19.13 -16.64
N LEU A 516 -27.10 19.79 -17.12
CA LEU A 516 -27.50 21.12 -16.66
C LEU A 516 -28.50 21.05 -15.51
N PRO A 517 -28.23 21.79 -14.41
CA PRO A 517 -29.05 21.84 -13.19
C PRO A 517 -30.52 22.17 -13.46
N PRO A 518 -31.43 21.68 -12.60
CA PRO A 518 -32.86 21.92 -12.74
C PRO A 518 -33.15 23.40 -12.74
N HIS A 519 -34.12 23.82 -13.56
CA HIS A 519 -34.46 25.23 -13.73
C HIS A 519 -33.24 26.04 -14.14
N PHE A 520 -32.60 25.65 -15.24
CA PHE A 520 -31.31 26.22 -15.61
C PHE A 520 -31.43 27.63 -16.16
N ASP A 521 -30.59 28.52 -15.63
CA ASP A 521 -30.66 29.95 -15.89
C ASP A 521 -29.35 30.44 -16.53
N LYS A 522 -29.37 30.60 -17.85
CA LYS A 522 -28.14 30.93 -18.60
C LYS A 522 -27.55 32.32 -18.31
N SER A 523 -28.26 33.11 -17.52
CA SER A 523 -27.76 34.42 -17.12
C SER A 523 -27.06 34.37 -15.76
N LYS A 524 -27.28 33.27 -15.03
CA LYS A 524 -26.63 33.08 -13.74
C LYS A 524 -25.26 32.44 -13.95
N LYS A 525 -24.42 32.43 -12.91
CA LYS A 525 -23.06 31.87 -13.01
C LYS A 525 -22.85 30.58 -12.19
N TYR A 526 -22.67 29.45 -12.89
CA TYR A 526 -22.60 28.15 -12.23
C TYR A 526 -21.16 27.63 -12.04
N PRO A 527 -20.96 26.78 -11.01
CA PRO A 527 -19.74 26.00 -10.88
C PRO A 527 -19.70 24.82 -11.89
N LEU A 528 -18.54 24.56 -12.48
CA LEU A 528 -18.43 23.51 -13.52
C LEU A 528 -17.47 22.36 -13.16
N LEU A 529 -17.98 21.12 -13.23
CA LEU A 529 -17.11 19.96 -13.07
C LEU A 529 -16.89 19.32 -14.42
N LEU A 530 -15.63 19.34 -14.88
CA LEU A 530 -15.27 18.68 -16.12
C LEU A 530 -15.01 17.21 -15.81
N ASP A 531 -15.81 16.34 -16.42
CA ASP A 531 -15.70 14.88 -16.27
C ASP A 531 -14.93 14.35 -17.49
N VAL A 532 -13.73 13.85 -17.21
CA VAL A 532 -12.79 13.46 -18.27
C VAL A 532 -12.52 11.95 -18.32
N TYR A 533 -12.54 11.40 -19.53
CA TYR A 533 -11.90 10.11 -19.80
C TYR A 533 -10.82 10.33 -20.86
N ALA A 534 -11.25 10.75 -22.06
CA ALA A 534 -10.37 11.25 -23.13
C ALA A 534 -9.22 10.32 -23.52
N GLY A 535 -9.50 9.02 -23.54
CA GLY A 535 -8.53 8.02 -24.01
C GLY A 535 -8.61 7.83 -25.52
N PRO A 536 -7.65 7.09 -26.10
CA PRO A 536 -7.73 6.81 -27.53
C PRO A 536 -9.01 6.05 -27.85
N CYS A 537 -9.74 6.57 -28.83
CA CYS A 537 -11.05 6.07 -29.25
C CYS A 537 -12.11 6.13 -28.15
N SER A 538 -12.02 7.13 -27.29
CA SER A 538 -13.05 7.35 -26.28
C SER A 538 -14.24 8.11 -26.86
N GLN A 539 -15.35 8.13 -26.11
CA GLN A 539 -16.51 8.97 -26.43
C GLN A 539 -17.38 9.21 -25.19
N LYS A 540 -17.18 10.38 -24.57
CA LYS A 540 -17.97 10.80 -23.41
C LYS A 540 -19.22 11.62 -23.78
N ALA A 541 -19.33 12.04 -25.04
CA ALA A 541 -20.50 12.80 -25.48
C ALA A 541 -21.44 11.93 -26.31
N ASP A 542 -22.47 11.43 -25.65
CA ASP A 542 -23.45 10.58 -26.31
C ASP A 542 -24.88 10.98 -25.93
N THR A 543 -25.82 10.20 -26.45
CA THR A 543 -27.25 10.43 -26.24
C THR A 543 -27.85 9.39 -25.30
N VAL A 544 -27.09 8.98 -24.30
CA VAL A 544 -27.52 7.92 -23.42
C VAL A 544 -28.10 8.49 -22.14
N PHE A 545 -29.32 8.08 -21.79
CA PHE A 545 -29.88 8.45 -20.49
C PHE A 545 -29.11 7.72 -19.41
N ARG A 546 -28.76 8.44 -18.34
CA ARG A 546 -27.99 7.90 -17.23
C ARG A 546 -28.42 8.47 -15.87
N LEU A 547 -28.38 7.65 -14.83
CA LEU A 547 -28.54 8.10 -13.44
C LEU A 547 -27.26 7.83 -12.65
N ASN A 548 -26.38 8.82 -12.65
CA ASN A 548 -25.12 8.74 -11.92
C ASN A 548 -24.90 9.91 -10.98
N TRP A 549 -23.68 10.00 -10.48
CA TRP A 549 -23.26 11.05 -9.57
C TRP A 549 -23.53 12.42 -10.13
N ALA A 550 -23.30 12.57 -11.44
CA ALA A 550 -23.48 13.83 -12.15
C ALA A 550 -24.91 14.32 -12.04
N THR A 551 -25.85 13.38 -12.13
CA THR A 551 -27.27 13.64 -11.98
C THR A 551 -27.48 14.35 -10.64
N TYR A 552 -27.03 13.71 -9.55
CA TYR A 552 -27.08 14.30 -8.22
C TYR A 552 -26.38 15.66 -8.14
N LEU A 553 -25.18 15.74 -8.70
CA LEU A 553 -24.36 16.94 -8.62
C LEU A 553 -25.07 18.16 -9.19
N ALA A 554 -25.73 17.97 -10.33
CA ALA A 554 -26.50 19.03 -10.95
C ALA A 554 -27.79 19.25 -10.19
N SER A 555 -28.48 18.15 -9.87
CA SER A 555 -29.83 18.20 -9.30
C SER A 555 -29.90 18.77 -7.88
N THR A 556 -28.96 18.39 -7.03
CA THR A 556 -28.99 18.79 -5.62
C THR A 556 -27.96 19.86 -5.30
N GLU A 557 -26.89 19.94 -6.07
CA GLU A 557 -25.80 20.85 -5.71
C GLU A 557 -25.62 21.95 -6.73
N ASN A 558 -26.46 21.94 -7.76
CA ASN A 558 -26.39 22.92 -8.85
C ASN A 558 -24.97 23.11 -9.39
N ILE A 559 -24.38 22.02 -9.86
CA ILE A 559 -23.08 22.06 -10.50
C ILE A 559 -23.27 21.58 -11.93
N ILE A 560 -22.73 22.32 -12.89
CA ILE A 560 -22.77 21.88 -14.28
C ILE A 560 -21.60 20.92 -14.51
N VAL A 561 -21.92 19.65 -14.75
CA VAL A 561 -20.89 18.68 -15.12
C VAL A 561 -20.90 18.52 -16.64
N ALA A 562 -19.71 18.55 -17.24
CA ALA A 562 -19.58 18.49 -18.69
C ALA A 562 -18.51 17.50 -19.13
N SER A 563 -18.65 17.04 -20.37
CA SER A 563 -17.68 16.14 -20.98
C SER A 563 -17.47 16.62 -22.41
N PHE A 564 -16.28 16.36 -22.95
CA PHE A 564 -15.87 16.91 -24.24
C PHE A 564 -14.94 15.95 -24.96
N ASP A 565 -15.41 15.41 -26.08
CA ASP A 565 -14.61 14.52 -26.87
C ASP A 565 -13.75 15.32 -27.83
N GLY A 566 -12.47 15.41 -27.51
CA GLY A 566 -11.51 16.13 -28.34
C GLY A 566 -10.67 15.17 -29.17
N ARG A 567 -9.48 15.61 -29.55
CA ARG A 567 -8.56 14.82 -30.35
C ARG A 567 -8.24 13.47 -29.72
N GLY A 568 -8.18 12.45 -30.57
CA GLY A 568 -7.97 11.10 -30.09
C GLY A 568 -9.25 10.36 -29.75
N SER A 569 -10.38 11.07 -29.69
CA SER A 569 -11.67 10.42 -29.45
C SER A 569 -12.14 9.70 -30.71
N GLY A 570 -12.96 8.67 -30.52
CA GLY A 570 -13.33 7.78 -31.62
C GLY A 570 -14.58 8.13 -32.40
N TYR A 571 -14.94 7.23 -33.32
CA TYR A 571 -16.20 7.28 -34.06
C TYR A 571 -16.35 8.51 -34.95
N GLN A 572 -15.22 9.15 -35.25
CA GLN A 572 -15.20 10.36 -36.06
C GLN A 572 -14.17 10.32 -37.21
N GLY A 573 -13.57 9.15 -37.43
CA GLY A 573 -12.53 8.99 -38.44
C GLY A 573 -11.14 8.92 -37.83
N ASP A 574 -10.17 8.48 -38.62
CA ASP A 574 -8.79 8.31 -38.14
C ASP A 574 -8.12 9.65 -37.87
N LYS A 575 -8.36 10.63 -38.74
CA LYS A 575 -7.81 11.98 -38.58
C LYS A 575 -7.94 12.49 -37.14
N ILE A 576 -9.10 12.31 -36.54
CA ILE A 576 -9.30 12.70 -35.14
C ILE A 576 -8.69 11.67 -34.20
N MET A 577 -8.95 10.38 -34.43
CA MET A 577 -8.50 9.32 -33.53
C MET A 577 -6.99 9.05 -33.50
N HIS A 578 -6.36 8.98 -34.68
CA HIS A 578 -4.91 8.81 -34.77
C HIS A 578 -4.08 10.06 -34.41
N ALA A 579 -4.75 11.18 -34.12
CA ALA A 579 -4.09 12.43 -33.70
C ALA A 579 -3.11 12.24 -32.54
N ILE A 580 -3.49 11.46 -31.54
CA ILE A 580 -2.60 11.25 -30.41
C ILE A 580 -1.59 10.10 -30.60
N ASN A 581 -1.43 9.61 -31.85
CA ASN A 581 -0.53 8.48 -32.08
C ASN A 581 0.88 8.80 -31.61
N ARG A 582 1.49 7.86 -30.88
CA ARG A 582 2.82 8.03 -30.26
C ARG A 582 2.96 9.32 -29.44
N ARG A 583 1.84 9.97 -29.10
CA ARG A 583 1.87 11.24 -28.40
C ARG A 583 0.86 11.29 -27.27
N LEU A 584 0.66 10.17 -26.59
CA LEU A 584 -0.23 10.14 -25.42
C LEU A 584 0.17 11.19 -24.38
N GLY A 585 -0.82 11.85 -23.81
CA GLY A 585 -0.57 12.86 -22.79
C GLY A 585 -0.17 14.20 -23.38
N THR A 586 -0.73 14.51 -24.55
CA THR A 586 -0.50 15.80 -25.19
C THR A 586 -1.81 16.45 -25.66
N PHE A 587 -2.14 16.28 -26.95
CA PHE A 587 -3.30 16.93 -27.55
C PHE A 587 -4.58 16.76 -26.74
N GLU A 588 -4.85 15.54 -26.29
CA GLU A 588 -6.10 15.23 -25.61
C GLU A 588 -6.18 15.93 -24.26
N VAL A 589 -5.01 16.15 -23.65
CA VAL A 589 -4.89 16.93 -22.41
C VAL A 589 -5.18 18.41 -22.69
N GLU A 590 -4.44 19.00 -23.62
CA GLU A 590 -4.67 20.37 -24.00
C GLU A 590 -6.11 20.59 -24.41
N ASP A 591 -6.69 19.61 -25.11
CA ASP A 591 -8.05 19.73 -25.61
C ASP A 591 -9.09 19.74 -24.49
N GLN A 592 -8.74 19.15 -23.34
CA GLN A 592 -9.60 19.24 -22.16
C GLN A 592 -9.57 20.63 -21.53
N ILE A 593 -8.36 21.19 -21.39
CA ILE A 593 -8.18 22.57 -20.91
C ILE A 593 -8.95 23.52 -21.82
N GLU A 594 -8.71 23.41 -23.12
CA GLU A 594 -9.35 24.23 -24.13
C GLU A 594 -10.87 24.11 -24.06
N ALA A 595 -11.36 22.91 -23.73
CA ALA A 595 -12.80 22.67 -23.59
C ALA A 595 -13.39 23.52 -22.47
N ALA A 596 -12.72 23.56 -21.33
CA ALA A 596 -13.15 24.37 -20.19
C ALA A 596 -13.10 25.85 -20.54
N ARG A 597 -12.01 26.26 -21.18
CA ARG A 597 -11.87 27.62 -21.69
C ARG A 597 -13.04 28.01 -22.61
N GLN A 598 -13.50 27.05 -23.41
CA GLN A 598 -14.65 27.28 -24.26
C GLN A 598 -15.94 27.37 -23.43
N PHE A 599 -16.02 26.57 -22.38
CA PHE A 599 -17.24 26.54 -21.57
C PHE A 599 -17.40 27.80 -20.74
N SER A 600 -16.29 28.37 -20.29
CA SER A 600 -16.34 29.59 -19.50
C SER A 600 -16.60 30.78 -20.41
N LYS A 601 -16.31 30.60 -21.70
CA LYS A 601 -16.63 31.62 -22.70
C LYS A 601 -18.06 31.46 -23.24
N MET A 602 -18.84 30.61 -22.60
CA MET A 602 -20.27 30.49 -22.86
C MET A 602 -21.03 31.39 -21.89
N GLY A 603 -20.35 31.78 -20.81
CA GLY A 603 -20.84 32.84 -19.94
C GLY A 603 -21.78 32.46 -18.82
N PHE A 604 -22.13 31.18 -18.71
CA PHE A 604 -22.94 30.73 -17.58
C PHE A 604 -22.10 29.97 -16.56
N VAL A 605 -20.79 30.21 -16.62
CA VAL A 605 -19.80 29.44 -15.85
C VAL A 605 -18.98 30.36 -14.95
N ASP A 606 -18.97 30.04 -13.64
CA ASP A 606 -18.16 30.78 -12.68
C ASP A 606 -16.73 30.32 -12.85
N ASN A 607 -15.98 30.98 -13.72
CA ASN A 607 -14.63 30.52 -14.03
C ASN A 607 -13.65 30.51 -12.85
N LYS A 608 -14.09 30.97 -11.67
CA LYS A 608 -13.32 30.83 -10.44
C LYS A 608 -13.51 29.46 -9.75
N ARG A 609 -14.56 28.75 -10.14
CA ARG A 609 -14.88 27.44 -9.59
C ARG A 609 -15.05 26.41 -10.70
N ILE A 610 -13.94 26.08 -11.34
CA ILE A 610 -13.91 25.02 -12.34
C ILE A 610 -13.03 23.86 -11.83
N ALA A 611 -13.57 22.64 -11.88
CA ALA A 611 -12.86 21.44 -11.46
C ALA A 611 -12.85 20.32 -12.52
N ILE A 612 -11.86 19.44 -12.41
CA ILE A 612 -11.68 18.32 -13.33
C ILE A 612 -11.58 17.02 -12.54
N TRP A 613 -12.17 15.94 -13.08
CA TRP A 613 -12.03 14.63 -12.49
C TRP A 613 -12.16 13.53 -13.52
N GLY A 614 -11.45 12.44 -13.28
CA GLY A 614 -11.47 11.27 -14.15
C GLY A 614 -10.98 10.02 -13.46
N TRP A 615 -11.26 8.88 -14.09
CA TRP A 615 -10.89 7.57 -13.57
C TRP A 615 -10.00 6.91 -14.61
N SER A 616 -8.96 6.21 -14.16
CA SER A 616 -8.07 5.47 -15.07
C SER A 616 -7.29 6.37 -16.03
N TYR A 617 -7.71 6.39 -17.30
CA TYR A 617 -7.06 7.27 -18.25
C TYR A 617 -7.49 8.67 -17.89
N GLY A 618 -8.78 8.84 -17.63
CA GLY A 618 -9.30 10.09 -17.11
C GLY A 618 -8.52 10.56 -15.90
N GLY A 619 -8.20 9.63 -15.00
CA GLY A 619 -7.39 9.94 -13.83
C GLY A 619 -6.08 10.57 -14.26
N TYR A 620 -5.50 10.00 -15.29
CA TYR A 620 -4.24 10.50 -15.81
C TYR A 620 -4.42 11.93 -16.39
N VAL A 621 -5.26 12.08 -17.42
CA VAL A 621 -5.57 13.39 -18.00
C VAL A 621 -5.92 14.41 -16.90
N THR A 622 -6.76 14.02 -15.95
CA THR A 622 -7.07 14.85 -14.80
C THR A 622 -5.80 15.34 -14.15
N SER A 623 -4.87 14.43 -13.90
CA SER A 623 -3.60 14.80 -13.26
C SER A 623 -2.64 15.58 -14.18
N MET A 624 -2.62 15.27 -15.47
CA MET A 624 -1.80 16.03 -16.42
C MET A 624 -2.30 17.46 -16.60
N VAL A 625 -3.62 17.64 -16.53
CA VAL A 625 -4.25 18.96 -16.60
C VAL A 625 -3.99 19.80 -15.34
N LEU A 626 -4.28 19.23 -14.18
CA LEU A 626 -3.96 19.89 -12.91
C LEU A 626 -2.48 20.28 -12.81
N GLY A 627 -1.61 19.49 -13.43
CA GLY A 627 -0.19 19.78 -13.45
C GLY A 627 0.28 20.63 -14.63
N SER A 628 -0.67 21.10 -15.45
CA SER A 628 -0.33 21.85 -16.67
C SER A 628 0.13 23.30 -16.42
N GLY A 629 -0.39 23.91 -15.36
CA GLY A 629 -0.11 25.30 -15.05
C GLY A 629 -0.98 26.27 -15.84
N SER A 630 -2.06 25.77 -16.41
CA SER A 630 -2.99 26.59 -17.19
C SER A 630 -3.69 27.66 -16.34
N GLY A 631 -3.87 27.38 -15.06
CA GLY A 631 -4.55 28.30 -14.16
C GLY A 631 -6.08 28.23 -14.24
N VAL A 632 -6.60 27.50 -15.22
CA VAL A 632 -8.06 27.39 -15.46
C VAL A 632 -8.81 26.64 -14.36
N PHE A 633 -8.12 25.70 -13.71
CA PHE A 633 -8.77 24.72 -12.86
C PHE A 633 -8.44 24.95 -11.39
N LYS A 634 -9.48 24.99 -10.58
CA LYS A 634 -9.33 25.23 -9.14
C LYS A 634 -8.84 23.98 -8.42
N CYS A 635 -9.50 22.85 -8.68
CA CYS A 635 -9.16 21.56 -8.05
C CYS A 635 -9.55 20.40 -8.95
N GLY A 636 -9.32 19.18 -8.49
CA GLY A 636 -9.64 18.01 -9.27
C GLY A 636 -9.29 16.69 -8.61
N ILE A 637 -9.99 15.63 -9.05
CA ILE A 637 -9.84 14.29 -8.46
C ILE A 637 -9.39 13.26 -9.48
N ALA A 638 -8.28 12.61 -9.18
CA ALA A 638 -7.77 11.48 -9.98
C ALA A 638 -8.00 10.15 -9.25
N VAL A 639 -8.89 9.32 -9.79
CA VAL A 639 -9.07 7.97 -9.25
C VAL A 639 -8.27 6.98 -10.11
N ALA A 640 -7.57 6.07 -9.44
CA ALA A 640 -6.74 5.05 -10.07
C ALA A 640 -6.09 5.54 -11.37
N PRO A 641 -5.23 6.57 -11.29
CA PRO A 641 -4.64 7.15 -12.52
C PRO A 641 -3.42 6.39 -12.99
N VAL A 642 -3.21 6.28 -14.30
CA VAL A 642 -1.89 5.92 -14.76
C VAL A 642 -1.02 7.15 -14.57
N SER A 643 0.23 6.96 -14.12
CA SER A 643 1.11 8.10 -13.88
C SER A 643 2.30 8.24 -14.84
N ARG A 644 2.83 7.11 -15.30
CA ARG A 644 3.70 7.10 -16.48
C ARG A 644 3.51 5.81 -17.24
N TRP A 645 3.70 5.88 -18.56
CA TRP A 645 3.27 4.76 -19.41
C TRP A 645 4.08 3.49 -19.30
N GLU A 646 5.32 3.62 -18.83
CA GLU A 646 6.15 2.46 -18.57
C GLU A 646 5.54 1.52 -17.54
N TYR A 647 4.71 2.04 -16.64
CA TYR A 647 4.06 1.22 -15.62
C TYR A 647 2.80 0.47 -16.08
N TYR A 648 2.28 0.79 -17.25
CA TYR A 648 1.02 0.16 -17.65
C TYR A 648 1.24 -1.04 -18.58
N ASP A 649 0.30 -2.00 -18.59
CA ASP A 649 0.40 -3.21 -19.43
C ASP A 649 0.84 -2.93 -20.88
N SER A 650 1.58 -3.88 -21.46
CA SER A 650 2.28 -3.63 -22.71
C SER A 650 1.37 -3.46 -23.93
N VAL A 651 0.33 -4.29 -24.02
CA VAL A 651 -0.49 -4.34 -25.22
C VAL A 651 -1.24 -3.05 -25.40
N TYR A 652 -1.79 -2.51 -24.31
CA TYR A 652 -2.49 -1.23 -24.41
C TYR A 652 -1.54 -0.08 -24.72
N THR A 653 -0.54 0.08 -23.85
CA THR A 653 0.45 1.13 -23.97
C THR A 653 1.06 1.13 -25.36
N GLU A 654 1.84 0.11 -25.67
CA GLU A 654 2.56 0.04 -26.94
C GLU A 654 1.68 0.27 -28.15
N ARG A 655 0.39 0.03 -28.01
CA ARG A 655 -0.55 0.20 -29.12
C ARG A 655 -0.56 1.66 -29.56
N TYR A 656 -0.48 2.54 -28.57
CA TYR A 656 -0.49 3.98 -28.79
C TYR A 656 0.90 4.62 -28.64
N MET A 657 1.84 3.95 -27.96
CA MET A 657 3.12 4.55 -27.63
C MET A 657 4.38 3.90 -28.21
N GLY A 658 4.24 2.73 -28.83
CA GLY A 658 5.41 1.99 -29.31
C GLY A 658 6.25 1.53 -28.13
N LEU A 659 7.56 1.45 -28.30
CA LEU A 659 8.45 0.95 -27.24
C LEU A 659 9.24 2.04 -26.51
N PRO A 660 9.38 1.90 -25.18
CA PRO A 660 10.18 2.83 -24.36
C PRO A 660 11.70 2.58 -24.52
N THR A 661 12.20 2.68 -25.75
CA THR A 661 13.61 2.42 -26.04
C THR A 661 14.19 3.62 -26.78
N PRO A 662 15.51 3.84 -26.68
CA PRO A 662 16.14 4.99 -27.35
C PRO A 662 15.87 5.00 -28.84
N GLU A 663 15.66 3.82 -29.43
CA GLU A 663 15.41 3.70 -30.88
C GLU A 663 13.93 3.83 -31.28
N ASP A 664 13.04 3.82 -30.30
CA ASP A 664 11.61 3.97 -30.59
C ASP A 664 11.01 5.27 -30.08
N ASN A 665 10.59 5.30 -28.81
CA ASN A 665 9.82 6.43 -28.29
C ASN A 665 10.06 6.73 -26.80
N LEU A 666 11.16 6.20 -26.25
CA LEU A 666 11.54 6.47 -24.87
C LEU A 666 11.44 7.95 -24.48
N ASP A 667 11.79 8.83 -25.41
CA ASP A 667 11.75 10.27 -25.14
C ASP A 667 10.35 10.74 -24.73
N HIS A 668 9.33 10.36 -25.49
CA HIS A 668 7.96 10.75 -25.12
C HIS A 668 7.38 9.91 -23.96
N TYR A 669 7.91 8.72 -23.71
CA TYR A 669 7.58 8.03 -22.47
C TYR A 669 8.06 8.90 -21.32
N ARG A 670 9.34 9.31 -21.39
CA ARG A 670 10.00 10.10 -20.35
C ARG A 670 9.34 11.46 -20.20
N ASN A 671 8.94 12.03 -21.34
CA ASN A 671 8.43 13.42 -21.45
C ASN A 671 6.94 13.61 -21.11
N SER A 672 6.24 12.56 -20.66
CA SER A 672 4.79 12.65 -20.51
C SER A 672 4.23 12.02 -19.23
N THR A 673 5.02 12.12 -18.16
CA THR A 673 4.67 11.56 -16.87
C THR A 673 4.00 12.63 -15.99
N VAL A 674 3.18 12.23 -15.02
CA VAL A 674 2.58 13.25 -14.15
C VAL A 674 3.61 13.68 -13.10
N MET A 675 4.49 12.76 -12.72
CA MET A 675 5.55 13.05 -11.74
C MET A 675 6.40 14.26 -12.13
N SER A 676 6.63 14.43 -13.43
CA SER A 676 7.45 15.52 -13.91
C SER A 676 6.76 16.85 -13.79
N ARG A 677 5.44 16.84 -13.62
CA ARG A 677 4.63 18.07 -13.53
C ARG A 677 4.26 18.42 -12.09
N ALA A 678 4.91 17.74 -11.15
CA ALA A 678 4.61 17.86 -9.72
C ALA A 678 4.64 19.30 -9.18
N GLU A 679 5.56 20.11 -9.71
CA GLU A 679 5.71 21.49 -9.25
C GLU A 679 4.42 22.32 -9.40
N ASN A 680 3.80 22.22 -10.57
CA ASN A 680 2.59 23.00 -10.89
C ASN A 680 1.37 22.68 -10.04
N PHE A 681 1.41 21.55 -9.32
CA PHE A 681 0.30 21.14 -8.46
C PHE A 681 0.13 22.07 -7.28
N LYS A 682 1.14 22.91 -7.03
CA LYS A 682 1.06 23.94 -5.99
C LYS A 682 -0.11 24.89 -6.23
N GLN A 683 -0.47 25.07 -7.49
CA GLN A 683 -1.54 25.98 -7.89
C GLN A 683 -2.94 25.41 -7.66
N VAL A 684 -3.06 24.10 -7.47
CA VAL A 684 -4.37 23.47 -7.41
C VAL A 684 -4.59 22.70 -6.11
N GLU A 685 -5.82 22.24 -5.90
CA GLU A 685 -6.13 21.35 -4.78
C GLU A 685 -6.45 20.02 -5.39
N TYR A 686 -5.97 18.95 -4.76
CA TYR A 686 -5.87 17.65 -5.43
C TYR A 686 -6.22 16.46 -4.54
N LEU A 687 -7.20 15.68 -4.98
CA LEU A 687 -7.54 14.41 -4.34
C LEU A 687 -7.18 13.22 -5.26
N LEU A 688 -6.27 12.39 -4.77
CA LEU A 688 -5.82 11.19 -5.44
C LEU A 688 -6.40 9.98 -4.71
N ILE A 689 -7.08 9.12 -5.45
CA ILE A 689 -7.63 7.90 -4.86
C ILE A 689 -7.17 6.63 -5.60
N HIS A 690 -6.69 5.61 -4.87
CA HIS A 690 -6.33 4.33 -5.48
C HIS A 690 -6.76 3.17 -4.59
N GLY A 691 -7.28 2.11 -5.23
CA GLY A 691 -7.54 0.84 -4.54
C GLY A 691 -6.23 0.07 -4.40
N THR A 692 -5.92 -0.40 -3.20
CA THR A 692 -4.60 -0.98 -2.96
C THR A 692 -4.36 -2.32 -3.66
N ALA A 693 -5.44 -3.04 -3.97
CA ALA A 693 -5.33 -4.34 -4.61
C ALA A 693 -5.74 -4.32 -6.09
N ASP A 694 -5.58 -3.15 -6.72
CA ASP A 694 -5.80 -2.91 -8.14
C ASP A 694 -4.74 -3.64 -8.93
N ASP A 695 -5.17 -4.63 -9.70
CA ASP A 695 -4.26 -5.38 -10.56
C ASP A 695 -4.10 -4.75 -11.94
N ASN A 696 -5.05 -3.88 -12.31
CA ASN A 696 -5.02 -3.21 -13.60
C ASN A 696 -4.05 -2.02 -13.61
N VAL A 697 -4.51 -0.90 -13.06
CA VAL A 697 -3.65 0.27 -12.88
C VAL A 697 -3.06 0.08 -11.51
N HIS A 698 -1.76 -0.17 -11.44
CA HIS A 698 -1.17 -0.57 -10.16
C HIS A 698 -1.03 0.59 -9.16
N PHE A 699 -1.32 0.30 -7.89
CA PHE A 699 -1.17 1.29 -6.81
C PHE A 699 0.13 2.04 -6.98
N GLN A 700 1.16 1.30 -7.37
CA GLN A 700 2.47 1.84 -7.71
C GLN A 700 2.33 3.19 -8.40
N GLN A 701 1.39 3.27 -9.34
CA GLN A 701 1.23 4.47 -10.14
C GLN A 701 0.92 5.69 -9.27
N SER A 702 -0.12 5.61 -8.45
CA SER A 702 -0.45 6.69 -7.50
C SER A 702 0.58 6.89 -6.39
N ALA A 703 1.27 5.81 -6.00
CA ALA A 703 2.33 5.87 -5.01
C ALA A 703 3.54 6.65 -5.55
N GLN A 704 3.75 6.58 -6.86
CA GLN A 704 4.85 7.31 -7.47
C GLN A 704 4.51 8.79 -7.65
N ILE A 705 3.23 9.09 -7.88
CA ILE A 705 2.71 10.46 -7.92
C ILE A 705 2.80 11.10 -6.55
N SER A 706 2.23 10.41 -5.55
CA SER A 706 2.19 10.95 -4.20
C SER A 706 3.60 11.31 -3.72
N LYS A 707 4.58 10.47 -4.06
CA LYS A 707 5.99 10.74 -3.75
C LYS A 707 6.46 12.03 -4.41
N ALA A 708 6.28 12.13 -5.73
CA ALA A 708 6.73 13.28 -6.51
C ALA A 708 6.29 14.56 -5.87
N LEU A 709 5.03 14.59 -5.42
CA LEU A 709 4.44 15.76 -4.80
C LEU A 709 5.10 16.05 -3.47
N VAL A 710 5.18 15.03 -2.61
CA VAL A 710 5.80 15.18 -1.30
C VAL A 710 7.18 15.82 -1.43
N ASP A 711 7.89 15.43 -2.49
CA ASP A 711 9.26 15.85 -2.73
C ASP A 711 9.40 17.31 -3.07
N VAL A 712 8.46 17.85 -3.83
CA VAL A 712 8.52 19.26 -4.20
C VAL A 712 7.68 20.14 -3.27
N GLY A 713 7.20 19.54 -2.18
CA GLY A 713 6.50 20.25 -1.13
C GLY A 713 5.06 20.63 -1.43
N VAL A 714 4.42 19.95 -2.37
CA VAL A 714 3.02 20.21 -2.67
C VAL A 714 2.15 19.43 -1.69
N ASP A 715 1.14 20.10 -1.13
CA ASP A 715 0.14 19.42 -0.29
C ASP A 715 -1.01 18.97 -1.16
N PHE A 716 -1.55 17.81 -0.82
CA PHE A 716 -2.67 17.24 -1.55
C PHE A 716 -3.48 16.36 -0.59
N GLN A 717 -4.45 15.65 -1.14
CA GLN A 717 -5.26 14.70 -0.38
C GLN A 717 -5.15 13.31 -1.00
N ALA A 718 -5.07 12.30 -0.16
CA ALA A 718 -5.01 10.93 -0.62
C ALA A 718 -6.13 10.13 0.04
N MET A 719 -6.54 9.07 -0.62
CA MET A 719 -7.42 8.10 -0.01
C MET A 719 -7.03 6.79 -0.67
N TRP A 720 -6.46 5.87 0.11
CA TRP A 720 -6.20 4.54 -0.42
C TRP A 720 -7.44 3.76 -0.10
N TYR A 721 -7.65 2.65 -0.82
CA TYR A 721 -8.81 1.78 -0.53
C TYR A 721 -8.44 0.30 -0.35
N THR A 722 -8.23 -0.09 0.90
CA THR A 722 -7.78 -1.43 1.25
C THR A 722 -8.46 -2.53 0.45
N ASP A 723 -7.68 -3.31 -0.28
CA ASP A 723 -8.19 -4.50 -0.97
C ASP A 723 -9.20 -4.24 -2.08
N GLU A 724 -9.53 -2.97 -2.29
CA GLU A 724 -10.34 -2.58 -3.44
C GLU A 724 -9.50 -2.68 -4.67
N ASP A 725 -10.14 -3.10 -5.77
CA ASP A 725 -9.38 -3.25 -6.99
C ASP A 725 -9.61 -2.04 -7.87
N HIS A 726 -9.60 -2.25 -9.19
CA HIS A 726 -9.60 -1.13 -10.10
C HIS A 726 -10.95 -0.45 -10.24
N GLY A 727 -12.01 -1.18 -9.93
CA GLY A 727 -13.35 -0.63 -10.03
C GLY A 727 -13.81 0.01 -8.73
N ILE A 728 -13.07 -0.20 -7.64
CA ILE A 728 -13.48 0.24 -6.30
C ILE A 728 -14.98 0.04 -6.20
N ALA A 729 -15.45 -1.15 -6.56
CA ALA A 729 -16.88 -1.32 -6.72
C ALA A 729 -17.52 -2.17 -5.62
N SER A 730 -16.82 -2.37 -4.51
CA SER A 730 -17.43 -2.95 -3.33
C SER A 730 -18.72 -2.25 -3.08
N SER A 731 -19.72 -2.96 -2.61
CA SER A 731 -20.96 -2.31 -2.18
C SER A 731 -20.61 -1.08 -1.34
N THR A 732 -19.82 -1.28 -0.28
CA THR A 732 -19.49 -0.23 0.68
C THR A 732 -18.49 0.80 0.21
N ALA A 733 -17.50 0.38 -0.58
CA ALA A 733 -16.48 1.32 -1.02
C ALA A 733 -17.07 2.26 -2.07
N HIS A 734 -17.94 1.72 -2.92
CA HIS A 734 -18.61 2.53 -3.91
C HIS A 734 -19.39 3.68 -3.28
N GLN A 735 -20.04 3.41 -2.16
CA GLN A 735 -20.73 4.43 -1.42
C GLN A 735 -19.74 5.42 -0.87
N HIS A 736 -18.77 4.90 -0.14
CA HIS A 736 -17.74 5.69 0.53
C HIS A 736 -16.92 6.59 -0.39
N ILE A 737 -16.51 6.09 -1.54
CA ILE A 737 -15.69 6.91 -2.42
C ILE A 737 -16.46 8.11 -2.99
N TYR A 738 -17.71 7.91 -3.38
CA TYR A 738 -18.54 8.99 -3.91
C TYR A 738 -18.96 9.99 -2.83
N THR A 739 -19.14 9.51 -1.61
CA THR A 739 -19.41 10.40 -0.48
C THR A 739 -18.20 11.30 -0.29
N HIS A 740 -17.04 10.70 -0.02
CA HIS A 740 -15.75 11.39 0.07
C HIS A 740 -15.50 12.42 -1.01
N MET A 741 -15.85 12.09 -2.26
CA MET A 741 -15.56 12.99 -3.38
C MET A 741 -16.50 14.17 -3.36
N SER A 742 -17.77 13.90 -3.07
CA SER A 742 -18.79 14.95 -2.98
C SER A 742 -18.43 15.98 -1.91
N HIS A 743 -18.01 15.50 -0.74
CA HIS A 743 -17.48 16.38 0.27
C HIS A 743 -16.34 17.21 -0.29
N PHE A 744 -15.40 16.58 -0.99
CA PHE A 744 -14.25 17.30 -1.58
C PHE A 744 -14.67 18.40 -2.57
N ILE A 745 -15.64 18.06 -3.42
CA ILE A 745 -16.12 18.95 -4.47
C ILE A 745 -16.96 20.08 -3.87
N LYS A 746 -17.81 19.74 -2.90
CA LYS A 746 -18.64 20.75 -2.28
C LYS A 746 -17.77 21.81 -1.64
N GLN A 747 -16.84 21.36 -0.82
CA GLN A 747 -15.90 22.24 -0.12
C GLN A 747 -14.98 23.06 -1.05
N CYS A 748 -14.47 22.44 -2.11
CA CYS A 748 -13.66 23.15 -3.11
C CYS A 748 -14.50 24.23 -3.84
N PHE A 749 -15.81 24.03 -3.92
CA PHE A 749 -16.72 24.99 -4.54
C PHE A 749 -17.41 25.93 -3.53
N SER A 750 -17.11 25.73 -2.24
CA SER A 750 -17.66 26.48 -1.12
C SER A 750 -19.16 26.28 -0.93
N LEU A 751 -19.64 25.08 -1.26
CA LEU A 751 -21.04 24.74 -1.07
C LEU A 751 -21.27 24.06 0.28
N PRO A 752 -22.17 24.62 1.10
CA PRO A 752 -22.47 24.06 2.43
C PRO A 752 -23.75 23.22 2.45
N ARG B 26 7.78 40.95 18.36
CA ARG B 26 6.46 40.89 17.66
C ARG B 26 6.25 39.63 16.78
N LYS B 27 7.30 38.82 16.59
CA LYS B 27 7.20 37.59 15.80
C LYS B 27 7.06 36.34 16.67
N THR B 28 6.47 35.30 16.10
CA THR B 28 6.20 34.05 16.80
C THR B 28 7.00 32.89 16.18
N TYR B 29 7.02 31.75 16.89
CA TYR B 29 7.62 30.51 16.37
C TYR B 29 6.68 29.92 15.34
N THR B 30 6.99 30.15 14.07
CA THR B 30 6.13 29.73 12.96
C THR B 30 6.31 28.24 12.64
N LEU B 31 5.54 27.75 11.69
CA LEU B 31 5.71 26.39 11.24
C LEU B 31 7.08 26.25 10.61
N THR B 32 7.45 27.19 9.72
CA THR B 32 8.72 27.13 8.98
C THR B 32 9.96 27.23 9.88
N ASP B 33 9.79 27.75 11.09
CA ASP B 33 10.90 27.80 12.04
C ASP B 33 11.21 26.40 12.56
N TYR B 34 10.17 25.61 12.73
CA TYR B 34 10.30 24.22 13.16
C TYR B 34 10.78 23.34 12.01
N LEU B 35 10.18 23.52 10.84
CA LEU B 35 10.51 22.70 9.67
C LEU B 35 11.85 23.05 9.03
N LYS B 36 12.46 24.15 9.45
CA LYS B 36 13.72 24.60 8.85
C LYS B 36 14.85 24.78 9.85
N ASN B 37 14.58 24.45 11.12
CA ASN B 37 15.53 24.59 12.21
C ASN B 37 16.08 25.99 12.35
N THR B 38 15.21 26.99 12.28
CA THR B 38 15.64 28.38 12.35
C THR B 38 16.31 28.68 13.69
N TYR B 39 15.82 28.05 14.75
CA TYR B 39 16.43 28.17 16.07
C TYR B 39 16.97 26.82 16.52
N ARG B 40 18.28 26.64 16.39
CA ARG B 40 18.91 25.34 16.63
C ARG B 40 19.55 25.21 18.03
N LEU B 41 19.18 24.15 18.75
CA LEU B 41 19.77 23.81 20.05
C LEU B 41 21.18 23.22 19.89
N LYS B 42 22.16 23.82 20.56
CA LYS B 42 23.53 23.33 20.49
C LYS B 42 23.77 22.25 21.55
N LEU B 43 24.34 21.15 21.11
CA LEU B 43 24.74 20.07 21.99
C LEU B 43 26.20 20.31 22.39
N TYR B 44 26.76 19.39 23.19
CA TYR B 44 28.20 19.29 23.33
C TYR B 44 28.56 17.81 23.38
N SER B 45 28.72 17.23 22.20
CA SER B 45 28.93 15.80 22.06
C SER B 45 30.40 15.37 22.10
N LEU B 46 30.80 14.76 23.21
CA LEU B 46 32.19 14.33 23.43
C LEU B 46 32.30 12.82 23.68
N ARG B 47 33.52 12.30 23.58
CA ARG B 47 33.79 10.88 23.87
C ARG B 47 35.15 10.67 24.53
N TRP B 48 35.13 10.16 25.77
CA TRP B 48 36.33 9.96 26.59
C TRP B 48 37.27 8.92 26.00
N ILE B 49 38.53 9.30 25.84
CA ILE B 49 39.57 8.42 25.29
C ILE B 49 40.34 7.70 26.40
N SER B 50 40.81 8.46 27.38
CA SER B 50 41.39 7.88 28.59
C SER B 50 40.56 8.35 29.77
N ASP B 51 41.19 8.57 30.91
CA ASP B 51 40.46 8.97 32.11
C ASP B 51 40.44 10.49 32.31
N HIS B 52 41.03 11.21 31.36
CA HIS B 52 41.23 12.65 31.49
C HIS B 52 41.38 13.31 30.12
N GLU B 53 41.10 12.57 29.07
CA GLU B 53 41.20 13.08 27.71
C GLU B 53 39.99 12.63 26.90
N TYR B 54 39.32 13.59 26.26
CA TYR B 54 38.17 13.31 25.38
C TYR B 54 38.28 14.03 24.03
N LEU B 55 37.33 13.78 23.14
CA LEU B 55 37.36 14.36 21.81
C LEU B 55 36.18 15.29 21.56
N TYR B 56 36.37 16.34 20.75
CA TYR B 56 35.25 17.14 20.26
C TYR B 56 35.36 17.61 18.80
N LYS B 57 34.20 17.73 18.14
CA LYS B 57 34.11 18.12 16.73
C LYS B 57 33.86 19.62 16.58
N GLN B 58 34.93 20.39 16.32
CA GLN B 58 34.84 21.82 16.03
C GLN B 58 34.40 22.11 14.59
N GLU B 59 33.13 21.81 14.32
CA GLU B 59 32.52 21.87 12.97
C GLU B 59 33.25 20.98 11.95
N ASN B 60 34.53 21.25 11.74
CA ASN B 60 35.35 20.50 10.79
C ASN B 60 36.53 19.77 11.42
N ASN B 61 36.86 20.13 12.67
CA ASN B 61 38.07 19.61 13.33
C ASN B 61 37.81 18.76 14.57
N ILE B 62 38.64 17.73 14.75
CA ILE B 62 38.61 16.90 15.96
C ILE B 62 39.83 17.22 16.83
N LEU B 63 39.56 17.58 18.08
CA LEU B 63 40.59 17.99 19.03
C LEU B 63 40.65 17.00 20.20
N VAL B 64 41.78 16.96 20.88
CA VAL B 64 41.89 16.25 22.17
C VAL B 64 41.88 17.28 23.29
N PHE B 65 40.72 17.45 23.92
CA PHE B 65 40.58 18.34 25.08
C PHE B 65 41.12 17.62 26.30
N ASN B 66 41.78 18.37 27.19
CA ASN B 66 42.26 17.82 28.44
C ASN B 66 41.24 18.09 29.54
N ALA B 67 41.07 17.12 30.44
CA ALA B 67 40.08 17.21 31.52
C ALA B 67 40.55 18.07 32.69
N GLU B 68 41.84 18.37 32.71
CA GLU B 68 42.40 19.20 33.76
C GLU B 68 42.37 20.70 33.48
N TYR B 69 42.65 21.09 32.23
CA TYR B 69 42.90 22.51 31.92
C TYR B 69 41.97 23.14 30.88
N GLY B 70 41.41 22.32 30.00
CA GLY B 70 40.57 22.82 28.89
C GLY B 70 41.41 23.31 27.72
N ASN B 71 42.66 22.85 27.68
CA ASN B 71 43.55 23.07 26.55
C ASN B 71 43.39 21.93 25.54
N SER B 72 43.28 22.28 24.27
CA SER B 72 43.10 21.27 23.23
C SER B 72 44.10 21.43 22.09
N SER B 73 44.64 20.30 21.66
CA SER B 73 45.52 20.24 20.49
C SER B 73 44.83 19.46 19.40
N VAL B 74 45.01 19.90 18.14
CA VAL B 74 44.34 19.26 17.02
C VAL B 74 44.76 17.79 16.89
N PHE B 75 43.81 16.89 17.13
CA PHE B 75 44.05 15.46 17.03
C PHE B 75 43.93 15.02 15.57
N LEU B 76 42.89 15.50 14.90
CA LEU B 76 42.62 15.14 13.52
C LEU B 76 42.10 16.33 12.73
N GLU B 77 42.91 16.79 11.77
CA GLU B 77 42.54 17.89 10.89
C GLU B 77 41.55 17.44 9.83
N ASN B 78 40.81 18.39 9.28
CA ASN B 78 39.84 18.10 8.22
C ASN B 78 40.52 17.60 6.93
N SER B 79 41.59 18.30 6.53
CA SER B 79 42.32 18.00 5.30
C SER B 79 43.12 16.69 5.36
N THR B 80 42.97 15.94 6.45
CA THR B 80 43.57 14.61 6.59
C THR B 80 42.92 13.62 5.60
N PHE B 81 41.61 13.76 5.39
CA PHE B 81 40.89 12.85 4.49
C PHE B 81 40.23 13.56 3.31
N ASP B 82 40.87 14.62 2.84
CA ASP B 82 40.50 15.26 1.59
C ASP B 82 40.71 14.27 0.44
N GLU B 83 41.85 13.58 0.47
CA GLU B 83 42.25 12.65 -0.58
C GLU B 83 41.50 11.31 -0.56
N PHE B 84 40.73 11.07 0.51
CA PHE B 84 40.02 9.81 0.69
C PHE B 84 39.05 9.50 -0.46
N GLY B 85 38.39 10.53 -0.97
CA GLY B 85 37.45 10.39 -2.09
C GLY B 85 36.03 10.11 -1.65
N HIS B 86 35.87 9.30 -0.60
CA HIS B 86 34.58 8.96 -0.03
C HIS B 86 34.22 9.91 1.09
N SER B 87 32.93 10.09 1.32
CA SER B 87 32.46 10.87 2.46
C SER B 87 32.49 10.00 3.70
N ILE B 88 33.00 10.53 4.81
CA ILE B 88 33.20 9.73 6.03
C ILE B 88 32.08 9.90 7.05
N ASN B 89 31.25 8.85 7.17
CA ASN B 89 30.11 8.84 8.08
C ASN B 89 30.49 8.93 9.57
N ASP B 90 31.31 8.00 10.05
CA ASP B 90 31.79 8.05 11.43
C ASP B 90 33.24 7.57 11.54
N TYR B 91 33.83 7.73 12.72
CA TYR B 91 35.15 7.22 13.03
C TYR B 91 35.13 6.48 14.36
N SER B 92 36.25 5.83 14.68
CA SER B 92 36.39 5.08 15.91
C SER B 92 37.87 4.86 16.20
N ILE B 93 38.29 5.25 17.40
CA ILE B 93 39.68 5.10 17.84
C ILE B 93 39.89 3.75 18.53
N SER B 94 40.97 3.05 18.20
CA SER B 94 41.32 1.83 18.91
C SER B 94 41.78 2.21 20.32
N PRO B 95 41.38 1.44 21.34
CA PRO B 95 41.60 1.74 22.75
C PRO B 95 42.98 2.24 23.13
N ASP B 96 44.03 1.68 22.53
CA ASP B 96 45.40 2.12 22.80
C ASP B 96 45.76 3.45 22.14
N GLY B 97 44.95 3.87 21.18
CA GLY B 97 45.14 5.15 20.51
C GLY B 97 46.10 5.06 19.34
N GLN B 98 46.28 3.86 18.80
CA GLN B 98 47.22 3.62 17.71
C GLN B 98 46.56 3.58 16.34
N PHE B 99 45.29 3.19 16.29
CA PHE B 99 44.57 3.07 15.04
C PHE B 99 43.25 3.81 15.09
N ILE B 100 42.81 4.30 13.93
CA ILE B 100 41.46 4.85 13.79
C ILE B 100 40.68 4.14 12.69
N LEU B 101 39.50 3.67 13.07
CA LEU B 101 38.60 2.98 12.16
C LEU B 101 37.74 4.02 11.47
N LEU B 102 37.63 3.94 10.15
CA LEU B 102 36.83 4.92 9.38
C LEU B 102 35.60 4.26 8.75
N GLU B 103 34.46 4.94 8.87
CA GLU B 103 33.17 4.44 8.39
C GLU B 103 32.68 5.25 7.20
N TYR B 104 32.30 4.57 6.12
CA TYR B 104 31.75 5.23 4.94
C TYR B 104 30.82 4.32 4.16
N ASN B 105 30.25 4.85 3.09
CA ASN B 105 29.15 4.20 2.37
C ASN B 105 28.11 3.68 3.35
N TYR B 106 27.56 4.59 4.15
CA TYR B 106 26.62 4.22 5.20
C TYR B 106 25.24 3.94 4.61
N VAL B 107 24.78 2.70 4.76
CA VAL B 107 23.43 2.35 4.34
C VAL B 107 22.68 1.86 5.56
N LYS B 108 21.62 2.56 5.90
CA LYS B 108 20.80 2.26 7.07
C LYS B 108 19.92 1.06 6.76
N GLN B 109 19.71 0.21 7.77
CA GLN B 109 18.66 -0.80 7.66
C GLN B 109 17.49 -0.43 8.55
N TRP B 110 17.45 -0.98 9.78
CA TRP B 110 16.34 -0.71 10.69
C TRP B 110 16.73 0.33 11.71
N ARG B 111 16.22 0.19 12.93
CA ARG B 111 16.40 1.23 13.94
C ARG B 111 17.84 1.47 14.32
N HIS B 112 18.59 0.38 14.47
CA HIS B 112 20.00 0.47 14.87
C HIS B 112 20.91 -0.11 13.82
N SER B 113 20.43 -1.10 13.09
CA SER B 113 21.23 -1.78 12.07
C SER B 113 21.55 -0.89 10.86
N TYR B 114 22.74 -1.09 10.31
CA TYR B 114 23.15 -0.47 9.06
C TYR B 114 24.25 -1.30 8.41
N THR B 115 24.80 -0.78 7.32
CA THR B 115 25.84 -1.47 6.57
C THR B 115 26.83 -0.45 5.99
N ALA B 116 28.12 -0.71 6.18
CA ALA B 116 29.14 0.24 5.80
C ALA B 116 30.41 -0.40 5.30
N SER B 117 31.12 0.33 4.44
CA SER B 117 32.48 0.03 4.09
C SER B 117 33.38 0.62 5.19
N TYR B 118 34.48 -0.06 5.49
CA TYR B 118 35.40 0.37 6.54
C TYR B 118 36.86 0.42 6.11
N ASP B 119 37.58 1.42 6.61
CA ASP B 119 39.02 1.57 6.40
C ASP B 119 39.75 1.78 7.71
N ILE B 120 40.93 1.18 7.86
CA ILE B 120 41.75 1.39 9.05
C ILE B 120 42.94 2.26 8.66
N TYR B 121 43.18 3.29 9.46
CA TYR B 121 44.25 4.26 9.22
C TYR B 121 45.21 4.21 10.41
N ASP B 122 46.49 3.97 10.13
CA ASP B 122 47.51 3.93 11.18
C ASP B 122 47.85 5.36 11.62
N LEU B 123 47.66 5.62 12.91
CA LEU B 123 47.81 6.97 13.47
C LEU B 123 49.27 7.41 13.62
N ASN B 124 50.15 6.46 13.95
CA ASN B 124 51.57 6.75 14.12
C ASN B 124 52.36 6.79 12.81
N LYS B 125 51.99 5.91 11.88
CA LYS B 125 52.62 5.87 10.55
C LYS B 125 51.92 6.84 9.59
N ARG B 126 50.71 7.26 9.94
CA ARG B 126 49.88 8.20 9.15
C ARG B 126 49.60 7.72 7.72
N GLN B 127 49.02 6.51 7.61
CA GLN B 127 48.70 5.91 6.32
C GLN B 127 47.59 4.86 6.40
N LEU B 128 46.91 4.65 5.29
CA LEU B 128 45.86 3.64 5.17
C LEU B 128 46.44 2.25 5.06
N ILE B 129 45.98 1.34 5.93
CA ILE B 129 46.31 -0.08 5.81
C ILE B 129 45.61 -0.61 4.54
N THR B 130 46.41 -0.95 3.52
CA THR B 130 45.86 -1.35 2.23
C THR B 130 45.89 -2.87 1.96
N GLU B 131 46.27 -3.64 2.98
CA GLU B 131 46.22 -5.11 2.90
C GLU B 131 45.19 -5.71 3.87
N GLU B 132 44.53 -6.78 3.43
CA GLU B 132 43.52 -7.50 4.22
C GLU B 132 42.36 -6.60 4.67
N ARG B 133 42.01 -5.64 3.83
CA ARG B 133 41.01 -4.62 4.15
C ARG B 133 39.65 -5.22 4.49
N ILE B 134 38.94 -4.55 5.40
CA ILE B 134 37.61 -4.96 5.85
C ILE B 134 36.60 -4.89 4.70
N PRO B 135 35.80 -5.96 4.50
CA PRO B 135 34.99 -6.03 3.27
C PRO B 135 33.91 -4.98 3.22
N ASN B 136 33.45 -4.67 2.02
CA ASN B 136 32.26 -3.88 1.81
C ASN B 136 31.07 -4.61 2.42
N ASN B 137 30.02 -3.88 2.77
CA ASN B 137 28.81 -4.45 3.37
C ASN B 137 29.04 -5.18 4.70
N THR B 138 29.90 -4.60 5.52
CA THR B 138 30.15 -5.14 6.85
C THR B 138 29.02 -4.69 7.75
N GLN B 139 28.46 -5.63 8.51
CA GLN B 139 27.25 -5.39 9.30
C GLN B 139 27.56 -4.71 10.63
N TRP B 140 28.69 -5.08 11.22
CA TRP B 140 29.14 -4.49 12.48
C TRP B 140 30.63 -4.70 12.73
N VAL B 141 31.27 -3.69 13.32
CA VAL B 141 32.68 -3.76 13.71
C VAL B 141 32.88 -3.19 15.11
N THR B 142 33.80 -3.77 15.87
CA THR B 142 34.12 -3.26 17.20
C THR B 142 35.55 -3.60 17.61
N TRP B 143 36.25 -2.60 18.16
CA TRP B 143 37.56 -2.83 18.75
C TRP B 143 37.39 -3.62 20.05
N SER B 144 38.42 -4.36 20.44
CA SER B 144 38.44 -5.01 21.74
C SER B 144 38.72 -3.94 22.80
N PRO B 145 38.23 -4.14 24.04
CA PRO B 145 38.25 -3.08 25.06
C PRO B 145 39.62 -2.47 25.29
N VAL B 146 40.66 -3.28 25.15
CA VAL B 146 42.04 -2.79 25.26
C VAL B 146 42.86 -3.22 24.03
N GLY B 147 43.91 -2.47 23.73
CA GLY B 147 44.75 -2.77 22.57
C GLY B 147 44.15 -2.30 21.26
N HIS B 148 44.09 -3.20 20.28
CA HIS B 148 43.60 -2.87 18.94
C HIS B 148 43.16 -4.11 18.16
N LYS B 149 42.55 -5.08 18.85
CA LYS B 149 41.94 -6.23 18.19
C LYS B 149 40.66 -5.80 17.50
N LEU B 150 40.16 -6.64 16.60
CA LEU B 150 39.05 -6.23 15.76
C LEU B 150 38.13 -7.39 15.43
N ALA B 151 36.85 -7.25 15.75
CA ALA B 151 35.85 -8.26 15.38
C ALA B 151 34.77 -7.64 14.51
N TYR B 152 34.55 -8.24 13.34
CA TYR B 152 33.52 -7.76 12.42
C TYR B 152 32.58 -8.88 11.97
N VAL B 153 31.33 -8.50 11.66
CA VAL B 153 30.36 -9.44 11.13
C VAL B 153 30.13 -9.11 9.67
N TRP B 154 30.21 -10.12 8.82
CA TRP B 154 30.05 -9.98 7.38
C TRP B 154 29.35 -11.24 6.87
N ASN B 155 28.38 -11.05 5.99
CA ASN B 155 27.42 -12.09 5.64
C ASN B 155 27.09 -13.00 6.81
N ASN B 156 26.63 -12.38 7.89
CA ASN B 156 26.09 -13.07 9.07
C ASN B 156 27.09 -13.97 9.81
N ASP B 157 28.38 -13.88 9.45
CA ASP B 157 29.42 -14.64 10.12
C ASP B 157 30.44 -13.74 10.81
N ILE B 158 31.10 -14.26 11.85
CA ILE B 158 32.04 -13.45 12.64
C ILE B 158 33.50 -13.70 12.26
N TYR B 159 34.24 -12.60 12.15
CA TYR B 159 35.67 -12.62 11.81
C TYR B 159 36.45 -11.83 12.85
N VAL B 160 37.67 -12.27 13.17
CA VAL B 160 38.53 -11.57 14.12
C VAL B 160 39.88 -11.22 13.50
N LYS B 161 40.26 -9.94 13.63
CA LYS B 161 41.57 -9.45 13.22
C LYS B 161 42.42 -9.14 14.45
N ILE B 162 43.55 -9.83 14.57
CA ILE B 162 44.49 -9.65 15.66
C ILE B 162 45.37 -8.43 15.41
N GLU B 163 45.68 -8.20 14.13
CA GLU B 163 46.41 -6.99 13.70
C GLU B 163 45.77 -6.43 12.43
N PRO B 164 45.50 -5.11 12.41
CA PRO B 164 44.87 -4.37 11.29
C PRO B 164 45.32 -4.74 9.88
N ASN B 165 46.54 -5.26 9.73
CA ASN B 165 47.07 -5.63 8.41
C ASN B 165 47.22 -7.13 8.16
N LEU B 166 46.70 -7.94 9.07
CA LEU B 166 46.78 -9.40 8.94
C LEU B 166 45.43 -10.01 8.61
N PRO B 167 45.43 -11.22 7.99
CA PRO B 167 44.19 -11.94 7.69
C PRO B 167 43.28 -12.06 8.91
N SER B 168 41.98 -12.22 8.67
CA SER B 168 41.05 -12.41 9.77
C SER B 168 40.63 -13.86 9.90
N TYR B 169 40.63 -14.36 11.12
CA TYR B 169 40.13 -15.72 11.39
C TYR B 169 38.60 -15.69 11.40
N ARG B 170 38.00 -16.52 10.57
CA ARG B 170 36.57 -16.68 10.54
C ARG B 170 36.11 -17.65 11.63
N ILE B 171 35.45 -17.12 12.66
CA ILE B 171 35.02 -17.91 13.82
C ILE B 171 33.78 -18.77 13.53
N THR B 172 32.85 -18.25 12.74
CA THR B 172 31.62 -18.98 12.42
C THR B 172 31.51 -19.27 10.93
N TRP B 173 30.75 -20.30 10.61
CA TRP B 173 30.60 -20.79 9.24
C TRP B 173 29.13 -21.00 8.90
N THR B 174 28.29 -21.00 9.93
CA THR B 174 26.86 -21.32 9.80
C THR B 174 25.97 -20.16 9.29
N GLY B 175 26.49 -18.93 9.37
CA GLY B 175 25.76 -17.73 8.98
C GLY B 175 25.13 -17.78 7.60
N LYS B 176 23.82 -17.57 7.55
CA LYS B 176 23.04 -17.56 6.31
C LYS B 176 22.03 -16.44 6.36
N GLU B 177 21.88 -15.74 5.23
CA GLU B 177 21.03 -14.54 5.12
C GLU B 177 19.55 -14.81 5.49
N ASP B 178 18.98 -13.89 6.29
CA ASP B 178 17.59 -13.95 6.75
C ASP B 178 17.25 -15.18 7.60
N ILE B 179 18.26 -15.98 7.94
CA ILE B 179 18.04 -17.23 8.68
C ILE B 179 18.94 -17.42 9.91
N ILE B 180 20.25 -17.39 9.70
CA ILE B 180 21.20 -17.58 10.80
C ILE B 180 21.98 -16.30 11.03
N TYR B 181 21.90 -15.79 12.25
CA TYR B 181 22.60 -14.57 12.61
C TYR B 181 23.65 -14.91 13.66
N ASN B 182 24.93 -14.75 13.30
CA ASN B 182 26.03 -14.96 14.26
C ASN B 182 26.61 -13.61 14.65
N GLY B 183 26.58 -13.28 15.94
CA GLY B 183 27.18 -12.05 16.43
C GLY B 183 26.46 -10.77 16.07
N ILE B 184 25.30 -10.91 15.43
CA ILE B 184 24.36 -9.80 15.22
C ILE B 184 22.94 -10.29 15.49
N THR B 185 22.05 -9.33 15.77
CA THR B 185 20.64 -9.60 16.03
C THR B 185 19.81 -9.69 14.75
N ASP B 186 18.64 -10.29 14.87
CA ASP B 186 17.63 -10.23 13.82
C ASP B 186 16.70 -9.07 14.14
N TRP B 187 15.65 -8.89 13.33
CA TRP B 187 14.72 -7.75 13.53
C TRP B 187 14.24 -7.60 14.97
N VAL B 188 13.54 -8.62 15.47
CA VAL B 188 12.86 -8.54 16.76
C VAL B 188 13.80 -8.42 17.99
N TYR B 189 14.99 -8.99 17.90
CA TYR B 189 15.97 -8.84 18.97
C TYR B 189 16.56 -7.43 18.95
N GLU B 190 16.76 -6.92 17.74
CA GLU B 190 17.29 -5.56 17.55
C GLU B 190 16.35 -4.53 18.14
N GLU B 191 15.09 -4.59 17.70
CA GLU B 191 14.06 -3.62 18.06
C GLU B 191 13.64 -3.70 19.52
N GLU B 192 13.39 -4.92 19.99
CA GLU B 192 12.69 -5.15 21.26
C GLU B 192 13.57 -5.61 22.41
N VAL B 193 14.67 -6.31 22.09
CA VAL B 193 15.51 -6.88 23.15
C VAL B 193 16.80 -6.10 23.42
N PHE B 194 17.72 -6.04 22.45
CA PHE B 194 19.03 -5.45 22.72
C PHE B 194 19.14 -3.95 22.46
N SER B 195 18.30 -3.41 21.58
CA SER B 195 18.44 -2.03 21.07
C SER B 195 19.80 -1.86 20.40
N ALA B 196 20.31 -2.95 19.87
CA ALA B 196 21.52 -2.91 19.07
C ALA B 196 21.44 -3.92 17.92
N TYR B 197 22.16 -3.61 16.84
CA TYR B 197 22.40 -4.59 15.79
C TYR B 197 23.39 -5.64 16.31
N SER B 198 24.42 -5.18 17.01
CA SER B 198 25.49 -6.06 17.45
C SER B 198 25.01 -7.12 18.44
N ALA B 199 25.65 -8.29 18.38
CA ALA B 199 25.50 -9.32 19.41
C ALA B 199 26.85 -9.94 19.74
N LEU B 200 27.86 -9.07 19.94
CA LEU B 200 29.21 -9.49 20.35
C LEU B 200 29.54 -8.83 21.66
N TRP B 201 30.35 -9.50 22.47
CA TRP B 201 30.79 -8.96 23.76
C TRP B 201 32.21 -9.42 24.09
N TRP B 202 33.20 -8.59 23.75
CA TRP B 202 34.58 -8.85 24.18
C TRP B 202 34.66 -8.94 25.71
N SER B 203 35.54 -9.80 26.21
CA SER B 203 35.86 -9.80 27.63
C SER B 203 36.69 -8.54 27.95
N PRO B 204 36.73 -8.14 29.24
CA PRO B 204 37.34 -6.87 29.66
C PRO B 204 38.72 -6.57 29.07
N ASN B 205 39.62 -7.56 29.07
CA ASN B 205 40.98 -7.37 28.52
C ASN B 205 41.19 -7.90 27.09
N GLY B 206 40.11 -8.33 26.45
CA GLY B 206 40.15 -8.73 25.03
C GLY B 206 40.50 -10.16 24.70
N THR B 207 40.58 -11.02 25.72
CA THR B 207 40.90 -12.44 25.53
C THR B 207 39.76 -13.24 24.89
N PHE B 208 38.56 -13.09 25.44
CA PHE B 208 37.40 -13.83 24.98
C PHE B 208 36.44 -12.96 24.18
N LEU B 209 35.83 -13.55 23.16
CA LEU B 209 34.76 -12.89 22.42
C LEU B 209 33.45 -13.66 22.57
N ALA B 210 32.57 -13.13 23.42
CA ALA B 210 31.25 -13.72 23.63
C ALA B 210 30.33 -13.30 22.51
N TYR B 211 29.64 -14.26 21.91
CA TYR B 211 28.68 -13.91 20.86
C TYR B 211 27.40 -14.70 20.97
N ALA B 212 26.36 -14.22 20.31
CA ALA B 212 25.06 -14.88 20.28
C ALA B 212 24.73 -15.33 18.87
N GLN B 213 23.86 -16.32 18.77
CA GLN B 213 23.40 -16.81 17.48
C GLN B 213 21.89 -16.94 17.47
N PHE B 214 21.28 -16.49 16.38
CA PHE B 214 19.83 -16.44 16.27
C PHE B 214 19.32 -17.26 15.09
N ASN B 215 18.47 -18.23 15.39
CA ASN B 215 17.84 -19.05 14.35
C ASN B 215 16.44 -18.50 14.05
N ASP B 216 16.22 -18.12 12.79
CA ASP B 216 14.93 -17.58 12.35
C ASP B 216 14.20 -18.53 11.41
N THR B 217 14.65 -19.79 11.38
CA THR B 217 14.26 -20.74 10.34
C THR B 217 12.76 -20.77 10.09
N GLU B 218 11.98 -20.89 11.15
CA GLU B 218 10.52 -20.96 11.04
C GLU B 218 9.77 -19.66 11.34
N VAL B 219 10.51 -18.57 11.58
CA VAL B 219 9.89 -17.27 11.82
C VAL B 219 9.26 -16.83 10.51
N PRO B 220 7.95 -16.45 10.55
CA PRO B 220 7.22 -16.03 9.35
C PRO B 220 7.74 -14.72 8.77
N LEU B 221 7.46 -14.49 7.49
CA LEU B 221 7.87 -13.26 6.84
C LEU B 221 6.77 -12.18 6.75
N ILE B 222 7.12 -10.95 7.09
CA ILE B 222 6.26 -9.83 6.73
C ILE B 222 6.67 -9.45 5.32
N GLU B 223 5.68 -9.22 4.46
CA GLU B 223 5.94 -8.84 3.07
C GLU B 223 5.28 -7.49 2.74
N TYR B 224 5.98 -6.68 1.94
CA TYR B 224 5.44 -5.40 1.51
C TYR B 224 6.12 -4.86 0.27
N SER B 225 5.41 -4.04 -0.48
CA SER B 225 5.97 -3.44 -1.67
C SER B 225 7.03 -2.42 -1.30
N PHE B 226 7.96 -2.16 -2.20
CA PHE B 226 8.81 -0.99 -2.12
C PHE B 226 8.79 -0.39 -3.52
N TYR B 227 8.33 0.84 -3.64
CA TYR B 227 8.08 1.34 -4.97
C TYR B 227 9.34 1.96 -5.55
N SER B 228 10.21 2.43 -4.66
CA SER B 228 11.54 2.92 -5.03
C SER B 228 11.50 4.14 -5.96
N ASP B 229 12.63 4.44 -6.61
CA ASP B 229 12.71 5.53 -7.58
C ASP B 229 11.75 5.29 -8.70
N GLU B 230 11.35 6.37 -9.35
CA GLU B 230 10.37 6.33 -10.41
C GLU B 230 10.89 5.51 -11.58
N SER B 231 12.21 5.32 -11.61
CA SER B 231 12.87 4.55 -12.65
C SER B 231 12.78 3.04 -12.46
N LEU B 232 12.20 2.57 -11.35
CA LEU B 232 12.02 1.14 -11.12
C LEU B 232 10.67 0.77 -11.68
N GLN B 233 10.64 -0.16 -12.64
CA GLN B 233 9.39 -0.46 -13.35
C GLN B 233 8.43 -1.36 -12.59
N TYR B 234 8.97 -2.30 -11.81
CA TYR B 234 8.13 -3.23 -11.05
C TYR B 234 8.44 -2.98 -9.58
N PRO B 235 7.41 -2.70 -8.76
CA PRO B 235 7.73 -2.59 -7.33
C PRO B 235 8.44 -3.84 -6.81
N LYS B 236 9.42 -3.64 -5.93
CA LYS B 236 10.14 -4.69 -5.25
C LYS B 236 9.28 -5.18 -4.09
N THR B 237 9.53 -6.39 -3.59
CA THR B 237 8.80 -6.88 -2.41
C THR B 237 9.78 -7.17 -1.29
N VAL B 238 9.62 -6.49 -0.17
CA VAL B 238 10.49 -6.73 0.98
C VAL B 238 9.96 -7.90 1.80
N ARG B 239 10.86 -8.74 2.30
CA ARG B 239 10.49 -9.91 3.11
C ARG B 239 11.34 -9.97 4.35
N VAL B 240 10.78 -9.65 5.51
CA VAL B 240 11.53 -9.71 6.77
C VAL B 240 10.98 -10.76 7.74
N PRO B 241 11.85 -11.65 8.24
CA PRO B 241 11.47 -12.52 9.35
C PRO B 241 11.00 -11.66 10.51
N TYR B 242 9.72 -11.81 10.86
CA TYR B 242 9.11 -10.93 11.85
C TYR B 242 8.03 -11.70 12.60
N PRO B 243 8.25 -11.97 13.90
CA PRO B 243 7.24 -12.70 14.67
C PRO B 243 6.17 -11.79 15.22
N LYS B 244 4.97 -11.83 14.62
CA LYS B 244 3.82 -11.16 15.21
C LYS B 244 3.35 -11.93 16.47
N ALA B 245 2.51 -11.30 17.28
CA ALA B 245 2.06 -11.87 18.54
C ALA B 245 1.68 -13.34 18.36
N GLY B 246 2.28 -14.20 19.17
CA GLY B 246 1.89 -15.61 19.19
C GLY B 246 2.49 -16.50 18.13
N ALA B 247 3.16 -15.91 17.12
CA ALA B 247 3.77 -16.70 16.05
C ALA B 247 5.10 -17.30 16.49
N VAL B 248 5.78 -18.02 15.60
CA VAL B 248 7.03 -18.71 15.95
C VAL B 248 8.16 -17.70 16.13
N ASN B 249 8.79 -17.72 17.30
CA ASN B 249 9.88 -16.79 17.64
C ASN B 249 11.24 -17.21 17.08
N PRO B 250 12.19 -16.27 16.99
CA PRO B 250 13.57 -16.73 16.78
C PRO B 250 14.08 -17.52 17.99
N THR B 251 15.04 -18.40 17.76
CA THR B 251 15.66 -19.16 18.84
C THR B 251 17.12 -18.75 18.97
N VAL B 252 17.70 -18.95 20.16
CA VAL B 252 19.01 -18.36 20.46
C VAL B 252 19.99 -19.27 21.19
N LYS B 253 21.23 -19.26 20.73
CA LYS B 253 22.34 -19.95 21.38
C LYS B 253 23.46 -18.96 21.70
N PHE B 254 24.26 -19.26 22.72
CA PHE B 254 25.29 -18.35 23.17
C PHE B 254 26.64 -19.03 23.22
N PHE B 255 27.65 -18.33 22.71
CA PHE B 255 28.99 -18.89 22.57
C PHE B 255 30.09 -17.94 23.05
N VAL B 256 31.18 -18.52 23.51
CA VAL B 256 32.38 -17.76 23.87
C VAL B 256 33.60 -18.38 23.20
N VAL B 257 34.35 -17.56 22.47
CA VAL B 257 35.55 -18.02 21.79
C VAL B 257 36.78 -17.33 22.34
N ASN B 258 37.89 -18.07 22.45
CA ASN B 258 39.13 -17.56 23.00
C ASN B 258 40.08 -17.05 21.92
N THR B 259 40.07 -15.73 21.72
CA THR B 259 40.80 -15.05 20.63
C THR B 259 42.32 -15.17 20.69
N ASP B 260 42.86 -15.30 21.89
CA ASP B 260 44.31 -15.39 22.07
C ASP B 260 44.89 -16.67 21.50
N SER B 261 44.11 -17.75 21.52
CA SER B 261 44.56 -19.02 20.94
C SER B 261 43.83 -19.33 19.63
N LEU B 262 43.76 -18.34 18.74
CA LEU B 262 43.23 -18.54 17.39
C LEU B 262 44.34 -19.03 16.47
N SER B 263 44.00 -20.00 15.62
CA SER B 263 45.00 -20.63 14.75
C SER B 263 44.77 -20.37 13.26
N SER B 264 45.87 -20.30 12.50
CA SER B 264 45.83 -20.15 11.05
C SER B 264 45.32 -21.44 10.41
N VAL B 265 45.73 -22.57 11.00
CA VAL B 265 45.59 -23.91 10.41
C VAL B 265 44.30 -24.63 10.82
N THR B 266 43.87 -24.48 12.08
CA THR B 266 42.64 -25.13 12.54
C THR B 266 41.55 -24.11 12.84
N ASN B 267 40.32 -24.44 12.47
CA ASN B 267 39.14 -23.63 12.78
C ASN B 267 39.00 -23.34 14.28
N ALA B 268 38.55 -22.13 14.60
CA ALA B 268 38.41 -21.72 15.99
C ALA B 268 37.19 -22.34 16.66
N THR B 269 37.42 -22.92 17.83
CA THR B 269 36.39 -23.65 18.59
C THR B 269 35.64 -22.75 19.58
N SER B 270 34.31 -22.65 19.39
CA SER B 270 33.49 -21.75 20.21
C SER B 270 32.68 -22.48 21.28
N ILE B 271 33.06 -22.28 22.54
CA ILE B 271 32.41 -22.93 23.69
C ILE B 271 30.99 -22.39 23.92
N GLN B 272 30.01 -23.28 23.89
CA GLN B 272 28.62 -22.89 24.10
C GLN B 272 28.25 -22.89 25.57
N ILE B 273 27.69 -21.79 26.04
CA ILE B 273 27.02 -21.78 27.33
C ILE B 273 25.52 -22.01 27.08
N THR B 274 25.00 -23.11 27.62
CA THR B 274 23.60 -23.47 27.42
C THR B 274 22.71 -22.74 28.41
N ALA B 275 21.46 -22.49 28.00
CA ALA B 275 20.46 -21.89 28.86
C ALA B 275 20.12 -22.82 30.04
N PRO B 276 19.74 -22.26 31.20
CA PRO B 276 19.39 -23.06 32.38
C PRO B 276 18.14 -23.93 32.19
N ALA B 277 18.08 -25.01 32.99
CA ALA B 277 16.97 -25.97 32.99
C ALA B 277 15.59 -25.29 32.85
N SER B 278 15.29 -24.40 33.79
CA SER B 278 14.01 -23.68 33.85
C SER B 278 13.67 -22.86 32.60
N MET B 279 14.69 -22.52 31.81
CA MET B 279 14.50 -21.71 30.60
C MET B 279 14.32 -22.56 29.35
N LEU B 280 14.89 -23.76 29.38
CA LEU B 280 14.85 -24.66 28.22
C LEU B 280 13.50 -25.34 28.05
N ILE B 281 12.83 -25.62 29.16
CA ILE B 281 11.50 -26.26 29.16
C ILE B 281 10.49 -25.62 28.18
N GLY B 282 10.72 -24.36 27.80
CA GLY B 282 9.84 -23.66 26.87
C GLY B 282 10.56 -22.60 26.04
N ASP B 283 9.78 -21.76 25.35
CA ASP B 283 10.34 -20.63 24.61
C ASP B 283 10.95 -19.59 25.54
N HIS B 284 12.12 -19.08 25.17
CA HIS B 284 12.83 -18.14 26.02
C HIS B 284 13.67 -17.13 25.24
N TYR B 285 14.22 -16.16 25.96
CA TYR B 285 15.06 -15.13 25.34
C TYR B 285 16.38 -15.02 26.08
N LEU B 286 17.43 -14.73 25.32
CA LEU B 286 18.65 -14.19 25.89
C LEU B 286 18.43 -12.67 25.91
N CYS B 287 18.42 -12.09 27.10
CA CYS B 287 18.04 -10.69 27.23
C CYS B 287 19.11 -9.78 27.82
N ASP B 288 20.25 -10.35 28.24
CA ASP B 288 21.35 -9.57 28.81
C ASP B 288 22.66 -10.33 28.95
N VAL B 289 23.73 -9.76 28.40
CA VAL B 289 25.09 -10.33 28.52
C VAL B 289 26.05 -9.32 29.14
N THR B 290 26.65 -9.67 30.28
CA THR B 290 27.53 -8.76 30.97
C THR B 290 28.75 -9.48 31.55
N TRP B 291 29.93 -9.03 31.15
CA TRP B 291 31.19 -9.53 31.69
C TRP B 291 31.43 -8.98 33.10
N ALA B 292 31.73 -9.87 34.05
CA ALA B 292 32.03 -9.43 35.40
C ALA B 292 33.53 -9.16 35.57
N THR B 293 34.34 -10.19 35.31
CA THR B 293 35.79 -10.05 35.30
C THR B 293 36.35 -10.69 34.02
N GLN B 294 37.66 -10.91 33.99
CA GLN B 294 38.34 -11.54 32.84
C GLN B 294 37.80 -12.93 32.50
N GLU B 295 37.39 -13.66 33.55
CA GLU B 295 36.99 -15.06 33.45
C GLU B 295 35.58 -15.29 33.97
N ARG B 296 34.82 -14.19 34.10
CA ARG B 296 33.47 -14.25 34.64
C ARG B 296 32.48 -13.50 33.74
N ILE B 297 31.36 -14.16 33.46
CA ILE B 297 30.33 -13.59 32.58
C ILE B 297 28.93 -13.91 33.11
N SER B 298 28.02 -12.93 32.98
CA SER B 298 26.67 -13.08 33.49
C SER B 298 25.63 -13.02 32.38
N LEU B 299 24.79 -14.05 32.33
CA LEU B 299 23.72 -14.17 31.34
C LEU B 299 22.36 -14.03 32.01
N GLN B 300 21.46 -13.30 31.36
CA GLN B 300 20.09 -13.19 31.87
C GLN B 300 19.10 -13.72 30.85
N TRP B 301 18.45 -14.81 31.22
CA TRP B 301 17.47 -15.43 30.35
C TRP B 301 16.07 -15.04 30.78
N LEU B 302 15.19 -14.88 29.79
CA LEU B 302 13.81 -14.50 30.04
C LEU B 302 12.89 -15.54 29.43
N ARG B 303 11.81 -15.89 30.13
CA ARG B 303 10.76 -16.71 29.56
C ARG B 303 9.89 -15.93 28.60
N ARG B 304 9.34 -16.62 27.59
CA ARG B 304 8.44 -15.99 26.63
C ARG B 304 7.24 -15.35 27.35
N ILE B 305 6.78 -16.02 28.40
CA ILE B 305 5.87 -15.41 29.36
C ILE B 305 6.76 -14.56 30.27
N GLN B 306 6.82 -13.26 29.97
CA GLN B 306 7.86 -12.37 30.49
C GLN B 306 7.71 -11.92 31.96
N ASN B 307 7.44 -12.88 32.84
CA ASN B 307 7.36 -12.62 34.28
C ASN B 307 8.39 -13.42 35.10
N TYR B 308 9.12 -14.30 34.42
CA TYR B 308 10.14 -15.14 35.07
C TYR B 308 11.45 -15.04 34.31
N SER B 309 12.49 -14.56 34.98
CA SER B 309 13.81 -14.49 34.36
C SER B 309 14.85 -15.12 35.28
N VAL B 310 15.89 -15.71 34.69
CA VAL B 310 17.01 -16.29 35.44
C VAL B 310 18.32 -15.65 35.02
N MET B 311 19.19 -15.39 35.99
CA MET B 311 20.53 -14.89 35.70
C MET B 311 21.57 -15.94 36.04
N ASP B 312 22.23 -16.45 35.00
CA ASP B 312 23.34 -17.39 35.17
C ASP B 312 24.66 -16.64 35.23
N ILE B 313 25.55 -17.08 36.12
CA ILE B 313 26.90 -16.54 36.23
C ILE B 313 27.89 -17.64 35.91
N CYS B 314 28.60 -17.46 34.81
CA CYS B 314 29.47 -18.50 34.28
C CYS B 314 30.94 -18.13 34.44
N ASP B 315 31.69 -19.06 35.02
CA ASP B 315 33.13 -18.90 35.15
C ASP B 315 33.86 -19.81 34.14
N TYR B 316 35.13 -19.41 33.87
CA TYR B 316 36.00 -20.17 33.00
C TYR B 316 36.83 -21.21 33.78
N ASP B 317 36.80 -22.46 33.30
CA ASP B 317 37.62 -23.54 33.85
C ASP B 317 38.88 -23.66 33.01
N GLU B 318 40.03 -23.49 33.66
CA GLU B 318 41.33 -23.51 33.00
C GLU B 318 41.67 -24.86 32.36
N SER B 319 41.59 -25.93 33.15
CA SER B 319 41.86 -27.27 32.66
C SER B 319 40.87 -27.69 31.57
N SER B 320 39.58 -27.42 31.78
CA SER B 320 38.55 -27.77 30.81
C SER B 320 38.71 -27.03 29.49
N GLY B 321 38.96 -25.73 29.58
CA GLY B 321 38.83 -24.85 28.43
C GLY B 321 37.38 -24.51 28.16
N ARG B 322 36.49 -24.96 29.06
CA ARG B 322 35.04 -24.69 28.95
C ARG B 322 34.53 -23.77 30.07
N TRP B 323 33.32 -23.25 29.88
CA TRP B 323 32.68 -22.38 30.87
C TRP B 323 31.69 -23.17 31.72
N ASN B 324 31.69 -22.92 33.04
CA ASN B 324 30.77 -23.59 33.96
C ASN B 324 30.02 -22.61 34.87
N CYS B 325 28.69 -22.65 34.81
CA CYS B 325 27.86 -21.78 35.64
C CYS B 325 27.22 -22.60 36.75
N LEU B 326 27.74 -22.43 37.96
CA LEU B 326 27.18 -23.09 39.15
C LEU B 326 25.71 -22.75 39.33
N VAL B 327 24.89 -23.79 39.53
CA VAL B 327 23.46 -23.61 39.80
C VAL B 327 23.27 -22.70 41.02
N ALA B 328 24.05 -22.95 42.07
CA ALA B 328 24.01 -22.15 43.30
C ALA B 328 24.36 -20.67 43.12
N ARG B 329 24.62 -20.25 41.88
CA ARG B 329 24.88 -18.84 41.56
C ARG B 329 23.82 -18.23 40.64
N GLN B 330 22.76 -18.98 40.36
CA GLN B 330 21.63 -18.47 39.61
C GLN B 330 20.86 -17.47 40.44
N HIS B 331 20.27 -16.48 39.79
CA HIS B 331 19.38 -15.55 40.49
C HIS B 331 18.11 -15.34 39.68
N ILE B 332 16.98 -15.46 40.36
CA ILE B 332 15.68 -15.29 39.74
C ILE B 332 15.14 -13.88 39.93
N GLU B 333 14.90 -13.18 38.81
CA GLU B 333 14.13 -11.94 38.85
C GLU B 333 12.75 -12.21 38.24
N MET B 334 11.74 -12.24 39.10
CA MET B 334 10.37 -12.55 38.68
C MET B 334 9.36 -11.54 39.26
N SER B 335 8.17 -11.47 38.67
CA SER B 335 7.15 -10.50 39.10
C SER B 335 5.74 -11.09 39.11
N THR B 336 5.08 -10.95 40.25
CA THR B 336 3.73 -11.46 40.43
C THR B 336 2.68 -10.60 39.72
N THR B 337 2.94 -9.30 39.61
CA THR B 337 1.93 -8.33 39.15
C THR B 337 2.07 -7.91 37.69
N GLY B 338 3.09 -8.42 37.00
CA GLY B 338 3.28 -8.12 35.59
C GLY B 338 4.62 -8.56 35.06
N TRP B 339 5.10 -7.89 34.02
CA TRP B 339 6.37 -8.22 33.39
C TRP B 339 7.60 -7.76 34.21
N VAL B 340 8.72 -8.48 34.05
CA VAL B 340 9.95 -8.18 34.78
C VAL B 340 10.78 -7.11 34.06
N GLY B 341 11.25 -6.14 34.84
CA GLY B 341 11.99 -4.99 34.30
C GLY B 341 11.07 -3.91 33.72
N ARG B 342 11.64 -2.76 33.38
CA ARG B 342 10.85 -1.69 32.77
C ARG B 342 10.48 -2.04 31.33
N PHE B 343 11.47 -2.50 30.56
CA PHE B 343 11.24 -2.97 29.20
C PHE B 343 11.97 -4.29 28.98
N ARG B 344 12.99 -4.50 29.81
CA ARG B 344 13.75 -5.73 29.87
C ARG B 344 14.33 -5.75 31.29
N PRO B 345 14.71 -6.94 31.78
CA PRO B 345 15.33 -6.93 33.11
C PRO B 345 16.55 -6.02 33.16
N SER B 346 16.91 -5.58 34.36
CA SER B 346 18.06 -4.68 34.57
C SER B 346 19.40 -5.36 34.30
N GLU B 347 20.41 -4.57 33.96
CA GLU B 347 21.75 -5.12 33.82
C GLU B 347 22.44 -5.05 35.18
N PRO B 348 23.41 -5.96 35.43
CA PRO B 348 24.20 -5.93 36.65
C PRO B 348 25.47 -5.06 36.55
N HIS B 349 25.85 -4.44 37.67
CA HIS B 349 27.11 -3.70 37.77
C HIS B 349 27.96 -4.31 38.88
N PHE B 350 28.98 -5.06 38.46
CA PHE B 350 29.84 -5.84 39.35
C PHE B 350 30.95 -5.02 39.98
N THR B 351 31.23 -5.30 41.25
CA THR B 351 32.45 -4.81 41.89
C THR B 351 33.65 -5.35 41.11
N LEU B 352 34.83 -4.76 41.34
CA LEU B 352 36.03 -5.11 40.57
C LEU B 352 36.38 -6.59 40.64
N ASP B 353 36.37 -7.14 41.85
CA ASP B 353 36.72 -8.55 42.09
C ASP B 353 35.68 -9.54 41.56
N GLY B 354 34.51 -9.02 41.20
CA GLY B 354 33.45 -9.80 40.56
C GLY B 354 32.74 -10.78 41.48
N ASN B 355 32.80 -10.53 42.78
CA ASN B 355 32.10 -11.37 43.76
C ASN B 355 30.80 -10.74 44.27
N SER B 356 30.44 -9.59 43.67
CA SER B 356 29.36 -8.77 44.17
C SER B 356 28.88 -7.85 43.07
N PHE B 357 27.57 -7.66 42.94
CA PHE B 357 27.05 -6.76 41.93
C PHE B 357 25.84 -5.95 42.40
N TYR B 358 25.53 -4.91 41.64
CA TYR B 358 24.39 -4.06 41.91
C TYR B 358 23.45 -4.07 40.71
N LYS B 359 22.15 -4.14 40.96
CA LYS B 359 21.16 -3.89 39.90
C LYS B 359 19.86 -3.25 40.41
N ILE B 360 19.03 -2.82 39.47
CA ILE B 360 17.77 -2.16 39.78
C ILE B 360 16.60 -3.15 39.67
N ILE B 361 16.06 -3.53 40.82
CA ILE B 361 14.85 -4.38 40.88
C ILE B 361 13.71 -3.68 41.62
N SER B 362 12.50 -4.22 41.54
CA SER B 362 11.38 -3.68 42.31
C SER B 362 11.55 -4.05 43.77
N ASN B 363 11.36 -3.08 44.67
CA ASN B 363 11.30 -3.45 46.10
C ASN B 363 9.93 -3.99 46.48
N GLU B 364 9.81 -4.45 47.71
CA GLU B 364 8.58 -5.08 48.16
C GLU B 364 7.34 -4.19 48.08
N GLU B 365 7.54 -2.87 48.04
CA GLU B 365 6.43 -1.95 47.86
C GLU B 365 6.25 -1.52 46.40
N GLY B 366 7.00 -2.14 45.50
CA GLY B 366 6.81 -1.97 44.05
C GLY B 366 7.58 -0.87 43.36
N TYR B 367 8.49 -0.20 44.06
CA TYR B 367 9.32 0.85 43.47
C TYR B 367 10.72 0.37 43.13
N ARG B 368 11.19 0.76 41.94
CA ARG B 368 12.50 0.34 41.45
C ARG B 368 13.66 1.05 42.14
N HIS B 369 14.46 0.26 42.87
CA HIS B 369 15.65 0.73 43.56
C HIS B 369 16.86 -0.20 43.40
N ILE B 370 18.00 0.20 43.97
CA ILE B 370 19.26 -0.52 43.80
C ILE B 370 19.44 -1.60 44.86
N CYS B 371 19.50 -2.85 44.41
CA CYS B 371 19.78 -3.95 45.32
C CYS B 371 21.24 -4.37 45.22
N TYR B 372 21.88 -4.50 46.38
CA TYR B 372 23.23 -5.01 46.49
C TYR B 372 23.20 -6.53 46.58
N PHE B 373 23.62 -7.17 45.51
CA PHE B 373 23.63 -8.62 45.41
C PHE B 373 25.00 -9.15 45.75
N GLN B 374 25.02 -10.33 46.34
CA GLN B 374 26.25 -11.02 46.67
C GLN B 374 26.28 -12.33 45.87
N ILE B 375 27.33 -12.50 45.06
CA ILE B 375 27.44 -13.57 44.05
C ILE B 375 26.87 -14.94 44.44
N ASP B 376 27.07 -15.33 45.69
CA ASP B 376 26.79 -16.70 46.14
C ASP B 376 25.49 -16.91 46.92
N LYS B 377 24.73 -15.84 47.16
CA LYS B 377 23.49 -15.95 47.94
C LYS B 377 22.24 -15.41 47.21
N LYS B 378 21.08 -15.93 47.61
CA LYS B 378 19.80 -15.57 47.02
C LYS B 378 19.35 -14.15 47.40
N ASP B 379 19.17 -13.91 48.70
CA ASP B 379 18.70 -12.62 49.21
C ASP B 379 19.68 -11.48 48.91
N CYS B 380 19.17 -10.39 48.35
CA CYS B 380 19.96 -9.18 48.21
C CYS B 380 19.40 -8.11 49.12
N THR B 381 20.28 -7.20 49.52
CA THR B 381 19.89 -6.07 50.36
C THR B 381 19.80 -4.78 49.54
N PHE B 382 18.73 -4.03 49.75
CA PHE B 382 18.52 -2.76 49.04
C PHE B 382 19.36 -1.64 49.67
N ILE B 383 19.92 -0.78 48.82
CA ILE B 383 20.75 0.33 49.27
C ILE B 383 20.02 1.69 49.18
N THR B 384 19.00 1.76 48.31
CA THR B 384 18.10 2.93 48.25
C THR B 384 16.65 2.47 48.36
N LYS B 385 15.77 3.40 48.74
CA LYS B 385 14.39 3.09 49.13
C LYS B 385 13.46 4.28 48.91
N GLY B 386 12.15 4.02 48.84
CA GLY B 386 11.16 5.09 48.91
C GLY B 386 10.15 5.20 47.78
N THR B 387 9.29 6.22 47.89
CA THR B 387 8.25 6.47 46.88
C THR B 387 8.78 7.35 45.74
N TRP B 388 9.68 6.76 44.96
CA TRP B 388 10.33 7.36 43.79
C TRP B 388 11.26 6.28 43.24
N GLU B 389 11.72 6.45 42.01
CA GLU B 389 12.50 5.37 41.37
C GLU B 389 13.91 5.76 40.90
N VAL B 390 14.85 4.82 41.10
CA VAL B 390 16.17 4.88 40.52
C VAL B 390 16.04 4.61 39.02
N ILE B 391 16.51 5.54 38.19
CA ILE B 391 16.42 5.41 36.73
C ILE B 391 17.50 4.50 36.18
N GLY B 392 18.77 4.78 36.53
CA GLY B 392 19.88 3.96 36.06
C GLY B 392 21.08 3.96 36.99
N ILE B 393 21.96 2.98 36.82
CA ILE B 393 23.27 3.00 37.47
C ILE B 393 24.30 3.48 36.46
N GLU B 394 25.07 4.50 36.83
CA GLU B 394 25.89 5.23 35.86
C GLU B 394 27.39 4.89 35.89
N ALA B 395 27.90 4.61 37.08
CA ALA B 395 29.26 4.09 37.27
C ALA B 395 29.44 3.74 38.73
N LEU B 396 30.23 2.70 38.99
CA LEU B 396 30.63 2.43 40.37
C LEU B 396 32.15 2.37 40.50
N THR B 397 32.66 2.97 41.57
CA THR B 397 34.07 2.85 41.92
C THR B 397 34.17 1.98 43.17
N SER B 398 35.38 1.84 43.70
CA SER B 398 35.56 1.10 44.94
C SER B 398 35.01 1.87 46.14
N ASP B 399 34.64 3.13 45.93
CA ASP B 399 34.19 4.03 47.00
C ASP B 399 32.74 4.49 46.87
N TYR B 400 32.29 4.67 45.64
CA TYR B 400 30.98 5.24 45.39
C TYR B 400 30.21 4.53 44.28
N LEU B 401 28.88 4.54 44.42
CA LEU B 401 27.97 4.14 43.36
C LEU B 401 27.28 5.42 42.88
N TYR B 402 27.33 5.66 41.58
CA TYR B 402 26.73 6.86 40.98
C TYR B 402 25.48 6.50 40.19
N TYR B 403 24.35 7.11 40.56
CA TYR B 403 23.07 6.79 39.93
C TYR B 403 22.22 8.03 39.66
N ILE B 404 21.27 7.88 38.74
CA ILE B 404 20.25 8.90 38.47
C ILE B 404 18.87 8.46 39.02
N SER B 405 18.15 9.38 39.64
CA SER B 405 16.78 9.12 40.06
C SER B 405 15.89 10.35 39.94
N ASN B 406 14.59 10.17 40.19
CA ASN B 406 13.65 11.26 40.11
C ASN B 406 13.14 11.70 41.48
N GLU B 407 13.92 11.38 42.51
CA GLU B 407 13.56 11.71 43.89
C GLU B 407 13.33 13.21 44.15
N TYR B 408 14.20 14.06 43.57
CA TYR B 408 14.18 15.50 43.85
C TYR B 408 12.80 16.14 43.69
N LYS B 409 12.35 16.82 44.74
CA LYS B 409 11.04 17.48 44.83
C LYS B 409 9.86 16.57 44.46
N GLY B 410 10.05 15.27 44.68
CA GLY B 410 9.04 14.25 44.38
C GLY B 410 8.54 14.30 42.94
N MET B 411 9.42 14.69 42.02
CA MET B 411 9.02 14.89 40.64
C MET B 411 9.41 13.71 39.76
N PRO B 412 8.43 12.88 39.38
CA PRO B 412 8.72 11.72 38.55
C PRO B 412 9.40 12.10 37.24
N GLY B 413 9.20 13.34 36.81
CA GLY B 413 9.67 13.81 35.50
C GLY B 413 10.98 14.57 35.53
N GLY B 414 11.55 14.67 36.73
CA GLY B 414 12.90 15.22 36.89
C GLY B 414 13.96 14.14 36.89
N ARG B 415 15.17 14.51 36.50
CA ARG B 415 16.31 13.61 36.54
C ARG B 415 17.50 14.27 37.23
N ASN B 416 18.02 13.63 38.27
CA ASN B 416 19.17 14.17 38.97
C ASN B 416 20.21 13.11 39.30
N LEU B 417 21.48 13.53 39.35
CA LEU B 417 22.58 12.62 39.68
C LEU B 417 22.81 12.57 41.18
N TYR B 418 22.92 11.36 41.72
CA TYR B 418 23.17 11.15 43.13
C TYR B 418 24.36 10.22 43.27
N LYS B 419 25.23 10.51 44.24
CA LYS B 419 26.31 9.60 44.61
C LYS B 419 25.98 8.98 45.96
N ILE B 420 26.21 7.68 46.09
CA ILE B 420 25.99 7.00 47.35
C ILE B 420 27.29 6.38 47.85
N GLN B 421 27.57 6.56 49.13
CA GLN B 421 28.76 6.01 49.77
C GLN B 421 28.60 4.50 50.00
N LEU B 422 29.58 3.72 49.55
CA LEU B 422 29.55 2.26 49.69
C LEU B 422 29.82 1.79 51.12
N SER B 423 30.44 2.64 51.92
CA SER B 423 30.70 2.31 53.32
C SER B 423 29.57 2.77 54.25
N ASP B 424 28.61 3.53 53.71
CA ASP B 424 27.46 4.01 54.48
C ASP B 424 26.33 4.38 53.55
N TYR B 425 25.27 3.56 53.56
CA TYR B 425 24.14 3.72 52.65
C TYR B 425 23.26 4.95 52.94
N THR B 426 23.44 5.55 54.12
CA THR B 426 22.71 6.77 54.47
C THR B 426 23.32 7.99 53.80
N LYS B 427 24.65 8.02 53.69
CA LYS B 427 25.37 9.15 53.10
C LYS B 427 25.20 9.21 51.58
N VAL B 428 24.19 9.96 51.16
CA VAL B 428 23.81 10.11 49.76
C VAL B 428 23.79 11.59 49.41
N THR B 429 24.68 11.99 48.50
CA THR B 429 24.78 13.40 48.08
C THR B 429 24.09 13.59 46.75
N CYS B 430 23.34 14.69 46.61
CA CYS B 430 22.88 15.09 45.27
C CYS B 430 23.89 16.01 44.62
N LEU B 431 24.33 15.63 43.41
CA LEU B 431 25.41 16.32 42.72
C LEU B 431 24.92 17.34 41.71
N SER B 432 23.62 17.29 41.40
CA SER B 432 23.05 18.07 40.30
C SER B 432 21.84 18.93 40.70
N CYS B 433 21.12 18.50 41.72
CA CYS B 433 19.91 19.18 42.21
C CYS B 433 20.08 20.69 42.34
N GLU B 434 21.11 21.11 43.07
CA GLU B 434 21.28 22.50 43.45
C GLU B 434 22.14 23.34 42.51
N LEU B 435 22.75 22.69 41.51
CA LEU B 435 23.62 23.40 40.55
C LEU B 435 22.95 24.63 39.97
N ASN B 436 21.74 24.43 39.43
CA ASN B 436 20.92 25.51 38.93
C ASN B 436 19.44 25.14 39.01
N PRO B 437 18.84 25.24 40.21
CA PRO B 437 17.52 24.67 40.47
C PRO B 437 16.40 25.22 39.58
N GLU B 438 16.57 26.45 39.10
CA GLU B 438 15.55 27.11 38.29
C GLU B 438 15.57 26.67 36.82
N ARG B 439 16.73 26.82 36.17
CA ARG B 439 16.89 26.40 34.77
C ARG B 439 17.05 24.89 34.55
N CYS B 440 17.58 24.18 35.55
CA CYS B 440 18.01 22.78 35.40
C CYS B 440 17.32 21.77 36.34
N GLN B 441 16.62 20.80 35.75
CA GLN B 441 15.92 19.74 36.49
C GLN B 441 15.95 18.36 35.82
N TYR B 442 16.43 18.31 34.58
CA TYR B 442 16.54 17.05 33.85
C TYR B 442 17.99 16.80 33.47
N TYR B 443 18.67 15.97 34.25
CA TYR B 443 20.09 15.71 34.03
C TYR B 443 20.38 14.32 33.44
N SER B 444 21.50 14.22 32.73
CA SER B 444 22.08 12.95 32.28
C SER B 444 23.60 13.06 32.41
N VAL B 445 24.31 11.94 32.48
CA VAL B 445 25.75 12.00 32.81
C VAL B 445 26.67 11.16 31.90
N SER B 446 27.93 11.58 31.82
CA SER B 446 28.96 10.87 31.05
C SER B 446 30.26 10.87 31.85
N PHE B 447 30.61 9.71 32.42
CA PHE B 447 31.81 9.56 33.26
C PHE B 447 33.05 9.19 32.46
N SER B 448 34.22 9.60 32.94
CA SER B 448 35.49 9.25 32.29
C SER B 448 35.82 7.78 32.52
N LYS B 449 36.93 7.32 31.93
CA LYS B 449 37.24 5.88 31.85
C LYS B 449 37.53 5.21 33.21
N GLU B 450 37.69 6.01 34.26
CA GLU B 450 37.76 5.46 35.60
C GLU B 450 36.93 6.30 36.55
N ALA B 451 35.97 7.03 35.99
CA ALA B 451 35.04 7.88 36.74
C ALA B 451 35.70 9.06 37.48
N LYS B 452 36.84 9.51 36.99
CA LYS B 452 37.53 10.65 37.60
C LYS B 452 36.79 11.96 37.28
N TYR B 453 36.23 12.05 36.07
CA TYR B 453 35.47 13.23 35.65
C TYR B 453 34.12 12.85 35.08
N TYR B 454 33.16 13.78 35.16
CA TYR B 454 31.84 13.58 34.55
C TYR B 454 31.30 14.81 33.84
N GLN B 455 30.69 14.59 32.67
CA GLN B 455 29.99 15.66 31.95
C GLN B 455 28.51 15.61 32.30
N LEU B 456 27.95 16.76 32.68
CA LEU B 456 26.52 16.82 32.95
C LEU B 456 25.79 17.51 31.81
N ARG B 457 24.84 16.78 31.21
CA ARG B 457 23.90 17.36 30.25
C ARG B 457 22.64 17.78 31.00
N CYS B 458 22.33 19.06 30.94
CA CYS B 458 21.08 19.58 31.47
C CYS B 458 20.13 19.78 30.31
N SER B 459 18.94 19.20 30.40
CA SER B 459 18.04 19.13 29.24
C SER B 459 16.84 20.06 29.30
N GLY B 460 16.63 20.66 30.47
CA GLY B 460 15.49 21.55 30.70
C GLY B 460 15.25 21.75 32.17
N PRO B 461 14.20 22.53 32.55
CA PRO B 461 13.24 23.18 31.67
C PRO B 461 13.80 24.37 30.91
N GLY B 462 14.89 24.96 31.42
CA GLY B 462 15.58 26.04 30.71
C GLY B 462 16.35 25.52 29.52
N LEU B 463 17.15 26.38 28.89
CA LEU B 463 17.98 25.97 27.77
C LEU B 463 19.01 24.94 28.21
N PRO B 464 19.24 23.90 27.38
CA PRO B 464 20.30 22.93 27.65
C PRO B 464 21.62 23.55 28.09
N LEU B 465 22.17 23.00 29.17
CA LEU B 465 23.44 23.44 29.71
C LEU B 465 24.38 22.23 29.82
N TYR B 466 25.62 22.43 29.41
CA TYR B 466 26.60 21.36 29.46
C TYR B 466 27.80 21.77 30.29
N THR B 467 28.07 21.02 31.36
CA THR B 467 29.19 21.34 32.26
C THR B 467 30.08 20.13 32.49
N LEU B 468 31.29 20.40 33.00
CA LEU B 468 32.27 19.37 33.32
C LEU B 468 32.67 19.49 34.78
N HIS B 469 32.79 18.34 35.46
CA HIS B 469 33.16 18.29 36.88
C HIS B 469 34.18 17.18 37.14
N SER B 470 34.93 17.31 38.24
CA SER B 470 35.83 16.27 38.70
C SER B 470 35.22 15.60 39.91
N SER B 471 35.05 14.29 39.85
CA SER B 471 34.34 13.54 40.89
C SER B 471 35.11 13.33 42.20
N VAL B 472 36.38 13.70 42.23
CA VAL B 472 37.18 13.65 43.46
C VAL B 472 36.56 14.56 44.55
N ASN B 473 36.14 15.75 44.14
CA ASN B 473 35.54 16.73 45.05
C ASN B 473 34.25 17.30 44.48
N ASP B 474 33.81 16.68 43.38
CA ASP B 474 32.53 17.01 42.71
C ASP B 474 32.35 18.48 42.29
N LYS B 475 33.40 19.29 42.44
CA LYS B 475 33.37 20.70 42.03
C LYS B 475 33.27 20.89 40.51
N GLY B 476 32.62 21.96 40.09
CA GLY B 476 32.54 22.35 38.68
C GLY B 476 33.90 22.77 38.16
N LEU B 477 34.11 22.54 36.87
CA LEU B 477 35.37 22.90 36.23
C LEU B 477 35.19 23.99 35.18
N ARG B 478 34.23 23.82 34.28
CA ARG B 478 33.89 24.86 33.31
C ARG B 478 32.58 24.57 32.54
N VAL B 479 31.99 25.63 32.00
CA VAL B 479 30.81 25.55 31.15
C VAL B 479 31.24 25.17 29.74
N LEU B 480 30.76 24.03 29.26
CA LEU B 480 31.09 23.54 27.92
C LEU B 480 30.19 24.13 26.83
N GLU B 481 28.90 24.29 27.16
CA GLU B 481 27.90 24.86 26.27
C GLU B 481 26.69 25.35 27.06
N ASP B 482 26.33 26.62 26.86
CA ASP B 482 25.25 27.26 27.62
C ASP B 482 24.11 27.81 26.74
N ASN B 483 24.22 27.58 25.44
CA ASN B 483 23.21 27.98 24.45
C ASN B 483 22.80 29.47 24.50
N SER B 484 23.72 30.31 24.92
CA SER B 484 23.49 31.76 24.92
C SER B 484 23.25 32.31 23.51
N ALA B 485 23.85 31.68 22.51
CA ALA B 485 23.62 32.02 21.10
C ALA B 485 22.16 31.84 20.72
N LEU B 486 21.52 30.82 21.27
CA LEU B 486 20.09 30.56 21.08
C LEU B 486 19.25 31.50 21.92
N ASP B 487 19.66 31.68 23.18
CA ASP B 487 19.00 32.57 24.14
C ASP B 487 18.76 33.96 23.59
N LYS B 488 19.79 34.52 22.95
CA LYS B 488 19.74 35.85 22.37
C LYS B 488 18.66 35.94 21.30
N MET B 489 18.60 34.92 20.44
CA MET B 489 17.66 34.87 19.33
C MET B 489 16.21 34.68 19.78
N LEU B 490 16.02 33.99 20.90
CA LEU B 490 14.69 33.67 21.42
C LEU B 490 13.97 34.83 22.13
N GLN B 491 14.72 35.87 22.47
CA GLN B 491 14.12 37.06 23.07
C GLN B 491 13.30 37.83 22.04
N ASN B 492 13.68 37.68 20.78
CA ASN B 492 13.01 38.33 19.66
C ASN B 492 11.71 37.65 19.24
N VAL B 493 11.39 36.53 19.90
CA VAL B 493 10.24 35.72 19.53
C VAL B 493 9.30 35.42 20.71
N GLN B 494 8.01 35.62 20.48
CA GLN B 494 6.97 35.28 21.46
C GLN B 494 6.92 33.76 21.69
N MET B 495 7.55 33.31 22.77
CA MET B 495 7.62 31.87 23.05
C MET B 495 6.49 31.39 23.96
N PRO B 496 6.07 30.13 23.78
CA PRO B 496 5.09 29.54 24.70
C PRO B 496 5.72 29.08 26.00
N SER B 497 4.94 29.11 27.08
CA SER B 497 5.40 28.73 28.42
C SER B 497 5.03 27.26 28.71
N LYS B 498 5.61 26.68 29.76
CA LYS B 498 5.49 25.24 29.98
C LYS B 498 5.11 24.86 31.41
N LYS B 499 3.88 24.39 31.60
CA LYS B 499 3.37 24.03 32.92
C LYS B 499 3.39 22.52 33.15
N LEU B 500 4.22 22.10 34.09
CA LEU B 500 4.22 20.73 34.59
C LEU B 500 3.53 20.75 35.93
N ASP B 501 2.58 19.83 36.11
CA ASP B 501 1.85 19.73 37.37
C ASP B 501 1.16 18.37 37.46
N PHE B 502 0.51 18.11 38.60
CA PHE B 502 -0.25 16.88 38.77
C PHE B 502 -1.73 17.18 39.00
N ILE B 503 -2.54 16.12 39.01
CA ILE B 503 -3.93 16.17 39.46
C ILE B 503 -4.18 14.93 40.31
N ILE B 504 -5.27 14.92 41.08
CA ILE B 504 -5.58 13.77 41.92
C ILE B 504 -6.74 12.95 41.34
N LEU B 505 -6.45 11.70 40.97
CA LEU B 505 -7.47 10.73 40.62
C LEU B 505 -7.38 9.53 41.56
N ASN B 506 -8.51 9.13 42.14
CA ASN B 506 -8.54 8.03 43.09
C ASN B 506 -7.27 8.04 43.94
N GLU B 507 -7.03 9.18 44.58
CA GLU B 507 -5.98 9.33 45.61
C GLU B 507 -4.55 9.17 45.11
N THR B 508 -4.34 9.12 43.81
CA THR B 508 -3.00 9.05 43.27
C THR B 508 -2.71 10.32 42.48
N LYS B 509 -1.45 10.75 42.54
CA LYS B 509 -0.99 11.86 41.70
C LYS B 509 -0.85 11.36 40.26
N PHE B 510 -1.24 12.19 39.31
CA PHE B 510 -1.06 11.89 37.89
C PHE B 510 -0.62 13.17 37.19
N TRP B 511 0.57 13.13 36.63
CA TRP B 511 1.22 14.33 36.10
C TRP B 511 0.81 14.63 34.65
N TYR B 512 0.83 15.93 34.33
CA TYR B 512 0.47 16.42 33.01
C TYR B 512 1.36 17.61 32.72
N GLN B 513 1.59 17.87 31.43
CA GLN B 513 2.24 19.12 31.07
C GLN B 513 1.41 19.92 30.07
N MET B 514 1.59 21.23 30.06
CA MET B 514 0.93 22.07 29.07
C MET B 514 1.91 23.02 28.40
N ILE B 515 1.93 23.02 27.07
CA ILE B 515 2.60 24.07 26.31
C ILE B 515 1.61 25.22 26.10
N LEU B 516 1.71 26.24 26.95
CA LEU B 516 0.75 27.35 27.01
C LEU B 516 1.15 28.49 26.09
N PRO B 517 0.22 28.96 25.25
CA PRO B 517 0.44 30.01 24.27
C PRO B 517 1.02 31.28 24.90
N PRO B 518 1.76 32.09 24.10
CA PRO B 518 2.35 33.35 24.57
C PRO B 518 1.29 34.30 25.11
N HIS B 519 1.63 35.02 26.18
CA HIS B 519 0.70 35.93 26.86
C HIS B 519 -0.56 35.16 27.24
N PHE B 520 -0.39 34.08 28.00
CA PHE B 520 -1.52 33.21 28.31
C PHE B 520 -2.52 33.83 29.26
N ASP B 521 -3.79 33.75 28.89
CA ASP B 521 -4.88 34.41 29.62
C ASP B 521 -5.89 33.39 30.17
N LYS B 522 -5.80 33.09 31.47
CA LYS B 522 -6.58 31.99 32.04
C LYS B 522 -8.09 32.25 32.09
N SER B 523 -8.50 33.47 31.76
CA SER B 523 -9.92 33.82 31.70
C SER B 523 -10.49 33.65 30.29
N LYS B 524 -9.62 33.52 29.30
CA LYS B 524 -10.03 33.32 27.93
C LYS B 524 -10.24 31.83 27.71
N LYS B 525 -10.87 31.46 26.59
CA LYS B 525 -11.14 30.04 26.23
C LYS B 525 -10.31 29.51 25.02
N TYR B 526 -9.38 28.62 25.29
CA TYR B 526 -8.46 28.13 24.25
C TYR B 526 -8.84 26.77 23.65
N PRO B 527 -8.43 26.52 22.38
CA PRO B 527 -8.47 25.18 21.78
C PRO B 527 -7.37 24.29 22.34
N LEU B 528 -7.69 23.03 22.61
CA LEU B 528 -6.73 22.10 23.21
C LEU B 528 -6.40 20.86 22.37
N LEU B 529 -5.12 20.67 22.09
CA LEU B 529 -4.64 19.44 21.46
C LEU B 529 -3.99 18.50 22.49
N LEU B 530 -4.64 17.37 22.72
CA LEU B 530 -4.06 16.36 23.59
C LEU B 530 -3.04 15.56 22.77
N ASP B 531 -1.78 15.59 23.24
CA ASP B 531 -0.69 14.84 22.62
C ASP B 531 -0.45 13.56 23.42
N VAL B 532 -0.73 12.42 22.78
CA VAL B 532 -0.77 11.14 23.49
C VAL B 532 0.31 10.16 23.04
N TYR B 533 0.98 9.55 24.01
CA TYR B 533 1.70 8.31 23.76
C TYR B 533 1.10 7.21 24.63
N ALA B 534 1.19 7.37 25.95
CA ALA B 534 0.51 6.53 26.94
C ALA B 534 0.71 5.01 26.78
N GLY B 535 1.92 4.60 26.41
CA GLY B 535 2.28 3.18 26.38
C GLY B 535 2.75 2.70 27.75
N PRO B 536 2.96 1.37 27.92
CA PRO B 536 3.45 0.85 29.20
C PRO B 536 4.82 1.44 29.50
N CYS B 537 4.96 1.97 30.72
CA CYS B 537 6.18 2.65 31.16
C CYS B 537 6.53 3.89 30.32
N SER B 538 5.52 4.58 29.81
CA SER B 538 5.73 5.86 29.11
C SER B 538 5.89 7.01 30.09
N GLN B 539 6.36 8.15 29.59
CA GLN B 539 6.38 9.40 30.34
C GLN B 539 6.43 10.63 29.41
N LYS B 540 5.26 11.23 29.17
CA LYS B 540 5.17 12.45 28.36
C LYS B 540 5.23 13.74 29.18
N ALA B 541 5.21 13.63 30.51
CA ALA B 541 5.27 14.82 31.34
C ALA B 541 6.61 14.91 32.03
N ASP B 542 7.48 15.72 31.45
CA ASP B 542 8.84 15.89 31.97
C ASP B 542 9.23 17.36 31.99
N THR B 543 10.47 17.62 32.40
CA THR B 543 11.00 18.97 32.53
C THR B 543 12.02 19.28 31.43
N VAL B 544 11.77 18.76 30.25
CA VAL B 544 12.71 18.90 29.15
C VAL B 544 12.33 20.06 28.25
N PHE B 545 13.27 20.98 28.02
CA PHE B 545 13.07 22.01 27.00
C PHE B 545 13.06 21.34 25.62
N ARG B 546 12.09 21.74 24.79
CA ARG B 546 11.94 21.21 23.44
C ARG B 546 11.48 22.26 22.44
N LEU B 547 11.94 22.12 21.20
CA LEU B 547 11.41 22.91 20.09
C LEU B 547 10.82 21.98 19.06
N ASN B 548 9.51 21.79 19.20
CA ASN B 548 8.75 20.96 18.28
C ASN B 548 7.48 21.65 17.77
N TRP B 549 6.63 20.85 17.15
CA TRP B 549 5.42 21.29 16.51
C TRP B 549 4.54 21.98 17.52
N ALA B 550 4.53 21.45 18.74
CA ALA B 550 3.70 22.00 19.82
C ALA B 550 4.08 23.45 20.11
N THR B 551 5.39 23.71 20.07
CA THR B 551 5.93 25.06 20.26
C THR B 551 5.24 25.99 19.27
N TYR B 552 5.31 25.65 17.99
CA TYR B 552 4.63 26.40 16.94
C TYR B 552 3.12 26.50 17.17
N LEU B 553 2.50 25.37 17.49
CA LEU B 553 1.06 25.31 17.64
C LEU B 553 0.56 26.32 18.68
N ALA B 554 1.25 26.38 19.81
CA ALA B 554 0.92 27.34 20.87
C ALA B 554 1.29 28.75 20.45
N SER B 555 2.51 28.90 19.94
CA SER B 555 3.12 30.20 19.65
C SER B 555 2.47 30.99 18.51
N THR B 556 2.15 30.30 17.43
CA THR B 556 1.58 30.94 16.26
C THR B 556 0.06 30.74 16.18
N GLU B 557 -0.44 29.62 16.68
CA GLU B 557 -1.84 29.29 16.46
C GLU B 557 -2.68 29.38 17.72
N ASN B 558 -2.04 29.72 18.84
CA ASN B 558 -2.71 29.79 20.14
C ASN B 558 -3.56 28.55 20.45
N ILE B 559 -2.91 27.39 20.42
CA ILE B 559 -3.55 26.15 20.81
C ILE B 559 -2.80 25.62 22.03
N ILE B 560 -3.52 25.28 23.10
CA ILE B 560 -2.88 24.63 24.24
C ILE B 560 -2.70 23.15 23.96
N VAL B 561 -1.44 22.72 23.78
CA VAL B 561 -1.14 21.30 23.66
C VAL B 561 -0.73 20.71 25.02
N ALA B 562 -1.33 19.58 25.38
CA ALA B 562 -1.11 18.96 26.68
C ALA B 562 -0.79 17.47 26.57
N SER B 563 -0.15 16.96 27.61
CA SER B 563 0.16 15.54 27.74
C SER B 563 -0.10 15.15 29.17
N PHE B 564 -0.45 13.87 29.39
CA PHE B 564 -0.86 13.40 30.70
C PHE B 564 -0.44 11.96 30.92
N ASP B 565 0.40 11.75 31.93
CA ASP B 565 0.85 10.40 32.23
C ASP B 565 -0.13 9.76 33.21
N GLY B 566 -0.98 8.89 32.67
CA GLY B 566 -1.96 8.17 33.47
C GLY B 566 -1.48 6.78 33.83
N ARG B 567 -2.42 5.89 34.14
CA ARG B 567 -2.12 4.50 34.47
C ARG B 567 -1.27 3.80 33.42
N GLY B 568 -0.33 2.99 33.88
CA GLY B 568 0.58 2.29 32.99
C GLY B 568 1.77 3.13 32.57
N SER B 569 1.83 4.39 33.00
CA SER B 569 3.02 5.22 32.77
C SER B 569 4.09 4.88 33.80
N GLY B 570 5.35 5.14 33.45
CA GLY B 570 6.46 4.63 34.25
C GLY B 570 7.01 5.55 35.31
N TYR B 571 8.08 5.08 35.97
CA TYR B 571 8.88 5.87 36.91
C TYR B 571 8.13 6.34 38.16
N GLN B 572 7.04 5.64 38.47
CA GLN B 572 6.18 5.98 39.60
C GLN B 572 5.84 4.74 40.44
N GLY B 573 6.52 3.63 40.16
CA GLY B 573 6.25 2.37 40.85
C GLY B 573 5.45 1.40 40.00
N ASP B 574 5.38 0.15 40.45
CA ASP B 574 4.68 -0.91 39.73
C ASP B 574 3.17 -0.70 39.76
N LYS B 575 2.64 -0.35 40.93
CA LYS B 575 1.23 -0.07 41.10
C LYS B 575 0.65 0.71 39.91
N ILE B 576 1.33 1.78 39.51
CA ILE B 576 0.88 2.56 38.39
C ILE B 576 1.23 1.85 37.07
N MET B 577 2.46 1.33 36.97
CA MET B 577 2.92 0.79 35.68
C MET B 577 2.29 -0.55 35.30
N HIS B 578 2.16 -1.46 36.28
CA HIS B 578 1.53 -2.76 36.05
C HIS B 578 -0.01 -2.73 35.97
N ALA B 579 -0.60 -1.55 36.16
CA ALA B 579 -2.05 -1.36 36.05
C ALA B 579 -2.63 -1.89 34.75
N ILE B 580 -1.95 -1.64 33.64
CA ILE B 580 -2.47 -2.12 32.35
C ILE B 580 -2.06 -3.56 31.99
N ASN B 581 -1.53 -4.31 32.95
CA ASN B 581 -1.04 -5.65 32.65
C ASN B 581 -2.16 -6.50 32.09
N ARG B 582 -1.87 -7.21 30.99
CA ARG B 582 -2.87 -8.02 30.25
C ARG B 582 -4.13 -7.26 29.80
N ARG B 583 -4.09 -5.93 29.87
CA ARG B 583 -5.28 -5.12 29.63
C ARG B 583 -4.95 -3.91 28.77
N LEU B 584 -4.03 -4.08 27.82
CA LEU B 584 -3.71 -3.00 26.89
C LEU B 584 -4.96 -2.50 26.17
N GLY B 585 -5.06 -1.18 26.01
CA GLY B 585 -6.21 -0.55 25.37
C GLY B 585 -7.40 -0.41 26.29
N THR B 586 -7.15 -0.19 27.58
CA THR B 586 -8.23 0.04 28.53
C THR B 586 -7.95 1.27 29.39
N PHE B 587 -7.41 1.05 30.59
CA PHE B 587 -7.22 2.11 31.58
C PHE B 587 -6.52 3.35 31.02
N GLU B 588 -5.44 3.13 30.27
CA GLU B 588 -4.62 4.23 29.74
C GLU B 588 -5.36 5.04 28.70
N VAL B 589 -6.32 4.40 28.02
CA VAL B 589 -7.21 5.06 27.07
C VAL B 589 -8.20 5.92 27.85
N GLU B 590 -8.91 5.29 28.80
CA GLU B 590 -9.89 6.01 29.62
C GLU B 590 -9.22 7.17 30.34
N ASP B 591 -7.98 6.96 30.77
CA ASP B 591 -7.23 7.97 31.51
C ASP B 591 -6.90 9.18 30.66
N GLN B 592 -6.80 8.99 29.35
CA GLN B 592 -6.58 10.09 28.41
C GLN B 592 -7.85 10.92 28.26
N ILE B 593 -8.98 10.24 28.10
CA ILE B 593 -10.29 10.90 28.05
C ILE B 593 -10.51 11.69 29.35
N GLU B 594 -10.28 11.04 30.47
CA GLU B 594 -10.44 11.64 31.79
C GLU B 594 -9.53 12.85 31.97
N ALA B 595 -8.34 12.78 31.37
CA ALA B 595 -7.37 13.89 31.38
C ALA B 595 -7.95 15.15 30.74
N ALA B 596 -8.50 15.01 29.54
CA ALA B 596 -9.15 16.11 28.83
C ALA B 596 -10.33 16.65 29.64
N ARG B 597 -11.13 15.74 30.17
CA ARG B 597 -12.25 16.10 31.03
C ARG B 597 -11.79 16.96 32.21
N GLN B 598 -10.63 16.63 32.77
CA GLN B 598 -10.05 17.43 33.83
C GLN B 598 -9.58 18.76 33.31
N PHE B 599 -9.01 18.77 32.10
CA PHE B 599 -8.47 20.00 31.53
C PHE B 599 -9.55 21.01 31.17
N SER B 600 -10.70 20.52 30.71
CA SER B 600 -11.81 21.41 30.38
C SER B 600 -12.51 21.91 31.63
N LYS B 601 -12.32 21.19 32.74
CA LYS B 601 -12.80 21.64 34.05
C LYS B 601 -11.78 22.53 34.75
N MET B 602 -10.76 22.94 34.02
CA MET B 602 -9.83 23.97 34.48
C MET B 602 -10.31 25.33 34.00
N GLY B 603 -11.24 25.33 33.06
CA GLY B 603 -11.96 26.55 32.67
C GLY B 603 -11.33 27.47 31.64
N PHE B 604 -10.11 27.16 31.19
CA PHE B 604 -9.47 27.94 30.12
C PHE B 604 -9.45 27.18 28.79
N VAL B 605 -10.38 26.23 28.67
CA VAL B 605 -10.42 25.31 27.54
C VAL B 605 -11.78 25.35 26.84
N ASP B 606 -11.77 25.64 25.54
CA ASP B 606 -12.98 25.62 24.73
C ASP B 606 -13.33 24.16 24.48
N ASN B 607 -14.14 23.59 25.36
CA ASN B 607 -14.47 22.16 25.27
C ASN B 607 -15.20 21.74 23.97
N LYS B 608 -15.53 22.70 23.11
CA LYS B 608 -16.05 22.40 21.78
C LYS B 608 -14.93 22.13 20.77
N ARG B 609 -13.71 22.54 21.11
CA ARG B 609 -12.57 22.35 20.23
C ARG B 609 -11.43 21.64 20.96
N ILE B 610 -11.64 20.36 21.26
CA ILE B 610 -10.61 19.51 21.85
C ILE B 610 -10.25 18.42 20.84
N ALA B 611 -8.94 18.28 20.59
CA ALA B 611 -8.42 17.24 19.68
C ALA B 611 -7.37 16.33 20.33
N ILE B 612 -7.25 15.12 19.80
CA ILE B 612 -6.25 14.15 20.26
C ILE B 612 -5.36 13.67 19.11
N TRP B 613 -4.06 13.53 19.36
CA TRP B 613 -3.15 12.95 18.37
C TRP B 613 -1.98 12.18 18.98
N GLY B 614 -1.52 11.18 18.24
CA GLY B 614 -0.45 10.33 18.71
C GLY B 614 0.22 9.57 17.59
N TRP B 615 1.41 9.01 17.90
CA TRP B 615 2.20 8.24 16.95
C TRP B 615 2.46 6.88 17.56
N SER B 616 2.42 5.83 16.74
CA SER B 616 2.64 4.47 17.21
C SER B 616 1.61 3.99 18.23
N TYR B 617 2.04 3.87 19.48
CA TYR B 617 1.15 3.46 20.54
C TYR B 617 0.18 4.61 20.72
N GLY B 618 0.72 5.82 20.75
CA GLY B 618 -0.11 7.03 20.74
C GLY B 618 -1.14 7.01 19.62
N GLY B 619 -0.72 6.61 18.43
CA GLY B 619 -1.60 6.48 17.29
C GLY B 619 -2.76 5.58 17.65
N TYR B 620 -2.46 4.47 18.32
CA TYR B 620 -3.45 3.51 18.77
C TYR B 620 -4.40 4.16 19.78
N VAL B 621 -3.88 4.60 20.93
CA VAL B 621 -4.65 5.32 21.95
C VAL B 621 -5.54 6.41 21.34
N THR B 622 -4.96 7.19 20.42
CA THR B 622 -5.68 8.23 19.72
C THR B 622 -6.89 7.64 19.06
N SER B 623 -6.71 6.49 18.40
CA SER B 623 -7.80 5.85 17.67
C SER B 623 -8.83 5.20 18.60
N MET B 624 -8.35 4.58 19.68
CA MET B 624 -9.24 3.98 20.67
C MET B 624 -10.11 5.01 21.38
N VAL B 625 -9.55 6.20 21.59
CA VAL B 625 -10.26 7.32 22.20
C VAL B 625 -11.30 7.91 21.24
N LEU B 626 -10.89 8.22 20.01
CA LEU B 626 -11.82 8.71 18.99
C LEU B 626 -12.95 7.72 18.73
N GLY B 627 -12.66 6.44 18.92
CA GLY B 627 -13.69 5.41 18.78
C GLY B 627 -14.40 5.07 20.07
N SER B 628 -14.15 5.82 21.14
CA SER B 628 -14.71 5.51 22.44
C SER B 628 -16.18 5.89 22.57
N GLY B 629 -16.57 6.96 21.88
CA GLY B 629 -17.92 7.53 21.97
C GLY B 629 -18.15 8.45 23.16
N SER B 630 -17.05 8.90 23.78
CA SER B 630 -17.11 9.79 24.94
C SER B 630 -17.72 11.13 24.60
N GLY B 631 -17.60 11.55 23.34
CA GLY B 631 -18.13 12.82 22.90
C GLY B 631 -17.26 14.03 23.22
N VAL B 632 -16.21 13.80 24.01
CA VAL B 632 -15.28 14.86 24.47
C VAL B 632 -14.42 15.45 23.34
N PHE B 633 -14.11 14.64 22.33
CA PHE B 633 -13.13 14.99 21.33
C PHE B 633 -13.74 15.28 19.97
N LYS B 634 -13.36 16.42 19.41
CA LYS B 634 -13.88 16.85 18.11
C LYS B 634 -13.24 16.11 16.96
N CYS B 635 -11.92 16.04 16.97
CA CYS B 635 -11.17 15.36 15.93
C CYS B 635 -9.85 14.87 16.47
N GLY B 636 -9.07 14.20 15.62
CA GLY B 636 -7.77 13.67 16.04
C GLY B 636 -6.99 12.98 14.93
N ILE B 637 -5.67 12.87 15.13
CA ILE B 637 -4.81 12.28 14.12
C ILE B 637 -4.06 11.07 14.69
N ALA B 638 -4.09 9.96 13.95
CA ALA B 638 -3.33 8.77 14.30
C ALA B 638 -2.26 8.55 13.25
N VAL B 639 -1.00 8.61 13.66
CA VAL B 639 0.10 8.32 12.73
C VAL B 639 0.65 6.96 13.08
N ALA B 640 0.85 6.13 12.05
CA ALA B 640 1.35 4.78 12.19
C ALA B 640 0.81 4.04 13.42
N PRO B 641 -0.52 3.86 13.51
CA PRO B 641 -1.09 3.25 14.72
C PRO B 641 -1.09 1.73 14.70
N VAL B 642 -0.84 1.11 15.84
CA VAL B 642 -1.24 -0.30 15.99
C VAL B 642 -2.78 -0.34 16.03
N SER B 643 -3.38 -1.32 15.36
CA SER B 643 -4.84 -1.40 15.31
C SER B 643 -5.41 -2.62 16.03
N ARG B 644 -4.65 -3.71 16.06
CA ARG B 644 -4.92 -4.81 16.96
C ARG B 644 -3.63 -5.53 17.28
N TRP B 645 -3.52 -6.07 18.48
CA TRP B 645 -2.23 -6.54 18.99
C TRP B 645 -1.67 -7.79 18.34
N GLU B 646 -2.55 -8.58 17.75
CA GLU B 646 -2.15 -9.76 17.02
C GLU B 646 -1.22 -9.39 15.86
N TYR B 647 -1.35 -8.16 15.35
CA TYR B 647 -0.51 -7.65 14.25
C TYR B 647 0.87 -7.11 14.65
N TYR B 648 1.14 -6.97 15.94
CA TYR B 648 2.42 -6.39 16.33
C TYR B 648 3.43 -7.45 16.75
N ASP B 649 4.72 -7.12 16.67
CA ASP B 649 5.81 -8.07 17.01
C ASP B 649 5.65 -8.75 18.37
N SER B 650 6.09 -9.99 18.47
CA SER B 650 5.71 -10.84 19.61
C SER B 650 6.26 -10.40 20.99
N VAL B 651 7.54 -10.02 21.02
CA VAL B 651 8.23 -9.72 22.27
C VAL B 651 7.60 -8.52 22.97
N TYR B 652 7.23 -7.50 22.20
CA TYR B 652 6.62 -6.31 22.81
C TYR B 652 5.21 -6.62 23.27
N THR B 653 4.42 -7.13 22.34
CA THR B 653 3.03 -7.46 22.59
C THR B 653 2.92 -8.40 23.79
N GLU B 654 3.42 -9.63 23.64
CA GLU B 654 3.27 -10.64 24.67
C GLU B 654 3.80 -10.22 26.03
N ARG B 655 4.68 -9.22 26.04
CA ARG B 655 5.23 -8.70 27.30
C ARG B 655 4.11 -8.12 28.16
N TYR B 656 3.18 -7.44 27.49
CA TYR B 656 2.08 -6.81 28.18
C TYR B 656 0.75 -7.57 28.02
N MET B 657 0.67 -8.42 26.99
CA MET B 657 -0.58 -9.10 26.61
C MET B 657 -0.66 -10.64 26.76
N GLY B 658 0.46 -11.31 27.02
CA GLY B 658 0.50 -12.77 26.98
C GLY B 658 0.25 -13.29 25.58
N LEU B 659 -0.37 -14.47 25.47
CA LEU B 659 -0.63 -15.08 24.17
C LEU B 659 -2.09 -14.95 23.70
N PRO B 660 -2.29 -14.73 22.38
CA PRO B 660 -3.62 -14.70 21.78
C PRO B 660 -4.23 -16.09 21.61
N THR B 661 -4.34 -16.85 22.70
CA THR B 661 -4.89 -18.21 22.65
C THR B 661 -6.06 -18.35 23.61
N PRO B 662 -6.99 -19.30 23.34
CA PRO B 662 -8.15 -19.47 24.22
C PRO B 662 -7.74 -19.70 25.66
N GLU B 663 -6.58 -20.31 25.86
CA GLU B 663 -6.09 -20.61 27.21
C GLU B 663 -5.35 -19.45 27.88
N ASP B 664 -4.98 -18.43 27.12
CA ASP B 664 -4.28 -17.29 27.70
C ASP B 664 -5.12 -16.01 27.73
N ASN B 665 -5.15 -15.26 26.63
CA ASN B 665 -5.74 -13.93 26.65
C ASN B 665 -6.37 -13.50 25.32
N LEU B 666 -6.64 -14.47 24.45
CA LEU B 666 -7.28 -14.21 23.15
C LEU B 666 -8.50 -13.29 23.28
N ASP B 667 -9.26 -13.45 24.37
CA ASP B 667 -10.45 -12.66 24.60
C ASP B 667 -10.19 -11.17 24.61
N HIS B 668 -9.17 -10.73 25.36
CA HIS B 668 -8.80 -9.30 25.37
C HIS B 668 -7.95 -8.84 24.15
N TYR B 669 -7.32 -9.77 23.44
CA TYR B 669 -6.79 -9.46 22.12
C TYR B 669 -7.96 -9.09 21.22
N ARG B 670 -8.99 -9.94 21.23
CA ARG B 670 -10.18 -9.78 20.40
C ARG B 670 -10.96 -8.52 20.79
N ASN B 671 -10.97 -8.23 22.09
CA ASN B 671 -11.84 -7.23 22.70
C ASN B 671 -11.26 -5.81 22.68
N SER B 672 -10.07 -5.61 22.11
CA SER B 672 -9.36 -4.33 22.24
C SER B 672 -8.75 -3.79 20.95
N THR B 673 -9.44 -4.03 19.84
CA THR B 673 -9.00 -3.61 18.52
C THR B 673 -9.69 -2.29 18.16
N VAL B 674 -9.10 -1.48 17.27
CA VAL B 674 -9.79 -0.24 16.90
C VAL B 674 -10.87 -0.53 15.86
N MET B 675 -10.66 -1.58 15.06
CA MET B 675 -11.65 -1.98 14.04
C MET B 675 -13.03 -2.20 14.67
N SER B 676 -13.04 -2.75 15.88
CA SER B 676 -14.30 -3.04 16.56
C SER B 676 -15.03 -1.78 16.98
N ARG B 677 -14.32 -0.65 17.01
CA ARG B 677 -14.90 0.63 17.46
C ARG B 677 -15.25 1.55 16.32
N ALA B 678 -15.16 1.02 15.11
CA ALA B 678 -15.39 1.78 13.89
C ALA B 678 -16.72 2.57 13.85
N GLU B 679 -17.78 2.03 14.44
CA GLU B 679 -19.08 2.72 14.41
C GLU B 679 -19.00 4.12 15.03
N ASN B 680 -18.37 4.23 16.18
CA ASN B 680 -18.31 5.48 16.92
C ASN B 680 -17.52 6.59 16.24
N PHE B 681 -16.76 6.25 15.21
CA PHE B 681 -15.95 7.23 14.47
C PHE B 681 -16.83 8.21 13.71
N LYS B 682 -18.11 7.88 13.56
CA LYS B 682 -19.11 8.77 12.94
C LYS B 682 -19.20 10.09 13.67
N GLN B 683 -18.90 10.07 14.95
CA GLN B 683 -19.00 11.24 15.81
C GLN B 683 -17.80 12.18 15.68
N VAL B 684 -16.69 11.70 15.11
CA VAL B 684 -15.47 12.51 15.07
C VAL B 684 -14.94 12.75 13.66
N GLU B 685 -13.93 13.62 13.56
CA GLU B 685 -13.20 13.78 12.32
C GLU B 685 -11.82 13.18 12.48
N TYR B 686 -11.31 12.52 11.45
CA TYR B 686 -10.21 11.60 11.65
C TYR B 686 -9.20 11.62 10.51
N LEU B 687 -7.94 11.84 10.86
CA LEU B 687 -6.85 11.72 9.91
C LEU B 687 -5.95 10.55 10.34
N LEU B 688 -5.83 9.58 9.45
CA LEU B 688 -5.00 8.40 9.63
C LEU B 688 -3.83 8.49 8.66
N ILE B 689 -2.61 8.40 9.19
CA ILE B 689 -1.42 8.46 8.34
C ILE B 689 -0.48 7.25 8.53
N HIS B 690 -0.08 6.61 7.44
CA HIS B 690 0.87 5.49 7.52
C HIS B 690 1.88 5.53 6.38
N GLY B 691 3.15 5.27 6.73
CA GLY B 691 4.23 5.11 5.74
C GLY B 691 4.10 3.71 5.17
N THR B 692 4.06 3.62 3.85
CA THR B 692 3.78 2.33 3.23
C THR B 692 4.88 1.28 3.44
N ALA B 693 6.10 1.73 3.75
CA ALA B 693 7.25 0.85 3.86
C ALA B 693 7.68 0.67 5.31
N ASP B 694 6.76 0.95 6.21
CA ASP B 694 6.94 0.75 7.65
C ASP B 694 7.12 -0.73 8.03
N ASP B 695 8.33 -1.09 8.46
CA ASP B 695 8.61 -2.47 8.88
C ASP B 695 8.25 -2.74 10.34
N ASN B 696 8.11 -1.68 11.14
CA ASN B 696 7.80 -1.80 12.55
C ASN B 696 6.30 -2.04 12.80
N VAL B 697 5.52 -0.96 12.71
CA VAL B 697 4.06 -1.00 12.75
C VAL B 697 3.63 -1.12 11.29
N HIS B 698 3.16 -2.28 10.91
CA HIS B 698 2.93 -2.54 9.49
C HIS B 698 1.75 -1.76 8.88
N PHE B 699 1.90 -1.35 7.62
CA PHE B 699 0.83 -0.61 6.91
C PHE B 699 -0.50 -1.34 7.07
N GLN B 700 -0.41 -2.67 7.07
CA GLN B 700 -1.49 -3.61 7.33
C GLN B 700 -2.40 -3.10 8.43
N GLN B 701 -1.81 -2.64 9.52
CA GLN B 701 -2.58 -2.12 10.65
C GLN B 701 -3.55 -0.98 10.26
N SER B 702 -3.05 0.09 9.68
CA SER B 702 -3.90 1.16 9.21
C SER B 702 -4.81 0.76 8.05
N ALA B 703 -4.37 -0.21 7.26
CA ALA B 703 -5.19 -0.69 6.14
C ALA B 703 -6.39 -1.43 6.68
N GLN B 704 -6.23 -2.09 7.82
CA GLN B 704 -7.33 -2.83 8.42
C GLN B 704 -8.30 -1.87 9.11
N ILE B 705 -7.78 -0.77 9.65
CA ILE B 705 -8.61 0.32 10.19
C ILE B 705 -9.42 0.94 9.06
N SER B 706 -8.72 1.40 8.04
CA SER B 706 -9.39 2.15 6.98
C SER B 706 -10.55 1.33 6.41
N LYS B 707 -10.36 0.02 6.31
CA LYS B 707 -11.38 -0.90 5.82
C LYS B 707 -12.60 -0.90 6.74
N ALA B 708 -12.34 -1.08 8.04
CA ALA B 708 -13.41 -1.17 9.05
C ALA B 708 -14.34 0.02 8.98
N LEU B 709 -13.75 1.20 8.77
CA LEU B 709 -14.49 2.45 8.67
C LEU B 709 -15.30 2.52 7.38
N VAL B 710 -14.67 2.21 6.26
CA VAL B 710 -15.35 2.17 4.96
C VAL B 710 -16.59 1.26 5.02
N ASP B 711 -16.45 0.17 5.77
CA ASP B 711 -17.50 -0.83 5.91
C ASP B 711 -18.76 -0.34 6.62
N VAL B 712 -18.57 0.45 7.68
CA VAL B 712 -19.68 0.97 8.47
C VAL B 712 -20.06 2.39 8.04
N GLY B 713 -19.54 2.83 6.90
CA GLY B 713 -19.90 4.11 6.30
C GLY B 713 -19.37 5.37 6.95
N VAL B 714 -18.32 5.25 7.76
CA VAL B 714 -17.69 6.44 8.35
C VAL B 714 -16.74 7.09 7.34
N ASP B 715 -16.87 8.40 7.17
CA ASP B 715 -15.91 9.16 6.38
C ASP B 715 -14.74 9.60 7.24
N PHE B 716 -13.54 9.59 6.66
CA PHE B 716 -12.33 10.01 7.35
C PHE B 716 -11.34 10.54 6.32
N GLN B 717 -10.12 10.78 6.78
CA GLN B 717 -9.05 11.25 5.92
C GLN B 717 -7.88 10.28 6.01
N ALA B 718 -7.29 9.93 4.86
CA ALA B 718 -6.08 9.11 4.85
C ALA B 718 -4.95 9.83 4.13
N MET B 719 -3.73 9.50 4.51
CA MET B 719 -2.56 9.96 3.80
C MET B 719 -1.64 8.79 3.98
N TRP B 720 -1.30 8.11 2.88
CA TRP B 720 -0.23 7.12 2.87
C TRP B 720 1.07 7.85 2.56
N TYR B 721 2.20 7.30 3.00
CA TYR B 721 3.51 7.88 2.65
C TYR B 721 4.47 6.92 1.92
N THR B 722 4.52 7.03 0.58
CA THR B 722 5.26 6.08 -0.28
C THR B 722 6.66 5.86 0.24
N ASP B 723 7.00 4.61 0.50
CA ASP B 723 8.36 4.21 0.90
C ASP B 723 8.88 4.83 2.18
N GLU B 724 8.08 5.66 2.83
CA GLU B 724 8.42 6.12 4.16
C GLU B 724 8.31 4.98 5.14
N ASP B 725 9.16 4.97 6.15
CA ASP B 725 9.06 3.92 7.09
C ASP B 725 8.34 4.40 8.34
N HIS B 726 8.73 3.88 9.50
CA HIS B 726 7.98 4.11 10.71
C HIS B 726 8.21 5.47 11.31
N GLY B 727 9.31 6.09 10.89
CA GLY B 727 9.67 7.41 11.38
C GLY B 727 9.10 8.52 10.53
N ILE B 728 8.70 8.19 9.31
CA ILE B 728 8.33 9.18 8.29
C ILE B 728 9.30 10.35 8.44
N ALA B 729 10.58 10.06 8.52
CA ALA B 729 11.54 11.09 8.85
C ALA B 729 12.41 11.52 7.67
N SER B 730 11.97 11.17 6.45
CA SER B 730 12.58 11.75 5.27
C SER B 730 12.66 13.24 5.50
N SER B 731 13.71 13.85 4.97
CA SER B 731 13.79 15.32 4.97
C SER B 731 12.45 15.91 4.49
N THR B 732 12.00 15.50 3.31
CA THR B 732 10.81 16.08 2.69
C THR B 732 9.51 15.55 3.30
N ALA B 733 9.47 14.28 3.69
CA ALA B 733 8.22 13.76 4.25
C ALA B 733 7.95 14.37 5.62
N HIS B 734 9.00 14.51 6.42
CA HIS B 734 8.88 15.16 7.70
C HIS B 734 8.19 16.51 7.58
N GLN B 735 8.57 17.28 6.57
CA GLN B 735 8.03 18.61 6.40
C GLN B 735 6.58 18.44 6.02
N HIS B 736 6.36 17.63 5.00
CA HIS B 736 5.03 17.44 4.42
C HIS B 736 4.01 16.89 5.41
N ILE B 737 4.39 15.94 6.26
CA ILE B 737 3.43 15.37 7.17
C ILE B 737 2.96 16.40 8.19
N TYR B 738 3.88 17.24 8.69
CA TYR B 738 3.53 18.23 9.71
C TYR B 738 2.76 19.39 9.10
N THR B 739 3.04 19.70 7.84
CA THR B 739 2.27 20.71 7.15
C THR B 739 0.84 20.19 7.04
N HIS B 740 0.69 19.00 6.49
CA HIS B 740 -0.61 18.34 6.34
C HIS B 740 -1.43 18.27 7.63
N MET B 741 -0.77 18.02 8.75
CA MET B 741 -1.47 17.90 10.02
C MET B 741 -1.91 19.27 10.52
N SER B 742 -1.05 20.26 10.35
CA SER B 742 -1.34 21.63 10.76
C SER B 742 -2.57 22.14 10.03
N HIS B 743 -2.63 21.93 8.72
CA HIS B 743 -3.83 22.27 7.96
C HIS B 743 -5.04 21.55 8.54
N PHE B 744 -4.93 20.25 8.80
CA PHE B 744 -6.02 19.48 9.40
C PHE B 744 -6.49 20.03 10.75
N ILE B 745 -5.53 20.33 11.62
CA ILE B 745 -5.82 20.86 12.95
C ILE B 745 -6.40 22.27 12.93
N LYS B 746 -5.86 23.13 12.06
CA LYS B 746 -6.34 24.50 11.94
C LYS B 746 -7.78 24.52 11.49
N GLN B 747 -8.07 23.75 10.46
CA GLN B 747 -9.41 23.66 9.92
C GLN B 747 -10.43 23.03 10.89
N CYS B 748 -10.03 21.97 11.59
CA CYS B 748 -10.89 21.34 12.59
C CYS B 748 -11.16 22.29 13.77
N PHE B 749 -10.26 23.25 14.00
CA PHE B 749 -10.45 24.27 15.05
C PHE B 749 -10.99 25.60 14.52
N SER B 750 -11.20 25.67 13.21
CA SER B 750 -11.75 26.83 12.52
C SER B 750 -10.80 28.02 12.54
N LEU B 751 -9.51 27.74 12.56
CA LEU B 751 -8.48 28.77 12.52
C LEU B 751 -8.02 29.05 11.09
N PRO B 752 -8.13 30.32 10.65
CA PRO B 752 -7.76 30.71 9.29
C PRO B 752 -6.36 31.32 9.19
O23 CJP C . -10.97 2.52 -18.27
S20 CJP C . -11.90 1.69 -19.01
O22 CJP C . -12.38 2.50 -20.12
C21 CJP C . -13.17 1.34 -17.98
N9 CJP C . -11.20 0.34 -19.60
C4 CJP C . -11.93 -0.75 -19.99
C5 CJP C . -13.28 -1.10 -20.04
C6 CJP C . -13.67 -2.35 -20.52
C1 CJP C . -12.73 -3.28 -20.96
C8 CJP C . -9.86 0.20 -19.76
C7 CJP C . -9.61 -1.14 -20.30
C16 CJP C . -8.26 -1.72 -20.61
N17 CJP C . -8.03 -1.67 -22.04
C3 CJP C . -10.95 -1.76 -20.46
C2 CJP C . -11.36 -3.00 -20.94
C10 CJP C . -8.72 1.10 -19.47
C15 CJP C . -8.05 1.76 -20.48
C14 CJP C . -6.98 2.56 -20.16
C13 CJP C . -6.56 2.69 -18.84
CL1 CJP C . -5.16 3.71 -18.46
C12 CJP C . -7.18 2.03 -17.79
C11 CJP C . -8.25 1.22 -18.08
CL2 CJP C . -9.13 0.34 -16.79
O23 CJP D . 7.17 4.35 19.83
S20 CJP D . 8.50 4.50 20.41
O22 CJP D . 8.32 4.94 21.77
C21 CJP D . 9.28 5.71 19.55
N9 CJP D . 9.32 3.11 20.36
C4 CJP D . 10.67 3.07 20.48
C5 CJP D . 11.71 3.99 20.66
C6 CJP D . 13.03 3.54 20.74
C1 CJP D . 13.36 2.19 20.65
C8 CJP D . 8.73 1.91 20.22
C7 CJP D . 9.80 0.88 20.22
C16 CJP D . 9.60 -0.60 20.08
N17 CJP D . 9.64 -1.20 21.39
C3 CJP D . 11.06 1.63 20.40
C2 CJP D . 12.38 1.22 20.48
C10 CJP D . 7.31 1.50 20.04
C15 CJP D . 6.59 0.93 21.08
C14 CJP D . 5.29 0.53 20.82
C13 CJP D . 4.72 0.69 19.56
CL1 CJP D . 3.04 0.17 19.30
C12 CJP D . 5.40 1.24 18.50
C11 CJP D . 6.71 1.65 18.69
CL2 CJP D . 7.67 2.38 17.35
#